data_1ZFT
# 
_entry.id   1ZFT 
# 
_audit_conform.dict_name       mmcif_pdbx.dic 
_audit_conform.dict_version    5.376 
_audit_conform.dict_location   http://mmcif.pdb.org/dictionaries/ascii/mmcif_pdbx.dic 
# 
loop_
_database_2.database_id 
_database_2.database_code 
_database_2.pdbx_database_accession 
_database_2.pdbx_DOI 
PDB   1ZFT         pdb_00001zft 10.2210/pdb1zft/pdb 
NDB   UR0060       ?            ?                   
RCSB  RCSB032668   ?            ?                   
WWPDB D_1000032668 ?            ?                   
# 
loop_
_pdbx_database_related.db_name 
_pdbx_database_related.db_id 
_pdbx_database_related.details 
_pdbx_database_related.content_type 
PDB 1X9C 'The crystal structure of an all-RNA minimal Hairpin Ribozyme  (G8, U39C, low salt conditions)'  unspecified 
PDB 1X9K 'The crystal structure of an all-RNA minimal Hairpin Ribozyme  (G8, U39C, high salt conditions)' unspecified 
PDB 1ZFR 'An all-RNA Hairpin Ribozyme with mutation U39C and 2MA at A-1(low salt)'                        unspecified 
PDB 1ZFV 
;An all-RNA Hairpin Ribozyme with mutations G8A, U39C and 2'-OH at A-1 (low salt)
;
unspecified 
PDB 1ZFX 'All-RNA Hairpin Ribozyme with mutations G8U and U39C (low salt)'                                unspecified 
# 
_pdbx_database_status.status_code                     REL 
_pdbx_database_status.entry_id                        1ZFT 
_pdbx_database_status.recvd_initial_deposition_date   2005-04-20 
_pdbx_database_status.deposit_site                    RCSB 
_pdbx_database_status.process_site                    RCSB 
_pdbx_database_status.status_code_sf                  REL 
_pdbx_database_status.status_code_mr                  ? 
_pdbx_database_status.SG_entry                        N 
_pdbx_database_status.pdb_format_compatible           Y 
_pdbx_database_status.status_code_cs                  ? 
_pdbx_database_status.status_code_nmr_data            ? 
_pdbx_database_status.methods_development_category    ? 
# 
_audit_author.name           'Wedekind, J.E.' 
_audit_author.pdbx_ordinal   1 
# 
loop_
_citation.id 
_citation.title 
_citation.journal_abbrev 
_citation.journal_volume 
_citation.page_first 
_citation.page_last 
_citation.year 
_citation.journal_id_ASTM 
_citation.country 
_citation.journal_id_ISSN 
_citation.journal_id_CSD 
_citation.book_publisher 
_citation.pdbx_database_id_PubMed 
_citation.pdbx_database_id_DOI 
primary 
'Water in the Active Site of an All-RNA Hairpin Ribozyme and Effects of Gua8 Base Variants on the Geometry of Phosphoryl Transfer.' 
Biochemistry               45 686  700  2006 BICHAW US 0006-2960 0033 ? 16411744 10.1021/bi051887k 
1       'Crystallization and x-ray diffraction analysis of an all-RNA U39C mutant of the minimal hairpin ribozyme' 
'Acta Crystallogr.,Sect.D' 59 142  145  2003 ABCRE6 DK 0907-4449 0766 ? ?        ?                 
2       'Functional involvement of G8 in the hairpin ribozyme cleavage mechanism' 'Embo J.'                  20 6434 6442 2001 
EMJODG UK 0261-4189 0897 ? ?        ?                 
# 
loop_
_citation_author.citation_id 
_citation_author.name 
_citation_author.ordinal 
_citation_author.identifier_ORCID 
primary 'Salter, J.'      1  ? 
primary 'Krucinska, J.'   2  ? 
primary 'Alam, S.'        3  ? 
primary 'Grum-Tokars, V.' 4  ? 
primary 'Wedekind, J.E.'  5  ? 
1       'Grum-Tokars, V.' 6  ? 
1       'Milovanovic, M.' 7  ? 
1       'Wedekind, J.E.'  8  ? 
2       'Pinard, R.'      9  ? 
2       'Hampel, K.J.'    10 ? 
2       'Heckman, J.E.'   11 ? 
2       'Lambert, D.'     12 ? 
2       'Chan, P.A.'      13 ? 
2       'Major, F.'       14 ? 
2       'Burke, J.M.'     15 ? 
# 
_cell.entry_id           1ZFT 
_cell.length_a           93.400 
_cell.length_b           93.400 
_cell.length_c           131.500 
_cell.angle_alpha        90.00 
_cell.angle_beta         90.00 
_cell.angle_gamma        120.00 
_cell.Z_PDB              12 
_cell.pdbx_unique_axis   ? 
# 
_symmetry.entry_id                         1ZFT 
_symmetry.space_group_name_H-M             'P 61 2 2' 
_symmetry.pdbx_full_space_group_name_H-M   ? 
_symmetry.cell_setting                     ? 
_symmetry.Int_Tables_number                178 
_symmetry.space_group_name_Hall            ? 
# 
loop_
_entity.id 
_entity.type 
_entity.src_method 
_entity.pdbx_description 
_entity.formula_weight 
_entity.pdbx_number_of_molecules 
_entity.pdbx_ec 
_entity.pdbx_mutation 
_entity.pdbx_fragment 
_entity.details 
1 polymer     syn "5'-R(*UP*CP*CP*CP*(A2M)P*GP*UP*CP*CP*AP*CP*CP*G)-3'"               4066.497 1  ? ?    ? ? 
2 polymer     syn "5'-R(*CP*GP*GP*UP*GP*AP*IP*AP*AP*GP*GP*G)-3'"                      3955.433 1  ? G8I  ? ? 
3 polymer     syn "5'-R(*GP*GP*CP*AP*GP*AP*GP*AP*AP*AP*CP*AP*CP*AP*CP*GP*A)-3'"       5535.445 1  ? ?    ? ? 
4 polymer     syn "5'-R(*UP*CP*GP*UP*GP*GP*UP*AP*CP*AP*UP*UP*AP*CP*CP*UP*GP*CP*C)-3'" 5991.568 1  ? U39C ? ? 
5 non-polymer syn 'SULFATE ION'                                                       96.063   1  ? ?    ? ? 
6 non-polymer syn 'COBALT HEXAMMINE(III)'                                             161.116  2  ? ?    ? ? 
7 water       nat water                                                               18.015   33 ? ?    ? ? 
# 
loop_
_entity_poly.entity_id 
_entity_poly.type 
_entity_poly.nstd_linkage 
_entity_poly.nstd_monomer 
_entity_poly.pdbx_seq_one_letter_code 
_entity_poly.pdbx_seq_one_letter_code_can 
_entity_poly.pdbx_strand_id 
_entity_poly.pdbx_target_identifier 
1 polyribonucleotide no yes 'UCCC(A2M)GUCCACCG' UCCCAGUCCACCG       A ? 
2 polyribonucleotide no no  CGGUGAIAAGGG        CGGUGAIAAGGG        B ? 
3 polyribonucleotide no no  GGCAGAGAAACACACGA   GGCAGAGAAACACACGA   C ? 
4 polyribonucleotide no no  UCGUGGUACAUUACCUGCC UCGUGGUACAUUACCUGCC D ? 
# 
loop_
_entity_poly_seq.entity_id 
_entity_poly_seq.num 
_entity_poly_seq.mon_id 
_entity_poly_seq.hetero 
1 1  U   n 
1 2  C   n 
1 3  C   n 
1 4  C   n 
1 5  A2M n 
1 6  G   n 
1 7  U   n 
1 8  C   n 
1 9  C   n 
1 10 A   n 
1 11 C   n 
1 12 C   n 
1 13 G   n 
2 1  C   n 
2 2  G   n 
2 3  G   n 
2 4  U   n 
2 5  G   n 
2 6  A   n 
2 7  I   n 
2 8  A   n 
2 9  A   n 
2 10 G   n 
2 11 G   n 
2 12 G   n 
3 1  G   n 
3 2  G   n 
3 3  C   n 
3 4  A   n 
3 5  G   n 
3 6  A   n 
3 7  G   n 
3 8  A   n 
3 9  A   n 
3 10 A   n 
3 11 C   n 
3 12 A   n 
3 13 C   n 
3 14 A   n 
3 15 C   n 
3 16 G   n 
3 17 A   n 
4 1  U   n 
4 2  C   n 
4 3  G   n 
4 4  U   n 
4 5  G   n 
4 6  G   n 
4 7  U   n 
4 8  A   n 
4 9  C   n 
4 10 A   n 
4 11 U   n 
4 12 U   n 
4 13 A   n 
4 14 C   n 
4 15 C   n 
4 16 U   n 
4 17 G   n 
4 18 C   n 
4 19 C   n 
# 
loop_
_pdbx_entity_src_syn.entity_id 
_pdbx_entity_src_syn.pdbx_src_id 
_pdbx_entity_src_syn.pdbx_alt_source_flag 
_pdbx_entity_src_syn.pdbx_beg_seq_num 
_pdbx_entity_src_syn.pdbx_end_seq_num 
_pdbx_entity_src_syn.organism_scientific 
_pdbx_entity_src_syn.organism_common_name 
_pdbx_entity_src_syn.ncbi_taxonomy_id 
_pdbx_entity_src_syn.details 
1 1 sample ? ? ? ? ? 'Derived from Satellite Tobacco Ringspot Virus' 
2 1 sample ? ? ? ? ? 'Derived from Satellite Tobacco Ringspot Virus' 
3 1 sample ? ? ? ? ? 'Derived from Satellite Tobacco Ringspot Virus' 
4 1 sample ? ? ? ? ? 'Derived from Satellite Tobacco Ringspot Virus' 
# 
loop_
_struct_ref.id 
_struct_ref.entity_id 
_struct_ref.db_name 
_struct_ref.db_code 
_struct_ref.pdbx_db_accession 
_struct_ref.pdbx_db_isoform 
_struct_ref.pdbx_seq_one_letter_code 
_struct_ref.pdbx_align_begin 
1 1 PDB 1ZFT 1ZFT ? ? ? 
2 2 PDB 1ZFT 1ZFT ? ? ? 
3 3 PDB 1ZFT 1ZFT ? ? ? 
4 4 PDB 1ZFT 1ZFT ? ? ? 
# 
loop_
_struct_ref_seq.align_id 
_struct_ref_seq.ref_id 
_struct_ref_seq.pdbx_PDB_id_code 
_struct_ref_seq.pdbx_strand_id 
_struct_ref_seq.seq_align_beg 
_struct_ref_seq.pdbx_seq_align_beg_ins_code 
_struct_ref_seq.seq_align_end 
_struct_ref_seq.pdbx_seq_align_end_ins_code 
_struct_ref_seq.pdbx_db_accession 
_struct_ref_seq.db_align_beg 
_struct_ref_seq.pdbx_db_align_beg_ins_code 
_struct_ref_seq.db_align_end 
_struct_ref_seq.pdbx_db_align_end_ins_code 
_struct_ref_seq.pdbx_auth_seq_align_beg 
_struct_ref_seq.pdbx_auth_seq_align_end 
1 1 1ZFT A 1 ? 13 ? 1ZFT 1  ? 13 ? 1  13 
2 2 1ZFT B 1 ? 12 ? 1ZFT 2  ? 13 ? 2  13 
3 3 1ZFT C 1 ? 17 ? 1ZFT 15 ? 31 ? 15 31 
4 4 1ZFT D 1 ? 19 ? 1ZFT 31 ? 49 ? 31 49 
# 
loop_
_chem_comp.id 
_chem_comp.type 
_chem_comp.mon_nstd_flag 
_chem_comp.name 
_chem_comp.pdbx_synonyms 
_chem_comp.formula 
_chem_comp.formula_weight 
A   'RNA linking' y "ADENOSINE-5'-MONOPHOSPHATE"                     ? 'C10 H14 N5 O7 P' 347.221 
A2M 'RNA linking' n 
;2'-O-methyladenosine 5'-(dihydrogen phosphate)
;
? 'C11 H16 N5 O7 P' 361.248 
C   'RNA linking' y "CYTIDINE-5'-MONOPHOSPHATE"                      ? 'C9 H14 N3 O8 P'  323.197 
G   'RNA linking' y "GUANOSINE-5'-MONOPHOSPHATE"                     ? 'C10 H14 N5 O8 P' 363.221 
HOH non-polymer   . WATER                                            ? 'H2 O'            18.015  
I   'RNA linking' y 'INOSINIC ACID'                                  ? 'C10 H13 N4 O8 P' 348.206 
NCO non-polymer   . 'COBALT HEXAMMINE(III)'                          ? 'Co H18 N6 3'     161.116 
SO4 non-polymer   . 'SULFATE ION'                                    ? 'O4 S -2'         96.063  
U   'RNA linking' y "URIDINE-5'-MONOPHOSPHATE"                       ? 'C9 H13 N2 O9 P'  324.181 
# 
_exptl.entry_id          1ZFT 
_exptl.method            'X-RAY DIFFRACTION' 
_exptl.crystals_number   1 
# 
_exptl_crystal.id                    1 
_exptl_crystal.density_meas          ? 
_exptl_crystal.density_Matthews      4.2 
_exptl_crystal.density_percent_sol   70.8 
_exptl_crystal.description           ? 
_exptl_crystal.F_000                 ? 
_exptl_crystal.preparation           ? 
# 
_exptl_crystal_grow.crystal_id      1 
_exptl_crystal_grow.method          'VAPOR DIFFUSION, HANGING DROP' 
_exptl_crystal_grow.temp            293 
_exptl_crystal_grow.temp_details    ? 
_exptl_crystal_grow.pH              6.0 
_exptl_crystal_grow.pdbx_details    
'PEG 2000 MME, LITHIUM SULFATE, SPERMIDINE, COBALT HEXAAMINE, pH 6.0, VAPOR DIFFUSION, HANGING DROP, temperature 293K' 
_exptl_crystal_grow.pdbx_pH_range   . 
# 
loop_
_exptl_crystal_grow_comp.crystal_id 
_exptl_crystal_grow_comp.id 
_exptl_crystal_grow_comp.sol_id 
_exptl_crystal_grow_comp.name 
_exptl_crystal_grow_comp.volume 
_exptl_crystal_grow_comp.conc 
_exptl_crystal_grow_comp.details 
1 1 1 'PEG 2000 MME'     ? ? ? 
1 2 1 'LITHIUM SULFATE'  ? ? ? 
1 3 1 SPERMIDINE         ? ? ? 
1 4 1 'COBALT HEXAAMINE' ? ? ? 
1 5 1 H2O                ? ? ? 
1 6 2 'LITHIUM SULFATE'  ? ? ? 
1 7 2 H2O                ? ? ? 
# 
_diffrn.id                     1 
_diffrn.ambient_temp           100 
_diffrn.ambient_temp_details   ? 
_diffrn.crystal_id             1 
# 
_diffrn_detector.diffrn_id              1 
_diffrn_detector.detector               CCD 
_diffrn_detector.type                   'ADSC QUANTUM 210' 
_diffrn_detector.pdbx_collection_date   2004-11-29 
_diffrn_detector.details                
'BENT TRIANGULAR ASYMMETRIC CUT SI(111) MONOCHROMATOR (PROVIDES HORIZONTAL FOCUSSING), RH-COATED SI MIRROR FOR VERTICAL FOCUSING' 
# 
_diffrn_radiation.diffrn_id                        1 
_diffrn_radiation.wavelength_id                    1 
_diffrn_radiation.pdbx_monochromatic_or_laue_m_l   M 
_diffrn_radiation.monochromator                    'BENT TRIANGULAR ASYMMETRIC CUT SI(111) MONOCHROMATOR' 
_diffrn_radiation.pdbx_diffrn_protocol             'SINGLE WAVELENGTH' 
_diffrn_radiation.pdbx_scattering_type             x-ray 
# 
_diffrn_radiation_wavelength.id           1 
_diffrn_radiation_wavelength.wavelength   0.978 
_diffrn_radiation_wavelength.wt           1.0 
# 
_diffrn_source.diffrn_id                   1 
_diffrn_source.source                      SYNCHROTRON 
_diffrn_source.type                        'CHESS BEAMLINE A1' 
_diffrn_source.pdbx_synchrotron_site       CHESS 
_diffrn_source.pdbx_synchrotron_beamline   A1 
_diffrn_source.pdbx_wavelength             0.978 
_diffrn_source.pdbx_wavelength_list        ? 
# 
_reflns.entry_id                     1ZFT 
_reflns.observed_criterion_sigma_I   -5 
_reflns.observed_criterion_sigma_F   0 
_reflns.d_resolution_low             47 
_reflns.d_resolution_high            2.33 
_reflns.number_obs                   15007 
_reflns.number_all                   ? 
_reflns.percent_possible_obs         99.6 
_reflns.pdbx_Rmerge_I_obs            ? 
_reflns.pdbx_Rsym_value              0.04 
_reflns.pdbx_netI_over_sigmaI        26.2 
_reflns.B_iso_Wilson_estimate        65.9 
_reflns.pdbx_redundancy              8.2 
_reflns.R_free_details               ? 
_reflns.pdbx_chi_squared             ? 
_reflns.pdbx_scaling_rejects         ? 
_reflns.pdbx_ordinal                 1 
_reflns.pdbx_diffrn_id               1 
# 
_reflns_shell.d_res_high             2.33 
_reflns_shell.d_res_low              2.41 
_reflns_shell.percent_possible_all   99.9 
_reflns_shell.Rmerge_I_obs           ? 
_reflns_shell.pdbx_Rsym_value        0.445 
_reflns_shell.meanI_over_sigI_obs    4.2 
_reflns_shell.pdbx_redundancy        7.0 
_reflns_shell.percent_possible_obs   ? 
_reflns_shell.number_unique_all      ? 
_reflns_shell.number_measured_all    ? 
_reflns_shell.number_measured_obs    ? 
_reflns_shell.number_unique_obs      ? 
_reflns_shell.pdbx_chi_squared       ? 
_reflns_shell.pdbx_ordinal           1 
_reflns_shell.pdbx_diffrn_id         1 
# 
_refine.entry_id                                 1ZFT 
_refine.ls_number_reflns_obs                     14997 
_refine.ls_number_reflns_all                     15007 
_refine.pdbx_ls_sigma_I                          -5 
_refine.pdbx_ls_sigma_F                          0.0 
_refine.pdbx_data_cutoff_high_absF               1649069.87 
_refine.pdbx_data_cutoff_low_absF                0.000000 
_refine.pdbx_data_cutoff_high_rms_absF           ? 
_refine.ls_d_res_low                             30.46 
_refine.ls_d_res_high                            2.33 
_refine.ls_percent_reflns_obs                    99.5 
_refine.ls_R_factor_obs                          0.227 
_refine.ls_R_factor_all                          ? 
_refine.ls_R_factor_R_work                       0.227 
_refine.ls_R_factor_R_free                       0.242 
_refine.ls_R_factor_R_free_error                 0.007 
_refine.ls_R_factor_R_free_error_details         ? 
_refine.ls_percent_reflns_R_free                 7.9 
_refine.ls_number_reflns_R_free                  1191 
_refine.ls_number_parameters                     ? 
_refine.ls_number_restraints                     ? 
_refine.occupancy_min                            ? 
_refine.occupancy_max                            ? 
_refine.correlation_coeff_Fo_to_Fc               ? 
_refine.correlation_coeff_Fo_to_Fc_free          ? 
_refine.B_iso_mean                               66.4 
_refine.aniso_B[1][1]                            -11.20 
_refine.aniso_B[2][2]                            -11.20 
_refine.aniso_B[3][3]                            22.39 
_refine.aniso_B[1][2]                            -6.94 
_refine.aniso_B[1][3]                            0.00 
_refine.aniso_B[2][3]                            0.00 
_refine.solvent_model_details                    'FLAT MODEL' 
_refine.solvent_model_param_ksol                 0.303334 
_refine.solvent_model_param_bsol                 41.2926 
_refine.pdbx_solvent_vdw_probe_radii             ? 
_refine.pdbx_solvent_ion_probe_radii             ? 
_refine.pdbx_solvent_shrinkage_radii             ? 
_refine.pdbx_ls_cross_valid_method               THROUGHOUT 
_refine.details                                  'MLI TARGET THROUGHOUT' 
_refine.pdbx_starting_model                      'PDB ENTRY 1ZFR' 
_refine.pdbx_method_to_determine_struct          'FOURIER SYNTHESIS' 
_refine.pdbx_isotropic_thermal_model             RESTRAINED 
_refine.pdbx_stereochemistry_target_values       CNS 
_refine.pdbx_stereochem_target_val_spec_case     ? 
_refine.pdbx_R_Free_selection_details            RANDOM 
_refine.pdbx_overall_ESU_R                       ? 
_refine.pdbx_overall_ESU_R_Free                  ? 
_refine.overall_SU_ML                            ? 
_refine.overall_SU_B                             ? 
_refine.ls_redundancy_reflns_obs                 ? 
_refine.overall_SU_R_Cruickshank_DPI             ? 
_refine.overall_SU_R_free                        ? 
_refine.ls_wR_factor_R_free                      ? 
_refine.ls_wR_factor_R_work                      ? 
_refine.overall_FOM_free_R_set                   ? 
_refine.overall_FOM_work_R_set                   ? 
_refine.pdbx_refine_id                           'X-RAY DIFFRACTION' 
_refine.pdbx_diffrn_id                           1 
_refine.pdbx_TLS_residual_ADP_flag               ? 
_refine.pdbx_overall_phase_error                 ? 
_refine.pdbx_overall_SU_R_free_Cruickshank_DPI   ? 
_refine.pdbx_overall_SU_R_Blow_DPI               ? 
_refine.pdbx_overall_SU_R_free_Blow_DPI          ? 
# 
_refine_analyze.entry_id                        1ZFT 
_refine_analyze.Luzzati_coordinate_error_obs    0.40 
_refine_analyze.Luzzati_sigma_a_obs             0.65 
_refine_analyze.Luzzati_d_res_low_obs           47.00 
_refine_analyze.Luzzati_coordinate_error_free   0.43 
_refine_analyze.Luzzati_sigma_a_free            0.64 
_refine_analyze.Luzzati_d_res_low_free          ? 
_refine_analyze.number_disordered_residues      ? 
_refine_analyze.occupancy_sum_hydrogen          ? 
_refine_analyze.occupancy_sum_non_hydrogen      ? 
_refine_analyze.pdbx_refine_id                  'X-RAY DIFFRACTION' 
# 
_refine_hist.pdbx_refine_id                   'X-RAY DIFFRACTION' 
_refine_hist.cycle_id                         LAST 
_refine_hist.pdbx_number_atoms_protein        0 
_refine_hist.pdbx_number_atoms_nucleic_acid   1294 
_refine_hist.pdbx_number_atoms_ligand         19 
_refine_hist.number_atoms_solvent             33 
_refine_hist.number_atoms_total               1346 
_refine_hist.d_res_high                       2.33 
_refine_hist.d_res_low                        30.46 
# 
loop_
_refine_ls_restr.type 
_refine_ls_restr.dev_ideal 
_refine_ls_restr.dev_ideal_target 
_refine_ls_restr.weight 
_refine_ls_restr.number 
_refine_ls_restr.pdbx_refine_id 
_refine_ls_restr.pdbx_restraint_function 
c_bond_d           0.006 ?   ? ? 'X-RAY DIFFRACTION' ? 
c_angle_deg        1.4   ?   ? ? 'X-RAY DIFFRACTION' ? 
c_dihedral_angle_d 18.3  ?   ? ? 'X-RAY DIFFRACTION' ? 
c_improper_angle_d 1.99  ?   ? ? 'X-RAY DIFFRACTION' ? 
c_mcbond_it        1.88  2.5 ? ? 'X-RAY DIFFRACTION' ? 
c_mcangle_it       3.93  3.5 ? ? 'X-RAY DIFFRACTION' ? 
c_scbond_it        2.53  3.0 ? ? 'X-RAY DIFFRACTION' ? 
c_scangle_it       4.29  4.0 ? ? 'X-RAY DIFFRACTION' ? 
# 
_refine_ls_shell.pdbx_total_number_of_bins_used   4 
_refine_ls_shell.d_res_high                       2.33 
_refine_ls_shell.d_res_low                        2.56 
_refine_ls_shell.number_reflns_R_work             3330 
_refine_ls_shell.R_factor_R_work                  0.429 
_refine_ls_shell.percent_reflns_obs               99.1 
_refine_ls_shell.R_factor_R_free                  0.42 
_refine_ls_shell.R_factor_R_free_error            0.024 
_refine_ls_shell.percent_reflns_R_free            8.2 
_refine_ls_shell.number_reflns_R_free             299 
_refine_ls_shell.redundancy_reflns_obs            ? 
_refine_ls_shell.pdbx_refine_id                   'X-RAY DIFFRACTION' 
_refine_ls_shell.number_reflns_all                ? 
_refine_ls_shell.R_factor_all                     ? 
# 
loop_
_pdbx_xplor_file.serial_no 
_pdbx_xplor_file.param_file 
_pdbx_xplor_file.topol_file 
_pdbx_xplor_file.pdbx_refine_id 
1 ion.param         dna-rna.top 'X-RAY DIFFRACTION' 
2 dna-rna_rep.param cobalt.top  'X-RAY DIFFRACTION' 
3 cobalt.par        ion.top     'X-RAY DIFFRACTION' 
4 water_rep.param   water.top   'X-RAY DIFFRACTION' 
# 
_struct.entry_id                  1ZFT 
_struct.title                     
'The crystal structure of an all-RNA minimal Hairpin Ribozyme with mutant G8I at the cleavage site' 
_struct.pdbx_model_details        ? 
_struct.pdbx_CASP_flag            ? 
_struct.pdbx_model_type_details   ? 
# 
_struct_keywords.entry_id        1ZFT 
_struct_keywords.pdbx_keywords   RNA 
_struct_keywords.text            
;hairpin ribozyme, all-RNA, cobalt hexaamine, mutation, inosine, U39C, junctionless, low salt, S-turn, E-loop, ribose zipper, catalytic RNA, 2'-OMe, RNA
;
# 
loop_
_struct_asym.id 
_struct_asym.pdbx_blank_PDB_chainid_flag 
_struct_asym.pdbx_modified 
_struct_asym.entity_id 
_struct_asym.details 
A N N 1 ? 
B N N 2 ? 
C N N 3 ? 
D N N 4 ? 
E N N 5 ? 
F N N 6 ? 
G N N 6 ? 
H N N 7 ? 
I N N 7 ? 
J N N 7 ? 
K N N 7 ? 
# 
_struct_biol.id                    1 
_struct_biol.details               'The asymmetric unit comprised of chains A,B,C and D forms the biological unit' 
_struct_biol.pdbx_parent_biol_id   ? 
# 
loop_
_struct_conn.id 
_struct_conn.conn_type_id 
_struct_conn.pdbx_leaving_atom_flag 
_struct_conn.pdbx_PDB_id 
_struct_conn.ptnr1_label_asym_id 
_struct_conn.ptnr1_label_comp_id 
_struct_conn.ptnr1_label_seq_id 
_struct_conn.ptnr1_label_atom_id 
_struct_conn.pdbx_ptnr1_label_alt_id 
_struct_conn.pdbx_ptnr1_PDB_ins_code 
_struct_conn.pdbx_ptnr1_standard_comp_id 
_struct_conn.ptnr1_symmetry 
_struct_conn.ptnr2_label_asym_id 
_struct_conn.ptnr2_label_comp_id 
_struct_conn.ptnr2_label_seq_id 
_struct_conn.ptnr2_label_atom_id 
_struct_conn.pdbx_ptnr2_label_alt_id 
_struct_conn.pdbx_ptnr2_PDB_ins_code 
_struct_conn.ptnr1_auth_asym_id 
_struct_conn.ptnr1_auth_comp_id 
_struct_conn.ptnr1_auth_seq_id 
_struct_conn.ptnr2_auth_asym_id 
_struct_conn.ptnr2_auth_comp_id 
_struct_conn.ptnr2_auth_seq_id 
_struct_conn.ptnr2_symmetry 
_struct_conn.pdbx_ptnr3_label_atom_id 
_struct_conn.pdbx_ptnr3_label_seq_id 
_struct_conn.pdbx_ptnr3_label_comp_id 
_struct_conn.pdbx_ptnr3_label_asym_id 
_struct_conn.pdbx_ptnr3_label_alt_id 
_struct_conn.pdbx_ptnr3_PDB_ins_code 
_struct_conn.details 
_struct_conn.pdbx_dist_value 
_struct_conn.pdbx_value_order 
_struct_conn.pdbx_role 
covale1  covale both ? A C   4  "O3'" ? ? ? 1_555 A A2M 5  P  ? ? A C   4  A A2M 5  1_555 ? ? ? ? ? ? ?                    1.598 ? 
? 
covale2  covale one  ? A A2M 5  "O3'" ? ? ? 1_555 A G   6  P  ? ? A A2M 5  A G   6  1_555 ? ? ? ? ? ? ?                    1.609 ? 
? 
hydrog1  hydrog ?    ? A C   2  N3    ? ? ? 1_555 B G   12 N1 ? ? A C   2  B G   13 1_555 ? ? ? ? ? ? WATSON-CRICK         ?     ? 
? 
hydrog2  hydrog ?    ? A C   2  N4    ? ? ? 1_555 B G   12 O6 ? ? A C   2  B G   13 1_555 ? ? ? ? ? ? WATSON-CRICK         ?     ? 
? 
hydrog3  hydrog ?    ? A C   2  O2    ? ? ? 1_555 B G   12 N2 ? ? A C   2  B G   13 1_555 ? ? ? ? ? ? WATSON-CRICK         ?     ? 
? 
hydrog4  hydrog ?    ? A C   3  N3    ? ? ? 1_555 B G   11 N1 ? ? A C   3  B G   12 1_555 ? ? ? ? ? ? WATSON-CRICK         ?     ? 
? 
hydrog5  hydrog ?    ? A C   3  N4    ? ? ? 1_555 B G   11 O6 ? ? A C   3  B G   12 1_555 ? ? ? ? ? ? WATSON-CRICK         ?     ? 
? 
hydrog6  hydrog ?    ? A C   3  O2    ? ? ? 1_555 B G   11 N2 ? ? A C   3  B G   12 1_555 ? ? ? ? ? ? WATSON-CRICK         ?     ? 
? 
hydrog7  hydrog ?    ? A C   4  N3    ? ? ? 1_555 B G   10 N1 ? ? A C   4  B G   11 1_555 ? ? ? ? ? ? WATSON-CRICK         ?     ? 
? 
hydrog8  hydrog ?    ? A C   4  N4    ? ? ? 1_555 B G   10 O6 ? ? A C   4  B G   11 1_555 ? ? ? ? ? ? WATSON-CRICK         ?     ? 
? 
hydrog9  hydrog ?    ? A C   4  O2    ? ? ? 1_555 B G   10 N2 ? ? A C   4  B G   11 1_555 ? ? ? ? ? ? WATSON-CRICK         ?     ? 
? 
hydrog10 hydrog ?    ? A A2M 5  N3    ? ? ? 1_555 B A   8  N6 ? ? A A2M 5  B A   9  1_555 ? ? ? ? ? ? 'A2M-A MISPAIR'      ?     ? 
? 
hydrog11 hydrog ?    ? A A2M 5  N3    ? ? ? 1_555 B A   9  N6 ? ? A A2M 5  B A   10 1_555 ? ? ? ? ? ? 'A2M-A MISPAIR'      ?     ? 
? 
hydrog12 hydrog ?    ? A G   6  N1    ? ? ? 1_555 C C   11 N3 ? ? A G   6  C C   25 1_555 ? ? ? ? ? ? WATSON-CRICK         ?     ? 
? 
hydrog13 hydrog ?    ? A G   6  N2    ? ? ? 1_555 C C   11 O2 ? ? A G   6  C C   25 1_555 ? ? ? ? ? ? WATSON-CRICK         ?     ? 
? 
hydrog14 hydrog ?    ? A G   6  O6    ? ? ? 1_555 C C   11 N4 ? ? A G   6  C C   25 1_555 ? ? ? ? ? ? WATSON-CRICK         ?     ? 
? 
hydrog15 hydrog ?    ? A C   8  N4    ? ? ? 1_555 B A   6  N1 ? ? A C   8  B A   7  1_555 ? ? ? ? ? ? 'C-A MISPAIR'        ?     ? 
? 
hydrog16 hydrog ?    ? A C   9  N3    ? ? ? 1_555 B G   5  N1 ? ? A C   9  B G   6  1_555 ? ? ? ? ? ? WATSON-CRICK         ?     ? 
? 
hydrog17 hydrog ?    ? A C   9  N4    ? ? ? 1_555 B G   5  O6 ? ? A C   9  B G   6  1_555 ? ? ? ? ? ? WATSON-CRICK         ?     ? 
? 
hydrog18 hydrog ?    ? A C   9  O2    ? ? ? 1_555 B G   5  N2 ? ? A C   9  B G   6  1_555 ? ? ? ? ? ? WATSON-CRICK         ?     ? 
? 
hydrog19 hydrog ?    ? A A   10 N1    ? ? ? 1_555 B U   4  N3 ? ? A A   10 B U   5  1_555 ? ? ? ? ? ? WATSON-CRICK         ?     ? 
? 
hydrog20 hydrog ?    ? A A   10 N6    ? ? ? 1_555 B U   4  O4 ? ? A A   10 B U   5  1_555 ? ? ? ? ? ? WATSON-CRICK         ?     ? 
? 
hydrog21 hydrog ?    ? A C   11 N3    ? ? ? 1_555 B G   3  N1 ? ? A C   11 B G   4  1_555 ? ? ? ? ? ? WATSON-CRICK         ?     ? 
? 
hydrog22 hydrog ?    ? A C   11 N4    ? ? ? 1_555 B G   3  O6 ? ? A C   11 B G   4  1_555 ? ? ? ? ? ? WATSON-CRICK         ?     ? 
? 
hydrog23 hydrog ?    ? A C   11 O2    ? ? ? 1_555 B G   3  N2 ? ? A C   11 B G   4  1_555 ? ? ? ? ? ? WATSON-CRICK         ?     ? 
? 
hydrog24 hydrog ?    ? A C   12 N3    ? ? ? 1_555 B G   2  N1 ? ? A C   12 B G   3  1_555 ? ? ? ? ? ? WATSON-CRICK         ?     ? 
? 
hydrog25 hydrog ?    ? A C   12 N4    ? ? ? 1_555 B G   2  O6 ? ? A C   12 B G   3  1_555 ? ? ? ? ? ? WATSON-CRICK         ?     ? 
? 
hydrog26 hydrog ?    ? A C   12 O2    ? ? ? 1_555 B G   2  N2 ? ? A C   12 B G   3  1_555 ? ? ? ? ? ? WATSON-CRICK         ?     ? 
? 
hydrog27 hydrog ?    ? A G   13 N1    ? ? ? 1_555 B C   1  N3 ? ? A G   13 B C   2  1_555 ? ? ? ? ? ? WATSON-CRICK         ?     ? 
? 
hydrog28 hydrog ?    ? A G   13 N2    ? ? ? 1_555 B C   1  O2 ? ? A G   13 B C   2  1_555 ? ? ? ? ? ? WATSON-CRICK         ?     ? 
? 
hydrog29 hydrog ?    ? A G   13 O6    ? ? ? 1_555 B C   1  N4 ? ? A G   13 B C   2  1_555 ? ? ? ? ? ? WATSON-CRICK         ?     ? 
? 
hydrog30 hydrog ?    ? C G   1  N1    ? ? ? 1_555 D C   19 N3 ? ? C G   15 D C   49 1_555 ? ? ? ? ? ? WATSON-CRICK         ?     ? 
? 
hydrog31 hydrog ?    ? C G   1  N2    ? ? ? 1_555 D C   19 O2 ? ? C G   15 D C   49 1_555 ? ? ? ? ? ? WATSON-CRICK         ?     ? 
? 
hydrog32 hydrog ?    ? C G   1  O6    ? ? ? 1_555 D C   19 N4 ? ? C G   15 D C   49 1_555 ? ? ? ? ? ? WATSON-CRICK         ?     ? 
? 
hydrog33 hydrog ?    ? C G   2  N1    ? ? ? 1_555 D C   18 N3 ? ? C G   16 D C   48 1_555 ? ? ? ? ? ? WATSON-CRICK         ?     ? 
? 
hydrog34 hydrog ?    ? C G   2  N2    ? ? ? 1_555 D C   18 O2 ? ? C G   16 D C   48 1_555 ? ? ? ? ? ? WATSON-CRICK         ?     ? 
? 
hydrog35 hydrog ?    ? C G   2  O6    ? ? ? 1_555 D C   18 N4 ? ? C G   16 D C   48 1_555 ? ? ? ? ? ? WATSON-CRICK         ?     ? 
? 
hydrog36 hydrog ?    ? C C   3  N3    ? ? ? 1_555 D G   17 N1 ? ? C C   17 D G   47 1_555 ? ? ? ? ? ? WATSON-CRICK         ?     ? 
? 
hydrog37 hydrog ?    ? C C   3  N4    ? ? ? 1_555 D G   17 O6 ? ? C C   17 D G   47 1_555 ? ? ? ? ? ? WATSON-CRICK         ?     ? 
? 
hydrog38 hydrog ?    ? C C   3  O2    ? ? ? 1_555 D G   17 N2 ? ? C C   17 D G   47 1_555 ? ? ? ? ? ? WATSON-CRICK         ?     ? 
? 
hydrog39 hydrog ?    ? C A   4  N1    ? ? ? 1_555 D U   16 N3 ? ? C A   18 D U   46 1_555 ? ? ? ? ? ? WATSON-CRICK         ?     ? 
? 
hydrog40 hydrog ?    ? C A   4  N6    ? ? ? 1_555 D U   16 O4 ? ? C A   18 D U   46 1_555 ? ? ? ? ? ? WATSON-CRICK         ?     ? 
? 
hydrog41 hydrog ?    ? C G   5  N1    ? ? ? 1_555 D C   15 N3 ? ? C G   19 D C   45 1_555 ? ? ? ? ? ? WATSON-CRICK         ?     ? 
? 
hydrog42 hydrog ?    ? C G   5  N2    ? ? ? 1_555 D C   15 O2 ? ? C G   19 D C   45 1_555 ? ? ? ? ? ? WATSON-CRICK         ?     ? 
? 
hydrog43 hydrog ?    ? C G   5  O6    ? ? ? 1_555 D C   15 N4 ? ? C G   19 D C   45 1_555 ? ? ? ? ? ? WATSON-CRICK         ?     ? 
? 
hydrog44 hydrog ?    ? C A   6  N1    ? ? ? 1_555 D C   14 N4 ? ? C A   20 D C   44 1_555 ? ? ? ? ? ? 'A-C MISPAIR'        ?     ? 
? 
hydrog45 hydrog ?    ? C G   7  N2    ? ? ? 1_555 D A   13 N7 ? ? C G   21 D A   43 1_555 ? ? ? ? ? ? 'G-A MISPAIR'        ?     ? 
? 
hydrog46 hydrog ?    ? C A   8  N6    ? ? ? 1_555 D U   11 O2 ? ? C A   22 D U   41 1_555 ? ? ? ? ? ? 'REVERSED HOOGSTEEN' ?     ? 
? 
hydrog47 hydrog ?    ? C A   8  N7    ? ? ? 1_555 D U   11 N3 ? ? C A   22 D U   41 1_555 ? ? ? ? ? ? 'REVERSED HOOGSTEEN' ?     ? 
? 
hydrog48 hydrog ?    ? C A   9  N6    ? ? ? 1_555 D A   10 N1 ? ? C A   23 D A   40 1_555 ? ? ? ? ? ? TYPE_5_PAIR          ?     ? 
? 
hydrog49 hydrog ?    ? C A   9  N7    ? ? ? 1_555 D A   10 N6 ? ? C A   23 D A   40 1_555 ? ? ? ? ? ? TYPE_5_PAIR          ?     ? 
? 
hydrog50 hydrog ?    ? C A   10 N6    ? ? ? 1_555 D A   8  N7 ? ? C A   24 D A   38 1_555 ? ? ? ? ? ? 'A-A MISPAIR'        ?     ? 
? 
hydrog51 hydrog ?    ? C A   12 N1    ? ? ? 1_555 D G   6  N1 ? ? C A   26 D G   36 1_555 ? ? ? ? ? ? TYPE_8_PAIR          ?     ? 
? 
hydrog52 hydrog ?    ? C A   12 N6    ? ? ? 1_555 D G   6  O6 ? ? C A   26 D G   36 1_555 ? ? ? ? ? ? TYPE_8_PAIR          ?     ? 
? 
hydrog53 hydrog ?    ? C C   13 N3    ? ? ? 1_555 D G   5  N1 ? ? C C   27 D G   35 1_555 ? ? ? ? ? ? WATSON-CRICK         ?     ? 
? 
hydrog54 hydrog ?    ? C C   13 N4    ? ? ? 1_555 D G   5  O6 ? ? C C   27 D G   35 1_555 ? ? ? ? ? ? WATSON-CRICK         ?     ? 
? 
hydrog55 hydrog ?    ? C C   13 O2    ? ? ? 1_555 D G   5  N2 ? ? C C   27 D G   35 1_555 ? ? ? ? ? ? WATSON-CRICK         ?     ? 
? 
hydrog56 hydrog ?    ? C A   14 N1    ? ? ? 1_555 D U   4  N3 ? ? C A   28 D U   34 1_555 ? ? ? ? ? ? WATSON-CRICK         ?     ? 
? 
hydrog57 hydrog ?    ? C A   14 N6    ? ? ? 1_555 D U   4  O4 ? ? C A   28 D U   34 1_555 ? ? ? ? ? ? WATSON-CRICK         ?     ? 
? 
hydrog58 hydrog ?    ? C C   15 N3    ? ? ? 1_555 D G   3  N1 ? ? C C   29 D G   33 1_555 ? ? ? ? ? ? WATSON-CRICK         ?     ? 
? 
hydrog59 hydrog ?    ? C C   15 N4    ? ? ? 1_555 D G   3  O6 ? ? C C   29 D G   33 1_555 ? ? ? ? ? ? WATSON-CRICK         ?     ? 
? 
hydrog60 hydrog ?    ? C C   15 O2    ? ? ? 1_555 D G   3  N2 ? ? C C   29 D G   33 1_555 ? ? ? ? ? ? WATSON-CRICK         ?     ? 
? 
hydrog61 hydrog ?    ? C G   16 N1    ? ? ? 1_555 D C   2  N3 ? ? C G   30 D C   32 1_555 ? ? ? ? ? ? WATSON-CRICK         ?     ? 
? 
hydrog62 hydrog ?    ? C G   16 N2    ? ? ? 1_555 D C   2  O2 ? ? C G   30 D C   32 1_555 ? ? ? ? ? ? WATSON-CRICK         ?     ? 
? 
hydrog63 hydrog ?    ? C G   16 O6    ? ? ? 1_555 D C   2  N4 ? ? C G   30 D C   32 1_555 ? ? ? ? ? ? WATSON-CRICK         ?     ? 
? 
hydrog64 hydrog ?    ? C A   17 N1    ? ? ? 1_555 D U   1  N3 ? ? C A   31 D U   31 1_555 ? ? ? ? ? ? WATSON-CRICK         ?     ? 
? 
hydrog65 hydrog ?    ? C A   17 N6    ? ? ? 1_555 D U   1  O4 ? ? C A   31 D U   31 1_555 ? ? ? ? ? ? WATSON-CRICK         ?     ? 
? 
# 
loop_
_struct_conn_type.id 
_struct_conn_type.criteria 
_struct_conn_type.reference 
covale ? ? 
hydrog ? ? 
# 
loop_
_struct_site.id 
_struct_site.pdbx_evidence_code 
_struct_site.pdbx_auth_asym_id 
_struct_site.pdbx_auth_comp_id 
_struct_site.pdbx_auth_seq_id 
_struct_site.pdbx_auth_ins_code 
_struct_site.pdbx_num_residues 
_struct_site.details 
AC1 Software A SO4 103 ? 2 'BINDING SITE FOR RESIDUE SO4 A 103' 
AC2 Software D NCO 101 ? 4 'BINDING SITE FOR RESIDUE NCO D 101' 
AC3 Software B NCO 102 ? 4 'BINDING SITE FOR RESIDUE NCO B 102' 
# 
loop_
_struct_site_gen.id 
_struct_site_gen.site_id 
_struct_site_gen.pdbx_num_res 
_struct_site_gen.label_comp_id 
_struct_site_gen.label_asym_id 
_struct_site_gen.label_seq_id 
_struct_site_gen.pdbx_auth_ins_code 
_struct_site_gen.auth_comp_id 
_struct_site_gen.auth_asym_id 
_struct_site_gen.auth_seq_id 
_struct_site_gen.label_atom_id 
_struct_site_gen.label_alt_id 
_struct_site_gen.symmetry 
_struct_site_gen.details 
1  AC1 2 C   A 2  ? C   A 2   . ? 1_555 ? 
2  AC1 2 NCO F .  ? NCO B 102 . ? 1_555 ? 
3  AC2 4 A   C 6  ? A   C 20  . ? 1_555 ? 
4  AC2 4 G   C 7  ? G   C 21  . ? 1_555 ? 
5  AC2 4 A   D 10 ? A   D 40  . ? 1_555 ? 
6  AC2 4 U   D 11 ? U   D 41  . ? 1_555 ? 
7  AC3 4 SO4 E .  ? SO4 A 103 . ? 1_555 ? 
8  AC3 4 G   B 10 ? G   B 11  . ? 1_555 ? 
9  AC3 4 G   B 11 ? G   B 12  . ? 1_555 ? 
10 AC3 4 G   B 12 ? G   B 13  . ? 1_555 ? 
# 
_atom_sites.entry_id                    1ZFT 
_atom_sites.fract_transf_matrix[1][1]   -0.01058281 
_atom_sites.fract_transf_matrix[1][2]   0.00111228 
_atom_sites.fract_transf_matrix[1][3]   -0.00629377 
_atom_sites.fract_transf_matrix[2][1]   -0.01025276 
_atom_sites.fract_transf_matrix[2][2]   0.00379936 
_atom_sites.fract_transf_matrix[2][3]   0.00576971 
_atom_sites.fract_transf_matrix[3][1]   0.00174252 
_atom_sites.fract_transf_matrix[3][2]   0.00721534 
_atom_sites.fract_transf_matrix[3][3]   -0.00165485 
_atom_sites.fract_transf_vector[1]      0.432685 
_atom_sites.fract_transf_vector[2]      0.208353 
_atom_sites.fract_transf_vector[3]      0.385992 
# 
loop_
_atom_type.symbol 
C  
CO 
N  
O  
P  
S  
# 
loop_
_atom_site.group_PDB 
_atom_site.id 
_atom_site.type_symbol 
_atom_site.label_atom_id 
_atom_site.label_alt_id 
_atom_site.label_comp_id 
_atom_site.label_asym_id 
_atom_site.label_entity_id 
_atom_site.label_seq_id 
_atom_site.pdbx_PDB_ins_code 
_atom_site.Cartn_x 
_atom_site.Cartn_y 
_atom_site.Cartn_z 
_atom_site.occupancy 
_atom_site.B_iso_or_equiv 
_atom_site.pdbx_formal_charge 
_atom_site.auth_seq_id 
_atom_site.auth_comp_id 
_atom_site.auth_asym_id 
_atom_site.auth_atom_id 
_atom_site.pdbx_PDB_model_num 
ATOM   1    O  "O5'" A U   A 1 1  ? -14.072 13.849  -3.097  0.50 82.41  ? 1   U   A "O5'" 1 
ATOM   2    O  "O5'" B U   A 1 1  ? -14.426 12.692  -2.397  0.50 71.50  ? 1   U   A "O5'" 1 
ATOM   3    C  "C5'" A U   A 1 1  ? -14.567 15.134  -2.712  0.50 79.12  ? 1   U   A "C5'" 1 
ATOM   4    C  "C5'" B U   A 1 1  ? -14.782 14.077  -2.352  0.50 71.45  ? 1   U   A "C5'" 1 
ATOM   5    C  "C4'" A U   A 1 1  ? -14.609 15.299  -1.210  0.50 78.27  ? 1   U   A "C4'" 1 
ATOM   6    C  "C4'" B U   A 1 1  ? -14.703 14.695  -0.970  0.50 70.19  ? 1   U   A "C4'" 1 
ATOM   7    O  "O4'" A U   A 1 1  ? -15.810 14.678  -0.669  0.50 78.57  ? 1   U   A "O4'" 1 
ATOM   8    O  "O4'" B U   A 1 1  ? -15.766 14.148  -0.136  0.50 71.01  ? 1   U   A "O4'" 1 
ATOM   9    C  "C3'" A U   A 1 1  ? -13.482 14.613  -0.463  0.50 77.04  ? 1   U   A "C3'" 1 
ATOM   10   C  "C3'" B U   A 1 1  ? -13.431 14.402  -0.191  0.50 71.19  ? 1   U   A "C3'" 1 
ATOM   11   O  "O3'" A U   A 1 1  ? -12.291 15.377  -0.491  0.50 76.16  ? 1   U   A "O3'" 1 
ATOM   12   O  "O3'" B U   A 1 1  ? -12.358 15.264  -0.560  0.50 73.39  ? 1   U   A "O3'" 1 
ATOM   13   C  "C2'" A U   A 1 1  ? -14.094 14.437  0.919   0.50 76.67  ? 1   U   A "C2'" 1 
ATOM   14   C  "C2'" B U   A 1 1  ? -13.869 14.634  1.250   0.50 69.34  ? 1   U   A "C2'" 1 
ATOM   15   O  "O2'" A U   A 1 1  ? -14.182 15.632  1.671   0.50 76.76  ? 1   U   A "O2'" 1 
ATOM   16   O  "O2'" B U   A 1 1  ? -13.903 15.999  1.612   0.50 71.75  ? 1   U   A "O2'" 1 
ATOM   17   C  "C1'" A U   A 1 1  ? -15.495 13.980  0.531   0.50 76.35  ? 1   U   A "C1'" 1 
ATOM   18   C  "C1'" B U   A 1 1  ? -15.307 14.088  1.203   0.50 67.69  ? 1   U   A "C1'" 1 
ATOM   19   N  N1    A U   A 1 1  ? -15.490 12.550  0.204   0.50 73.53  ? 1   U   A N1    1 
ATOM   20   N  N1    B U   A 1 1  ? -15.490 12.744  1.729   0.50 62.87  ? 1   U   A N1    1 
ATOM   21   C  C2    A U   A 1 1  ? -15.566 11.630  1.238   0.50 73.04  ? 1   U   A C2    1 
ATOM   22   C  C2    B U   A 1 1  ? -15.301 11.680  0.858   0.50 62.15  ? 1   U   A C2    1 
ATOM   23   O  O2    A U   A 1 1  ? -15.666 11.950  2.419   0.50 73.45  ? 1   U   A O2    1 
ATOM   24   O  O2    B U   A 1 1  ? -15.009 11.817  -0.319  0.50 63.62  ? 1   U   A O2    1 
ATOM   25   N  N3    A U   A 1 1  ? -15.526 10.315  0.832   0.50 71.85  ? 1   U   A N3    1 
ATOM   26   N  N3    B U   A 1 1  ? -15.483 10.445  1.420   0.50 60.25  ? 1   U   A N3    1 
ATOM   27   C  C4    A U   A 1 1  ? -15.419 9.848   -0.473  0.50 70.61  ? 1   U   A C4    1 
ATOM   28   C  C4    B U   A 1 1  ? -15.827 10.174  2.722   0.50 59.07  ? 1   U   A C4    1 
ATOM   29   O  O4    A U   A 1 1  ? -15.376 8.638   -0.684  0.50 70.28  ? 1   U   A O4    1 
ATOM   30   O  O4    B U   A 1 1  ? -15.986 9.014   3.063   0.50 56.92  ? 1   U   A O4    1 
ATOM   31   C  C5    A U   A 1 1  ? -15.352 10.863  -1.470  0.50 71.40  ? 1   U   A C5    1 
ATOM   32   C  C5    B U   A 1 1  ? -15.991 11.314  3.556   0.50 58.26  ? 1   U   A C5    1 
ATOM   33   C  C6    A U   A 1 1  ? -15.389 12.144  -1.109  0.50 72.40  ? 1   U   A C6    1 
ATOM   34   C  C6    B U   A 1 1  ? -15.826 12.531  3.046   0.50 61.19  ? 1   U   A C6    1 
ATOM   35   P  P     . C   A 1 2  ? -10.891 14.647  -0.776  1.00 76.11  ? 2   C   A P     1 
ATOM   36   O  OP1   . C   A 1 2  ? -9.888  15.743  -0.721  1.00 74.55  ? 2   C   A OP1   1 
ATOM   37   O  OP2   . C   A 1 2  ? -10.998 13.800  -1.999  1.00 74.50  ? 2   C   A OP2   1 
ATOM   38   O  "O5'" . C   A 1 2  ? -10.689 13.725  0.513   1.00 68.41  ? 2   C   A "O5'" 1 
ATOM   39   C  "C5'" . C   A 1 2  ? -10.685 14.365  1.769   1.00 54.84  ? 2   C   A "C5'" 1 
ATOM   40   C  "C4'" . C   A 1 2  ? -10.718 13.419  2.956   1.00 56.57  ? 2   C   A "C4'" 1 
ATOM   41   O  "O4'" . C   A 1 2  ? -11.903 12.573  2.841   1.00 58.98  ? 2   C   A "O4'" 1 
ATOM   42   C  "C3'" . C   A 1 2  ? -9.547  12.447  3.088   1.00 55.23  ? 2   C   A "C3'" 1 
ATOM   43   O  "O3'" . C   A 1 2  ? -8.275  12.810  3.609   1.00 57.47  ? 2   C   A "O3'" 1 
ATOM   44   C  "C2'" . C   A 1 2  ? -10.099 11.046  3.281   1.00 56.06  ? 2   C   A "C2'" 1 
ATOM   45   O  "O2'" . C   A 1 2  ? -10.066 10.694  4.651   1.00 55.44  ? 2   C   A "O2'" 1 
ATOM   46   C  "C1'" . C   A 1 2  ? -11.577 11.200  3.013   1.00 50.64  ? 2   C   A "C1'" 1 
ATOM   47   N  N1    . C   A 1 2  ? -11.860 10.370  1.821   1.00 46.53  ? 2   C   A N1    1 
ATOM   48   C  C2    . C   A 1 2  ? -11.984 8.983   2.016   1.00 44.76  ? 2   C   A C2    1 
ATOM   49   O  O2    . C   A 1 2  ? -11.956 8.517   3.181   1.00 40.96  ? 2   C   A O2    1 
ATOM   50   N  N3    . C   A 1 2  ? -12.129 8.181   0.939   1.00 39.23  ? 2   C   A N3    1 
ATOM   51   C  C4    . C   A 1 2  ? -12.171 8.698   -0.290  1.00 44.90  ? 2   C   A C4    1 
ATOM   52   N  N4    . C   A 1 2  ? -12.276 7.847   -1.327  1.00 43.78  ? 2   C   A N4    1 
ATOM   53   C  C5    . C   A 1 2  ? -12.094 10.098  -0.515  1.00 43.36  ? 2   C   A C5    1 
ATOM   54   C  C6    . C   A 1 2  ? -11.943 10.893  0.563   1.00 42.46  ? 2   C   A C6    1 
ATOM   55   P  P     . C   A 1 3  ? -6.939  12.223  2.905   1.00 57.04  ? 3   C   A P     1 
ATOM   56   O  OP1   . C   A 1 3  ? -5.780  12.977  3.425   1.00 58.62  ? 3   C   A OP1   1 
ATOM   57   O  OP2   . C   A 1 3  ? -7.158  12.137  1.443   1.00 49.47  ? 3   C   A OP2   1 
ATOM   58   O  "O5'" . C   A 1 3  ? -6.849  10.744  3.478   1.00 50.63  ? 3   C   A "O5'" 1 
ATOM   59   C  "C5'" . C   A 1 3  ? -7.450  10.464  4.721   1.00 47.26  ? 3   C   A "C5'" 1 
ATOM   60   C  "C4'" . C   A 1 3  ? -6.969  9.167   5.293   1.00 55.14  ? 3   C   A "C4'" 1 
ATOM   61   O  "O4'" . C   A 1 3  ? -7.987  8.171   5.019   1.00 53.55  ? 3   C   A "O4'" 1 
ATOM   62   C  "C3'" . C   A 1 3  ? -5.666  8.620   4.746   1.00 53.45  ? 3   C   A "C3'" 1 
ATOM   63   O  "O3'" . C   A 1 3  ? -4.424  8.967   5.328   1.00 60.21  ? 3   C   A "O3'" 1 
ATOM   64   C  "C2'" . C   A 1 3  ? -5.920  7.186   4.312   1.00 52.57  ? 3   C   A "C2'" 1 
ATOM   65   O  "O2'" . C   A 1 3  ? -5.463  6.352   5.352   1.00 52.18  ? 3   C   A "O2'" 1 
ATOM   66   C  "C1'" . C   A 1 3  ? -7.431  7.043   4.379   1.00 51.70  ? 3   C   A "C1'" 1 
ATOM   67   N  N1    . C   A 1 3  ? -7.961  6.914   3.003   1.00 50.97  ? 3   C   A N1    1 
ATOM   68   C  C2    . C   A 1 3  ? -8.145  5.638   2.474   1.00 49.03  ? 3   C   A C2    1 
ATOM   69   O  O2    . C   A 1 3  ? -7.909  4.650   3.191   1.00 50.39  ? 3   C   A O2    1 
ATOM   70   N  N3    . C   A 1 3  ? -8.575  5.504   1.201   1.00 44.50  ? 3   C   A N3    1 
ATOM   71   C  C4    . C   A 1 3  ? -8.826  6.582   0.461   1.00 45.45  ? 3   C   A C4    1 
ATOM   72   N  N4    . C   A 1 3  ? -9.236  6.393   -0.804  1.00 43.28  ? 3   C   A N4    1 
ATOM   73   C  C5    . C   A 1 3  ? -8.666  7.892   0.974   1.00 43.01  ? 3   C   A C5    1 
ATOM   74   C  C6    . C   A 1 3  ? -8.237  8.012   2.238   1.00 48.35  ? 3   C   A C6    1 
ATOM   75   P  P     . C   A 1 4  ? -3.074  8.784   4.462   1.00 57.27  ? 4   C   A P     1 
ATOM   76   O  OP1   . C   A 1 4  ? -1.898  9.246   5.244   1.00 61.90  ? 4   C   A OP1   1 
ATOM   77   O  OP2   . C   A 1 4  ? -3.280  9.289   3.072   1.00 53.37  ? 4   C   A OP2   1 
ATOM   78   O  "O5'" . C   A 1 4  ? -2.966  7.212   4.364   1.00 58.67  ? 4   C   A "O5'" 1 
ATOM   79   C  "C5'" . C   A 1 4  ? -2.312  6.622   3.280   1.00 54.14  ? 4   C   A "C5'" 1 
ATOM   80   C  "C4'" . C   A 1 4  ? -2.430  5.147   3.374   1.00 54.99  ? 4   C   A "C4'" 1 
ATOM   81   O  "O4'" . C   A 1 4  ? -3.789  4.811   3.034   1.00 52.53  ? 4   C   A "O4'" 1 
ATOM   82   C  "C3'" . C   A 1 4  ? -1.538  4.453   2.382   1.00 55.85  ? 4   C   A "C3'" 1 
ATOM   83   O  "O3'" . C   A 1 4  ? -0.292  4.050   2.889   1.00 60.04  ? 4   C   A "O3'" 1 
ATOM   84   C  "C2'" . C   A 1 4  ? -2.406  3.510   1.564   1.00 52.78  ? 4   C   A "C2'" 1 
ATOM   85   O  "O2'" . C   A 1 4  ? -2.183  2.175   1.956   1.00 54.68  ? 4   C   A "O2'" 1 
ATOM   86   C  "C1'" . C   A 1 4  ? -3.827  3.872   1.985   1.00 52.05  ? 4   C   A "C1'" 1 
ATOM   87   N  N1    . C   A 1 4  ? -4.559  4.469   0.852   1.00 50.90  ? 4   C   A N1    1 
ATOM   88   C  C2    . C   A 1 4  ? -4.995  3.641   -0.171  1.00 47.57  ? 4   C   A C2    1 
ATOM   89   O  O2    . C   A 1 4  ? -4.754  2.434   -0.098  1.00 52.66  ? 4   C   A O2    1 
ATOM   90   N  N3    . C   A 1 4  ? -5.666  4.169   -1.216  1.00 46.23  ? 4   C   A N3    1 
ATOM   91   C  C4    . C   A 1 4  ? -5.903  5.476   -1.264  1.00 48.79  ? 4   C   A C4    1 
ATOM   92   N  N4    . C   A 1 4  ? -6.581  5.948   -2.315  1.00 46.66  ? 4   C   A N4    1 
ATOM   93   C  C5    . C   A 1 4  ? -5.462  6.353   -0.240  1.00 46.58  ? 4   C   A C5    1 
ATOM   94   C  C6    . C   A 1 4  ? -4.803  5.812   0.793   1.00 50.12  ? 4   C   A C6    1 
HETATM 95   P  P     . A2M A 1 5  ? 1.025   4.791   2.369   1.00 59.28  ? 5   A2M A P     1 
HETATM 96   O  OP1   . A2M A 1 5  ? 2.173   4.225   3.113   1.00 61.38  ? 5   A2M A OP1   1 
HETATM 97   O  "O5'" . A2M A 1 5  ? 1.108   4.361   0.838   1.00 55.74  ? 5   A2M A "O5'" 1 
HETATM 98   C  "C5'" . A2M A 1 5  ? 1.211   2.985   0.462   1.00 53.44  ? 5   A2M A "C5'" 1 
HETATM 99   C  "C4'" . A2M A 1 5  ? 1.195   2.857   -1.040  1.00 56.59  ? 5   A2M A "C4'" 1 
HETATM 100  O  "O4'" . A2M A 1 5  ? -0.026  3.461   -1.536  1.00 55.34  ? 5   A2M A "O4'" 1 
HETATM 101  C  "C3'" . A2M A 1 5  ? 2.349   3.639   -1.661  1.00 56.44  ? 5   A2M A "C3'" 1 
HETATM 102  O  "O3'" . A2M A 1 5  ? 2.981   2.884   -2.710  1.00 63.96  ? 5   A2M A "O3'" 1 
HETATM 103  C  "C2'" . A2M A 1 5  ? 1.745   4.988   -2.045  1.00 55.52  ? 5   A2M A "C2'" 1 
HETATM 104  O  "O2'" . A2M A 1 5  ? 2.247   5.570   -3.220  1.00 60.69  ? 5   A2M A "O2'" 1 
HETATM 105  C  "C1'" . A2M A 1 5  ? 0.281   4.619   -2.263  1.00 56.19  ? 5   A2M A "C1'" 1 
HETATM 106  C  "CM'" . A2M A 1 5  ? 3.073   6.757   -2.925  1.00 56.74  ? 5   A2M A "CM'" 1 
HETATM 107  N  N9    . A2M A 1 5  ? -0.744  5.643   -2.061  1.00 56.70  ? 5   A2M A N9    1 
HETATM 108  C  C8    . A2M A 1 5  ? -0.975  6.476   -0.990  1.00 57.93  ? 5   A2M A C8    1 
HETATM 109  N  N7    . A2M A 1 5  ? -1.944  7.339   -1.197  1.00 59.04  ? 5   A2M A N7    1 
HETATM 110  C  C5    . A2M A 1 5  ? -2.391  7.038   -2.480  1.00 57.40  ? 5   A2M A C5    1 
HETATM 111  C  C6    . A2M A 1 5  ? -3.386  7.598   -3.291  1.00 58.31  ? 5   A2M A C6    1 
HETATM 112  N  N6    . A2M A 1 5  ? -4.140  8.638   -2.925  1.00 62.56  ? 5   A2M A N6    1 
HETATM 113  N  N1    . A2M A 1 5  ? -3.579  7.056   -4.518  1.00 57.95  ? 5   A2M A N1    1 
HETATM 114  C  C2    . A2M A 1 5  ? -2.813  6.031   -4.897  1.00 58.37  ? 5   A2M A C2    1 
HETATM 115  N  N3    . A2M A 1 5  ? -1.840  5.426   -4.232  1.00 58.13  ? 5   A2M A N3    1 
HETATM 116  C  C4    . A2M A 1 5  ? -1.674  5.982   -3.014  1.00 56.97  ? 5   A2M A C4    1 
HETATM 117  O  OP2   . A2M A 1 5  ? 0.793   6.248   2.388   1.00 56.04  ? 5   A2M A OP2   1 
ATOM   118  P  P     . G   A 1 6  ? 4.496   3.190   -3.156  1.00 65.75  ? 6   G   A P     1 
ATOM   119  O  OP1   . G   A 1 6  ? 5.400   2.660   -2.096  1.00 68.08  ? 6   G   A OP1   1 
ATOM   120  O  OP2   . G   A 1 6  ? 4.611   4.601   -3.574  1.00 70.51  ? 6   G   A OP2   1 
ATOM   121  O  "O5'" . G   A 1 6  ? 4.678   2.354   -4.504  1.00 67.61  ? 6   G   A "O5'" 1 
ATOM   122  C  "C5'" . G   A 1 6  ? 4.523   0.946   -4.515  1.00 63.82  ? 6   G   A "C5'" 1 
ATOM   123  C  "C4'" . G   A 1 6  ? 5.804   0.267   -4.950  1.00 58.87  ? 6   G   A "C4'" 1 
ATOM   124  O  "O4'" . G   A 1 6  ? 5.930   -0.976  -4.233  1.00 59.37  ? 6   G   A "O4'" 1 
ATOM   125  C  "C3'" . G   A 1 6  ? 5.824   -0.078  -6.437  1.00 57.36  ? 6   G   A "C3'" 1 
ATOM   126  O  "O3'" . G   A 1 6  ? 7.158   0.040   -6.951  1.00 59.93  ? 6   G   A "O3'" 1 
ATOM   127  C  "C2'" . G   A 1 6  ? 5.348   -1.531  -6.503  1.00 57.37  ? 6   G   A "C2'" 1 
ATOM   128  O  "O2'" . G   A 1 6  ? 6.065   -2.295  -7.450  1.00 60.79  ? 6   G   A "O2'" 1 
ATOM   129  C  "C1'" . G   A 1 6  ? 5.757   -2.047  -5.121  1.00 57.21  ? 6   G   A "C1'" 1 
ATOM   130  N  N9    . G   A 1 6  ? 4.997   -3.102  -4.467  1.00 55.10  ? 6   G   A N9    1 
ATOM   131  C  C8    . G   A 1 6  ? 5.516   -4.088  -3.662  1.00 55.25  ? 6   G   A C8    1 
ATOM   132  N  N7    . G   A 1 6  ? 4.617   -4.927  -3.237  1.00 54.08  ? 6   G   A N7    1 
ATOM   133  C  C5    . G   A 1 6  ? 3.432   -4.467  -3.793  1.00 51.75  ? 6   G   A C5    1 
ATOM   134  C  C6    . G   A 1 6  ? 2.125   -4.984  -3.707  1.00 49.40  ? 6   G   A C6    1 
ATOM   135  O  O6    . G   A 1 6  ? 1.740   -6.017  -3.137  1.00 52.27  ? 6   G   A O6    1 
ATOM   136  N  N1    . G   A 1 6  ? 1.216   -4.185  -4.394  1.00 48.09  ? 6   G   A N1    1 
ATOM   137  C  C2    . G   A 1 6  ? 1.531   -3.046  -5.094  1.00 48.51  ? 6   G   A C2    1 
ATOM   138  N  N2    . G   A 1 6  ? 0.509   -2.396  -5.671  1.00 46.18  ? 6   G   A N2    1 
ATOM   139  N  N3    . G   A 1 6  ? 2.757   -2.577  -5.213  1.00 49.12  ? 6   G   A N3    1 
ATOM   140  C  C4    . G   A 1 6  ? 3.651   -3.329  -4.537  1.00 52.44  ? 6   G   A C4    1 
ATOM   141  P  P     . U   A 1 7  ? 7.540   1.132   -8.064  1.00 64.21  ? 7   U   A P     1 
ATOM   142  O  OP1   . U   A 1 7  ? 8.894   0.738   -8.520  1.00 62.84  ? 7   U   A OP1   1 
ATOM   143  O  OP2   . U   A 1 7  ? 7.317   2.487   -7.510  1.00 61.23  ? 7   U   A OP2   1 
ATOM   144  O  "O5'" . U   A 1 7  ? 6.542   0.870   -9.270  1.00 56.63  ? 7   U   A "O5'" 1 
ATOM   145  C  "C5'" . U   A 1 7  ? 6.835   -0.127  -10.235 1.00 59.67  ? 7   U   A "C5'" 1 
ATOM   146  C  "C4'" . U   A 1 7  ? 5.926   0.024   -11.420 1.00 65.13  ? 7   U   A "C4'" 1 
ATOM   147  O  "O4'" . U   A 1 7  ? 4.558   -0.116  -10.968 1.00 68.14  ? 7   U   A "O4'" 1 
ATOM   148  C  "C3'" . U   A 1 7  ? 5.952   1.391   -12.071 1.00 68.77  ? 7   U   A "C3'" 1 
ATOM   149  O  "O3'" . U   A 1 7  ? 7.015   1.489   -13.005 1.00 71.82  ? 7   U   A "O3'" 1 
ATOM   150  C  "C2'" . U   A 1 7  ? 4.587   1.454   -12.741 1.00 69.04  ? 7   U   A "C2'" 1 
ATOM   151  O  "O2'" . U   A 1 7  ? 4.530   0.740   -13.961 1.00 71.84  ? 7   U   A "O2'" 1 
ATOM   152  C  "C1'" . U   A 1 7  ? 3.715   0.760   -11.696 1.00 68.55  ? 7   U   A "C1'" 1 
ATOM   153  N  N1    . U   A 1 7  ? 3.126   1.712   -10.747 1.00 68.48  ? 7   U   A N1    1 
ATOM   154  C  C2    . U   A 1 7  ? 2.011   2.419   -11.148 1.00 68.08  ? 7   U   A C2    1 
ATOM   155  O  O2    . U   A 1 7  ? 1.486   2.269   -12.241 1.00 68.98  ? 7   U   A O2    1 
ATOM   156  N  N3    . U   A 1 7  ? 1.533   3.309   -10.222 1.00 65.45  ? 7   U   A N3    1 
ATOM   157  C  C4    . U   A 1 7  ? 2.037   3.547   -8.962  1.00 66.05  ? 7   U   A C4    1 
ATOM   158  O  O4    . U   A 1 7  ? 1.514   4.405   -8.251  1.00 66.00  ? 7   U   A O4    1 
ATOM   159  C  C5    . U   A 1 7  ? 3.178   2.761   -8.618  1.00 66.82  ? 7   U   A C5    1 
ATOM   160  C  C6    . U   A 1 7  ? 3.670   1.892   -9.498  1.00 68.12  ? 7   U   A C6    1 
ATOM   161  P  P     . C   A 1 8  ? 7.670   2.925   -13.313 1.00 72.55  ? 8   C   A P     1 
ATOM   162  O  OP1   . C   A 1 8  ? 8.622   2.742   -14.438 1.00 78.56  ? 8   C   A OP1   1 
ATOM   163  O  OP2   . C   A 1 8  ? 8.147   3.506   -12.036 1.00 70.05  ? 8   C   A OP2   1 
ATOM   164  O  "O5'" . C   A 1 8  ? 6.447   3.802   -13.829 1.00 73.11  ? 8   C   A "O5'" 1 
ATOM   165  C  "C5'" . C   A 1 8  ? 5.775   3.468   -15.040 1.00 73.19  ? 8   C   A "C5'" 1 
ATOM   166  C  "C4'" . C   A 1 8  ? 4.697   4.481   -15.348 1.00 78.90  ? 8   C   A "C4'" 1 
ATOM   167  O  "O4'" . C   A 1 8  ? 3.597   4.326   -14.408 1.00 80.43  ? 8   C   A "O4'" 1 
ATOM   168  C  "C3'" . C   A 1 8  ? 5.111   5.928   -15.166 1.00 80.94  ? 8   C   A "C3'" 1 
ATOM   169  O  "O3'" . C   A 1 8  ? 5.851   6.441   -16.257 1.00 85.46  ? 8   C   A "O3'" 1 
ATOM   170  C  "C2'" . C   A 1 8  ? 3.775   6.624   -14.964 1.00 81.11  ? 8   C   A "C2'" 1 
ATOM   171  O  "O2'" . C   A 1 8  ? 3.091   6.843   -16.181 1.00 82.39  ? 8   C   A "O2'" 1 
ATOM   172  C  "C1'" . C   A 1 8  ? 3.034   5.597   -14.111 1.00 78.39  ? 8   C   A "C1'" 1 
ATOM   173  N  N1    . C   A 1 8  ? 3.234   5.878   -12.679 1.00 76.44  ? 8   C   A N1    1 
ATOM   174  C  C2    . C   A 1 8  ? 2.329   6.719   -12.024 1.00 75.84  ? 8   C   A C2    1 
ATOM   175  O  O2    . C   A 1 8  ? 1.358   7.168   -12.653 1.00 76.71  ? 8   C   A O2    1 
ATOM   176  N  N3    . C   A 1 8  ? 2.530   7.019   -10.726 1.00 74.29  ? 8   C   A N3    1 
ATOM   177  C  C4    . C   A 1 8  ? 3.579   6.511   -10.079 1.00 74.19  ? 8   C   A C4    1 
ATOM   178  N  N4    . C   A 1 8  ? 3.745   6.848   -8.797  1.00 73.08  ? 8   C   A N4    1 
ATOM   179  C  C5    . C   A 1 8  ? 4.506   5.638   -10.714 1.00 73.01  ? 8   C   A C5    1 
ATOM   180  C  C6    . C   A 1 8  ? 4.296   5.348   -12.002 1.00 72.57  ? 8   C   A C6    1 
ATOM   181  P  P     . C   A 1 9  ? 7.005   7.518   -15.980 1.00 88.52  ? 9   C   A P     1 
ATOM   182  O  OP1   . C   A 1 9  ? 7.719   7.741   -17.261 1.00 90.67  ? 9   C   A OP1   1 
ATOM   183  O  OP2   . C   A 1 9  ? 7.767   7.079   -14.777 1.00 86.43  ? 9   C   A OP2   1 
ATOM   184  O  "O5'" . C   A 1 9  ? 6.184   8.829   -15.604 1.00 91.36  ? 9   C   A "O5'" 1 
ATOM   185  C  "C5'" . C   A 1 9  ? 5.148   9.300   -16.460 1.00 90.83  ? 9   C   A "C5'" 1 
ATOM   186  C  "C4'" . C   A 1 9  ? 4.481   10.520  -15.868 1.00 93.29  ? 9   C   A "C4'" 1 
ATOM   187  O  "O4'" . C   A 1 9  ? 3.697   10.128  -14.708 1.00 91.83  ? 9   C   A "O4'" 1 
ATOM   188  C  "C3'" . C   A 1 9  ? 5.425   11.586  -15.324 1.00 95.97  ? 9   C   A "C3'" 1 
ATOM   189  O  "O3'" . C   A 1 9  ? 5.949   12.452  -16.325 1.00 98.61  ? 9   C   A "O3'" 1 
ATOM   190  C  "C2'" . C   A 1 9  ? 4.537   12.320  -14.331 1.00 93.35  ? 9   C   A "C2'" 1 
ATOM   191  O  "O2'" . C   A 1 9  ? 3.670   13.257  -14.946 1.00 91.81  ? 9   C   A "O2'" 1 
ATOM   192  C  "C1'" . C   A 1 9  ? 3.735   11.162  -13.739 1.00 89.25  ? 9   C   A "C1'" 1 
ATOM   193  N  N1    . C   A 1 9  ? 4.357   10.651  -12.510 1.00 86.32  ? 9   C   A N1    1 
ATOM   194  C  C2    . C   A 1 9  ? 4.220   11.402  -11.361 1.00 85.37  ? 9   C   A C2    1 
ATOM   195  O  O2    . C   A 1 9  ? 3.581   12.460  -11.422 1.00 86.77  ? 9   C   A O2    1 
ATOM   196  N  N3    . C   A 1 9  ? 4.783   10.968  -10.210 1.00 83.25  ? 9   C   A N3    1 
ATOM   197  C  C4    . C   A 1 9  ? 5.465   9.826   -10.192 1.00 82.17  ? 9   C   A C4    1 
ATOM   198  N  N4    . C   A 1 9  ? 6.003   9.434   -9.033  1.00 81.86  ? 9   C   A N4    1 
ATOM   199  C  C5    . C   A 1 9  ? 5.624   9.033   -11.359 1.00 82.44  ? 9   C   A C5    1 
ATOM   200  C  C6    . C   A 1 9  ? 5.057   9.479   -12.489 1.00 85.32  ? 9   C   A C6    1 
ATOM   201  P  P     . A   A 1 10 ? 7.356   13.193  -16.072 1.00 100.90 ? 10  A   A P     1 
ATOM   202  O  OP1   . A   A 1 10 ? 7.731   13.892  -17.322 1.00 101.10 ? 10  A   A OP1   1 
ATOM   203  O  OP2   . A   A 1 10 ? 8.308   12.237  -15.453 1.00 97.00  ? 10  A   A OP2   1 
ATOM   204  O  "O5'" . A   A 1 10 ? 7.010   14.287  -14.976 1.00 99.33  ? 10  A   A "O5'" 1 
ATOM   205  C  "C5'" . A   A 1 10 ? 6.131   15.357  -15.276 1.00 100.58 ? 10  A   A "C5'" 1 
ATOM   206  C  "C4'" . A   A 1 10 ? 6.022   16.276  -14.091 1.00 102.41 ? 10  A   A "C4'" 1 
ATOM   207  O  "O4'" . A   A 1 10 ? 5.376   15.561  -13.002 1.00 100.19 ? 10  A   A "O4'" 1 
ATOM   208  C  "C3'" . A   A 1 10 ? 7.351   16.710  -13.494 1.00 104.53 ? 10  A   A "C3'" 1 
ATOM   209  O  "O3'" . A   A 1 10 ? 7.960   17.799  -14.180 1.00 107.78 ? 10  A   A "O3'" 1 
ATOM   210  C  "C2'" . A   A 1 10 ? 6.960   17.065  -12.068 1.00 100.90 ? 10  A   A "C2'" 1 
ATOM   211  O  "O2'" . A   A 1 10 ? 6.360   18.340  -11.962 1.00 102.39 ? 10  A   A "O2'" 1 
ATOM   212  C  "C1'" . A   A 1 10 ? 5.937   15.970  -11.763 1.00 96.34  ? 10  A   A "C1'" 1 
ATOM   213  N  N9    . A   A 1 10 ? 6.567   14.812  -11.129 1.00 89.96  ? 10  A   A N9    1 
ATOM   214  C  C8    . A   A 1 10 ? 6.985   13.637  -11.709 1.00 88.28  ? 10  A   A C8    1 
ATOM   215  N  N7    . A   A 1 10 ? 7.521   12.791  -10.861 1.00 87.41  ? 10  A   A N7    1 
ATOM   216  C  C5    . A   A 1 10 ? 7.450   13.450  -9.641  1.00 85.34  ? 10  A   A C5    1 
ATOM   217  C  C6    . A   A 1 10 ? 7.845   13.085  -8.337  1.00 83.70  ? 10  A   A C6    1 
ATOM   218  N  N6    . A   A 1 10 ? 8.406   11.910  -8.030  1.00 81.83  ? 10  A   A N6    1 
ATOM   219  N  N1    . A   A 1 10 ? 7.638   13.979  -7.344  1.00 84.49  ? 10  A   A N1    1 
ATOM   220  C  C2    . A   A 1 10 ? 7.065   15.155  -7.646  1.00 85.44  ? 10  A   A C2    1 
ATOM   221  N  N3    . A   A 1 10 ? 6.643   15.611  -8.825  1.00 86.41  ? 10  A   A N3    1 
ATOM   222  C  C4    . A   A 1 10 ? 6.868   14.699  -9.791  1.00 86.93  ? 10  A   A C4    1 
ATOM   223  P  P     . C   A 1 11 ? 9.562   17.943  -14.162 1.00 111.82 ? 11  C   A P     1 
ATOM   224  O  OP1   . C   A 1 11 ? 9.919   18.997  -15.141 1.00 113.82 ? 11  C   A OP1   1 
ATOM   225  O  OP2   . C   A 1 11 ? 10.145  16.581  -14.306 1.00 110.67 ? 11  C   A OP2   1 
ATOM   226  O  "O5'" . C   A 1 11 ? 9.895   18.473  -12.693 1.00 108.11 ? 11  C   A "O5'" 1 
ATOM   227  C  "C5'" . C   A 1 11 ? 9.520   19.790  -12.292 1.00 106.32 ? 11  C   A "C5'" 1 
ATOM   228  C  "C4'" . C   A 1 11 ? 9.736   19.982  -10.808 1.00 107.21 ? 11  C   A "C4'" 1 
ATOM   229  O  "O4'" . C   A 1 11 ? 8.919   19.021  -10.081 1.00 105.84 ? 11  C   A "O4'" 1 
ATOM   230  C  "C3'" . C   A 1 11 ? 11.142  19.724  -10.284 1.00 109.03 ? 11  C   A "C3'" 1 
ATOM   231  O  "O3'" . C   A 1 11 ? 12.045  20.806  -10.473 1.00 111.15 ? 11  C   A "O3'" 1 
ATOM   232  C  "C2'" . C   A 1 11 ? 10.885  19.415  -8.813  1.00 107.66 ? 11  C   A "C2'" 1 
ATOM   233  O  "O2'" . C   A 1 11 ? 10.670  20.556  -8.002  1.00 107.17 ? 11  C   A "O2'" 1 
ATOM   234  C  "C1'" . C   A 1 11 ? 9.603   18.591  -8.908  1.00 105.28 ? 11  C   A "C1'" 1 
ATOM   235  N  N1    . C   A 1 11 ? 9.951   17.168  -9.055  1.00 103.04 ? 11  C   A N1    1 
ATOM   236  C  C2    . C   A 1 11 ? 10.338  16.451  -7.915  1.00 101.83 ? 11  C   A C2    1 
ATOM   237  O  O2    . C   A 1 11 ? 10.319  17.022  -6.808  1.00 100.28 ? 11  C   A O2    1 
ATOM   238  N  N3    . C   A 1 11 ? 10.721  15.157  -8.047  1.00 100.67 ? 11  C   A N3    1 
ATOM   239  C  C4    . C   A 1 11 ? 10.718  14.579  -9.254  1.00 101.64 ? 11  C   A C4    1 
ATOM   240  N  N4    . C   A 1 11 ? 11.127  13.308  -9.342  1.00 101.02 ? 11  C   A N4    1 
ATOM   241  C  C5    . C   A 1 11 ? 10.301  15.278  -10.425 1.00 101.39 ? 11  C   A C5    1 
ATOM   242  C  C6    . C   A 1 11 ? 9.928   16.557  -10.281 1.00 102.55 ? 11  C   A C6    1 
ATOM   243  P  P     . C   A 1 12 ? 13.623  20.503  -10.588 1.00 113.52 ? 12  C   A P     1 
ATOM   244  O  OP1   . C   A 1 12 ? 14.314  21.751  -10.993 1.00 114.14 ? 12  C   A OP1   1 
ATOM   245  O  OP2   . C   A 1 12 ? 13.777  19.275  -11.414 1.00 113.49 ? 12  C   A OP2   1 
ATOM   246  O  "O5'" . C   A 1 12 ? 14.062  20.144  -9.098  1.00 107.65 ? 12  C   A "O5'" 1 
ATOM   247  C  "C5'" . C   A 1 12 ? 13.865  21.079  -8.048  1.00 104.07 ? 12  C   A "C5'" 1 
ATOM   248  C  "C4'" . C   A 1 12 ? 14.279  20.488  -6.722  1.00 103.67 ? 12  C   A "C4'" 1 
ATOM   249  O  "O4'" . C   A 1 12 ? 13.398  19.378  -6.392  1.00 102.34 ? 12  C   A "O4'" 1 
ATOM   250  C  "C3'" . C   A 1 12 ? 15.659  19.857  -6.687  1.00 103.52 ? 12  C   A "C3'" 1 
ATOM   251  O  "O3'" . C   A 1 12 ? 16.712  20.794  -6.537  1.00 107.82 ? 12  C   A "O3'" 1 
ATOM   252  C  "C2'" . C   A 1 12 ? 15.544  18.905  -5.506  1.00 101.36 ? 12  C   A "C2'" 1 
ATOM   253  O  "O2'" . C   A 1 12 ? 15.635  19.569  -4.257  1.00 97.49  ? 12  C   A "O2'" 1 
ATOM   254  C  "C1'" . C   A 1 12 ? 14.129  18.370  -5.702  1.00 98.33  ? 12  C   A "C1'" 1 
ATOM   255  N  N1    . C   A 1 12 ? 14.138  17.136  -6.512  1.00 94.53  ? 12  C   A N1    1 
ATOM   256  C  C2    . C   A 1 12 ? 14.420  15.919  -5.877  1.00 92.72  ? 12  C   A C2    1 
ATOM   257  O  O2    . C   A 1 12 ? 14.625  15.911  -4.649  1.00 89.73  ? 12  C   A O2    1 
ATOM   258  N  N3    . C   A 1 12 ? 14.456  14.783  -6.615  1.00 91.83  ? 12  C   A N3    1 
ATOM   259  C  C4    . C   A 1 12 ? 14.224  14.829  -7.930  1.00 91.60  ? 12  C   A C4    1 
ATOM   260  N  N4    . C   A 1 12 ? 14.274  13.683  -8.617  1.00 89.39  ? 12  C   A N4    1 
ATOM   261  C  C5    . C   A 1 12 ? 13.929  16.051  -8.598  1.00 92.31  ? 12  C   A C5    1 
ATOM   262  C  C6    . C   A 1 12 ? 13.896  17.170  -7.859  1.00 93.09  ? 12  C   A C6    1 
ATOM   263  P  P     . G   A 1 13 ? 18.163  20.448  -7.138  1.00 109.53 ? 13  G   A P     1 
ATOM   264  O  OP1   . G   A 1 13 ? 18.994  21.672  -7.000  1.00 110.00 ? 13  G   A OP1   1 
ATOM   265  O  OP2   . G   A 1 13 ? 17.968  19.828  -8.482  1.00 106.82 ? 13  G   A OP2   1 
ATOM   266  O  "O5'" . G   A 1 13 ? 18.739  19.338  -6.148  1.00 105.10 ? 13  G   A "O5'" 1 
ATOM   267  C  "C5'" . G   A 1 13 ? 18.969  19.647  -4.777  1.00 97.96  ? 13  G   A "C5'" 1 
ATOM   268  C  "C4'" . G   A 1 13 ? 19.407  18.416  -4.020  1.00 95.90  ? 13  G   A "C4'" 1 
ATOM   269  O  "O4'" . G   A 1 13 ? 18.351  17.420  -4.076  1.00 93.50  ? 13  G   A "O4'" 1 
ATOM   270  C  "C3'" . G   A 1 13 ? 20.611  17.692  -4.602  1.00 95.34  ? 13  G   A "C3'" 1 
ATOM   271  O  "O3'" . G   A 1 13 ? 21.870  18.315  -4.346  1.00 96.76  ? 13  G   A "O3'" 1 
ATOM   272  C  "C2'" . G   A 1 13 ? 20.442  16.281  -4.051  1.00 94.06  ? 13  G   A "C2'" 1 
ATOM   273  O  "O2'" . G   A 1 13 ? 20.866  16.130  -2.710  1.00 94.11  ? 13  G   A "O2'" 1 
ATOM   274  C  "C1'" . G   A 1 13 ? 18.924  16.121  -4.110  1.00 89.47  ? 13  G   A "C1'" 1 
ATOM   275  N  N9    . G   A 1 13 ? 18.457  15.408  -5.302  1.00 83.49  ? 13  G   A N9    1 
ATOM   276  C  C8    . G   A 1 13 ? 17.922  15.935  -6.457  1.00 81.90  ? 13  G   A C8    1 
ATOM   277  N  N7    . G   A 1 13 ? 17.590  15.020  -7.331  1.00 79.76  ? 13  G   A N7    1 
ATOM   278  C  C5    . G   A 1 13 ? 17.929  13.819  -6.717  1.00 77.23  ? 13  G   A C5    1 
ATOM   279  C  C6    . G   A 1 13 ? 17.798  12.482  -7.174  1.00 76.35  ? 13  G   A C6    1 
ATOM   280  O  O6    . G   A 1 13 ? 17.320  12.076  -8.253  1.00 75.28  ? 13  G   A O6    1 
ATOM   281  N  N1    . G   A 1 13 ? 18.287  11.567  -6.232  1.00 74.43  ? 13  G   A N1    1 
ATOM   282  C  C2    . G   A 1 13 ? 18.831  11.900  -5.004  1.00 76.23  ? 13  G   A C2    1 
ATOM   283  N  N2    . G   A 1 13 ? 19.274  10.881  -4.232  1.00 72.52  ? 13  G   A N2    1 
ATOM   284  N  N3    . G   A 1 13 ? 18.940  13.144  -4.566  1.00 77.15  ? 13  G   A N3    1 
ATOM   285  C  C4    . G   A 1 13 ? 18.475  14.045  -5.465  1.00 79.24  ? 13  G   A C4    1 
ATOM   286  O  "O5'" . C   B 2 1  ? 17.254  2.916   -6.393  1.00 96.77  ? 2   C   B "O5'" 1 
ATOM   287  C  "C5'" . C   B 2 1  ? 18.135  2.361   -5.407  1.00 96.95  ? 2   C   B "C5'" 1 
ATOM   288  C  "C4'" . C   B 2 1  ? 18.708  3.392   -4.454  1.00 97.47  ? 2   C   B "C4'" 1 
ATOM   289  O  "O4'" . C   B 2 1  ? 19.563  4.308   -5.196  1.00 95.48  ? 2   C   B "O4'" 1 
ATOM   290  C  "C3'" . C   B 2 1  ? 17.699  4.320   -3.793  1.00 99.11  ? 2   C   B "C3'" 1 
ATOM   291  O  "O3'" . C   B 2 1  ? 17.030  3.762   -2.677  1.00 103.22 ? 2   C   B "O3'" 1 
ATOM   292  C  "C2'" . C   B 2 1  ? 18.552  5.531   -3.433  1.00 97.11  ? 2   C   B "C2'" 1 
ATOM   293  O  "O2'" . C   B 2 1  ? 19.340  5.348   -2.270  1.00 99.37  ? 2   C   B "O2'" 1 
ATOM   294  C  "C1'" . C   B 2 1  ? 19.445  5.625   -4.666  1.00 90.30  ? 2   C   B "C1'" 1 
ATOM   295  N  N1    . C   B 2 1  ? 18.817  6.488   -5.684  1.00 82.83  ? 2   C   B N1    1 
ATOM   296  C  C2    . C   B 2 1  ? 18.869  7.881   -5.516  1.00 80.58  ? 2   C   B C2    1 
ATOM   297  O  O2    . C   B 2 1  ? 19.466  8.344   -4.521  1.00 80.50  ? 2   C   B O2    1 
ATOM   298  N  N3    . C   B 2 1  ? 18.268  8.684   -6.440  1.00 76.40  ? 2   C   B N3    1 
ATOM   299  C  C4    . C   B 2 1  ? 17.641  8.142   -7.495  1.00 77.28  ? 2   C   B C4    1 
ATOM   300  N  N4    . C   B 2 1  ? 17.058  8.964   -8.377  1.00 75.75  ? 2   C   B N4    1 
ATOM   301  C  C5    . C   B 2 1  ? 17.582  6.731   -7.691  1.00 78.00  ? 2   C   B C5    1 
ATOM   302  C  C6    . C   B 2 1  ? 18.178  5.949   -6.772  1.00 80.30  ? 2   C   B C6    1 
ATOM   303  P  P     . G   B 2 2  ? 15.577  4.323   -2.281  1.00 106.00 ? 3   G   B P     1 
ATOM   304  O  OP1   . G   B 2 2  ? 15.062  3.455   -1.188  1.00 106.35 ? 3   G   B OP1   1 
ATOM   305  O  OP2   . G   B 2 2  ? 14.797  4.458   -3.548  1.00 102.93 ? 3   G   B OP2   1 
ATOM   306  O  "O5'" . G   B 2 2  ? 15.874  5.782   -1.697  1.00 101.07 ? 3   G   B "O5'" 1 
ATOM   307  C  "C5'" . G   B 2 2  ? 16.682  5.950   -0.532  1.00 95.71  ? 3   G   B "C5'" 1 
ATOM   308  C  "C4'" . G   B 2 2  ? 16.790  7.412   -0.154  1.00 94.77  ? 3   G   B "C4'" 1 
ATOM   309  O  "O4'" . G   B 2 2  ? 17.541  8.127   -1.179  1.00 91.78  ? 3   G   B "O4'" 1 
ATOM   310  C  "C3'" . G   B 2 2  ? 15.481  8.185   -0.073  1.00 96.16  ? 3   G   B "C3'" 1 
ATOM   311  O  "O3'" . G   B 2 2  ? 14.743  7.983   1.128   1.00 100.68 ? 3   G   B "O3'" 1 
ATOM   312  C  "C2'" . G   B 2 2  ? 15.943  9.626   -0.264  1.00 92.14  ? 3   G   B "C2'" 1 
ATOM   313  O  "O2'" . G   B 2 2  ? 16.495  10.223  0.897   1.00 91.77  ? 3   G   B "O2'" 1 
ATOM   314  C  "C1'" . G   B 2 2  ? 17.023  9.444   -1.328  1.00 85.29  ? 3   G   B "C1'" 1 
ATOM   315  N  N9    . G   B 2 2  ? 16.427  9.570   -2.652  1.00 76.81  ? 3   G   B N9    1 
ATOM   316  C  C8    . G   B 2 2  ? 16.099  8.558   -3.524  1.00 73.77  ? 3   G   B C8    1 
ATOM   317  N  N7    . G   B 2 2  ? 15.554  8.987   -4.632  1.00 71.31  ? 3   G   B N7    1 
ATOM   318  C  C5    . G   B 2 2  ? 15.525  10.370  -4.488  1.00 71.24  ? 3   G   B C5    1 
ATOM   319  C  C6    . G   B 2 2  ? 15.043  11.385  -5.375  1.00 70.86  ? 3   G   B C6    1 
ATOM   320  O  O6    . G   B 2 2  ? 14.537  11.255  -6.507  1.00 69.65  ? 3   G   B O6    1 
ATOM   321  N  N1    . G   B 2 2  ? 15.194  12.661  -4.820  1.00 70.08  ? 3   G   B N1    1 
ATOM   322  C  C2    . G   B 2 2  ? 15.735  12.930  -3.577  1.00 73.86  ? 3   G   B C2    1 
ATOM   323  N  N2    . G   B 2 2  ? 15.771  14.227  -3.208  1.00 73.37  ? 3   G   B N2    1 
ATOM   324  N  N3    . G   B 2 2  ? 16.200  11.995  -2.753  1.00 72.66  ? 3   G   B N3    1 
ATOM   325  C  C4    . G   B 2 2  ? 16.061  10.747  -3.270  1.00 72.98  ? 3   G   B C4    1 
ATOM   326  P  P     . G   B 2 3  ? 13.145  8.194   1.114   1.00 101.68 ? 4   G   B P     1 
ATOM   327  O  OP1   . G   B 2 3  ? 12.667  7.880   2.482   1.00 101.32 ? 4   G   B OP1   1 
ATOM   328  O  OP2   . G   B 2 3  ? 12.563  7.476   -0.055  1.00 97.18  ? 4   G   B OP2   1 
ATOM   329  O  "O5'" . G   B 2 3  ? 12.967  9.758   0.850   1.00 97.20  ? 4   G   B "O5'" 1 
ATOM   330  C  "C5'" . G   B 2 3  ? 13.505  10.702  1.764   1.00 96.13  ? 4   G   B "C5'" 1 
ATOM   331  C  "C4'" . G   B 2 3  ? 13.120  12.110  1.380   1.00 96.69  ? 4   G   B "C4'" 1 
ATOM   332  O  "O4'" . G   B 2 3  ? 13.848  12.506  0.185   1.00 94.67  ? 4   G   B "O4'" 1 
ATOM   333  C  "C3'" . G   B 2 3  ? 11.663  12.318  1.000   1.00 98.06  ? 4   G   B "C3'" 1 
ATOM   334  O  "O3'" . G   B 2 3  ? 10.793  12.439  2.121   1.00 103.58 ? 4   G   B "O3'" 1 
ATOM   335  C  "C2'" . G   B 2 3  ? 11.736  13.589  0.162   1.00 95.51  ? 4   G   B "C2'" 1 
ATOM   336  O  "O2'" . G   B 2 3  ? 11.845  14.774  0.931   1.00 95.24  ? 4   G   B "O2'" 1 
ATOM   337  C  "C1'" . G   B 2 3  ? 13.036  13.364  -0.607  1.00 90.27  ? 4   G   B "C1'" 1 
ATOM   338  N  N9    . G   B 2 3  ? 12.756  12.720  -1.886  1.00 83.75  ? 4   G   B N9    1 
ATOM   339  C  C8    . G   B 2 3  ? 12.873  11.384  -2.204  1.00 80.72  ? 4   G   B C8    1 
ATOM   340  N  N7    . G   B 2 3  ? 12.513  11.115  -3.432  1.00 78.36  ? 4   G   B N7    1 
ATOM   341  C  C5    . G   B 2 3  ? 12.142  12.347  -3.961  1.00 77.64  ? 4   G   B C5    1 
ATOM   342  C  C6    . G   B 2 3  ? 11.658  12.687  -5.255  1.00 79.11  ? 4   G   B C6    1 
ATOM   343  O  O6    . G   B 2 3  ? 11.477  11.944  -6.233  1.00 80.45  ? 4   G   B O6    1 
ATOM   344  N  N1    . G   B 2 3  ? 11.382  14.053  -5.354  1.00 76.87  ? 4   G   B N1    1 
ATOM   345  C  C2    . G   B 2 3  ? 11.557  14.977  -4.341  1.00 76.94  ? 4   G   B C2    1 
ATOM   346  N  N2    . G   B 2 3  ? 11.217  16.244  -4.620  1.00 75.52  ? 4   G   B N2    1 
ATOM   347  N  N3    . G   B 2 3  ? 12.026  14.674  -3.139  1.00 77.36  ? 4   G   B N3    1 
ATOM   348  C  C4    . G   B 2 3  ? 12.290  13.350  -3.018  1.00 79.65  ? 4   G   B C4    1 
ATOM   349  P  P     . U   B 2 4  ? 9.238   12.039  1.969   1.00 106.83 ? 5   U   B P     1 
ATOM   350  O  OP1   . U   B 2 4  ? 8.648   12.031  3.332   1.00 104.70 ? 5   U   B OP1   1 
ATOM   351  O  OP2   . U   B 2 4  ? 9.141   10.824  1.119   1.00 103.45 ? 5   U   B OP2   1 
ATOM   352  O  "O5'" . U   B 2 4  ? 8.607   13.251  1.151   1.00 101.90 ? 5   U   B "O5'" 1 
ATOM   353  C  "C5'" . U   B 2 4  ? 8.712   14.583  1.636   1.00 96.64  ? 5   U   B "C5'" 1 
ATOM   354  C  "C4'" . U   B 2 4  ? 8.251   15.564  0.586   1.00 96.19  ? 5   U   B "C4'" 1 
ATOM   355  O  "O4'" . U   B 2 4  ? 9.130   15.484  -0.568  1.00 95.49  ? 5   U   B "O4'" 1 
ATOM   356  C  "C3'" . U   B 2 4  ? 6.877   15.294  0.001   1.00 95.24  ? 5   U   B "C3'" 1 
ATOM   357  O  "O3'" . U   B 2 4  ? 5.844   15.809  0.817   1.00 98.28  ? 5   U   B "O3'" 1 
ATOM   358  C  "C2'" . U   B 2 4  ? 6.948   16.009  -1.340  1.00 93.58  ? 5   U   B "C2'" 1 
ATOM   359  O  "O2'" . U   B 2 4  ? 6.776   17.408  -1.221  1.00 92.35  ? 5   U   B "O2'" 1 
ATOM   360  C  "C1'" . U   B 2 4  ? 8.384   15.704  -1.757  1.00 90.95  ? 5   U   B "C1'" 1 
ATOM   361  N  N1    . U   B 2 4  ? 8.467   14.502  -2.601  1.00 87.30  ? 5   U   B N1    1 
ATOM   362  C  C2    . U   B 2 4  ? 8.127   14.638  -3.932  1.00 86.09  ? 5   U   B C2    1 
ATOM   363  O  O2    . U   B 2 4  ? 7.784   15.702  -4.423  1.00 85.34  ? 5   U   B O2    1 
ATOM   364  N  N3    . U   B 2 4  ? 8.207   13.481  -4.671  1.00 83.55  ? 5   U   B N3    1 
ATOM   365  C  C4    . U   B 2 4  ? 8.579   12.227  -4.221  1.00 83.07  ? 5   U   B C4    1 
ATOM   366  O  O4    . U   B 2 4  ? 8.588   11.276  -5.006  1.00 82.43  ? 5   U   B O4    1 
ATOM   367  C  C5    . U   B 2 4  ? 8.920   12.171  -2.833  1.00 84.74  ? 5   U   B C5    1 
ATOM   368  C  C6    . U   B 2 4  ? 8.855   13.283  -2.087  1.00 85.81  ? 5   U   B C6    1 
ATOM   369  P  P     . G   B 2 5  ? 4.378   15.172  0.718   1.00 95.64  ? 6   G   B P     1 
ATOM   370  O  OP1   . G   B 2 5  ? 3.573   15.880  1.745   1.00 96.69  ? 6   G   B OP1   1 
ATOM   371  O  OP2   . G   B 2 5  ? 4.483   13.688  0.750   1.00 98.01  ? 6   G   B OP2   1 
ATOM   372  O  "O5'" . G   B 2 5  ? 3.867   15.607  -0.725  1.00 88.26  ? 6   G   B "O5'" 1 
ATOM   373  C  "C5'" . G   B 2 5  ? 3.531   16.962  -0.978  1.00 83.60  ? 6   G   B "C5'" 1 
ATOM   374  C  "C4'" . G   B 2 5  ? 3.120   17.150  -2.412  1.00 81.74  ? 6   G   B "C4'" 1 
ATOM   375  O  "O4'" . G   B 2 5  ? 4.251   16.840  -3.267  1.00 78.62  ? 6   G   B "O4'" 1 
ATOM   376  C  "C3'" . G   B 2 5  ? 2.037   16.213  -2.908  1.00 80.77  ? 6   G   B "C3'" 1 
ATOM   377  O  "O3'" . G   B 2 5  ? 0.734   16.618  -2.526  1.00 83.77  ? 6   G   B "O3'" 1 
ATOM   378  C  "C2'" . G   B 2 5  ? 2.268   16.230  -4.413  1.00 79.67  ? 6   G   B "C2'" 1 
ATOM   379  O  "O2'" . G   B 2 5  ? 1.776   17.382  -5.071  1.00 78.67  ? 6   G   B "O2'" 1 
ATOM   380  C  "C1'" . G   B 2 5  ? 3.792   16.239  -4.467  1.00 77.47  ? 6   G   B "C1'" 1 
ATOM   381  N  N9    . G   B 2 5  ? 4.306   14.879  -4.541  1.00 74.31  ? 6   G   B N9    1 
ATOM   382  C  C8    . G   B 2 5  ? 4.798   14.098  -3.517  1.00 73.15  ? 6   G   B C8    1 
ATOM   383  N  N7    . G   B 2 5  ? 5.163   12.906  -3.912  1.00 71.08  ? 6   G   B N7    1 
ATOM   384  C  C5    . G   B 2 5  ? 4.903   12.904  -5.280  1.00 70.82  ? 6   G   B C5    1 
ATOM   385  C  C6    . G   B 2 5  ? 5.094   11.885  -6.263  1.00 71.52  ? 6   G   B C6    1 
ATOM   386  O  O6    . G   B 2 5  ? 5.547   10.737  -6.117  1.00 74.43  ? 6   G   B O6    1 
ATOM   387  N  N1    . G   B 2 5  ? 4.689   12.313  -7.524  1.00 67.68  ? 6   G   B N1    1 
ATOM   388  C  C2    . G   B 2 5  ? 4.164   13.551  -7.809  1.00 66.80  ? 6   G   B C2    1 
ATOM   389  N  N2    . G   B 2 5  ? 3.817   13.770  -9.084  1.00 67.20  ? 6   G   B N2    1 
ATOM   390  N  N3    . G   B 2 5  ? 3.986   14.504  -6.911  1.00 67.03  ? 6   G   B N3    1 
ATOM   391  C  C4    . G   B 2 5  ? 4.375   14.114  -5.676  1.00 70.63  ? 6   G   B C4    1 
ATOM   392  P  P     . A   B 2 6  ? -0.414  15.511  -2.361  1.00 85.72  ? 7   A   B P     1 
ATOM   393  O  OP1   . A   B 2 6  ? -1.612  16.174  -1.789  1.00 87.15  ? 7   A   B OP1   1 
ATOM   394  O  OP2   . A   B 2 6  ? 0.191   14.344  -1.662  1.00 83.11  ? 7   A   B OP2   1 
ATOM   395  O  "O5'" . A   B 2 6  ? -0.758  15.111  -3.862  1.00 80.75  ? 7   A   B "O5'" 1 
ATOM   396  C  "C5'" . A   B 2 6  ? -1.127  16.113  -4.802  1.00 79.82  ? 7   A   B "C5'" 1 
ATOM   397  C  "C4'" . A   B 2 6  ? -1.096  15.560  -6.206  1.00 81.30  ? 7   A   B "C4'" 1 
ATOM   398  O  "O4'" . A   B 2 6  ? 0.252   15.133  -6.529  1.00 80.47  ? 7   A   B "O4'" 1 
ATOM   399  C  "C3'" . A   B 2 6  ? -1.949  14.329  -6.452  1.00 79.63  ? 7   A   B "C3'" 1 
ATOM   400  O  "O3'" . A   B 2 6  ? -3.285  14.712  -6.749  1.00 81.41  ? 7   A   B "O3'" 1 
ATOM   401  C  "C2'" . A   B 2 6  ? -1.262  13.695  -7.655  1.00 79.13  ? 7   A   B "C2'" 1 
ATOM   402  O  "O2'" . A   B 2 6  ? -1.608  14.313  -8.878  1.00 77.56  ? 7   A   B "O2'" 1 
ATOM   403  C  "C1'" . A   B 2 6  ? 0.206   13.974  -7.344  1.00 76.98  ? 7   A   B "C1'" 1 
ATOM   404  N  N9    . A   B 2 6  ? 0.869   12.884  -6.627  1.00 74.18  ? 7   A   B N9    1 
ATOM   405  C  C8    . A   B 2 6  ? 1.170   12.824  -5.287  1.00 72.13  ? 7   A   B C8    1 
ATOM   406  N  N7    . A   B 2 6  ? 1.806   11.732  -4.936  1.00 71.35  ? 7   A   B N7    1 
ATOM   407  C  C5    . A   B 2 6  ? 1.929   11.021  -6.124  1.00 70.52  ? 7   A   B C5    1 
ATOM   408  C  C6    . A   B 2 6  ? 2.528   9.781   -6.428  1.00 68.84  ? 7   A   B C6    1 
ATOM   409  N  N6    . A   B 2 6  ? 3.165   9.026   -5.528  1.00 68.51  ? 7   A   B N6    1 
ATOM   410  N  N1    . A   B 2 6  ? 2.457   9.347   -7.709  1.00 68.32  ? 7   A   B N1    1 
ATOM   411  C  C2    . A   B 2 6  ? 1.843   10.123  -8.619  1.00 69.74  ? 7   A   B C2    1 
ATOM   412  N  N3    . A   B 2 6  ? 1.262   11.315  -8.458  1.00 71.27  ? 7   A   B N3    1 
ATOM   413  C  C4    . A   B 2 6  ? 1.340   11.712  -7.171  1.00 72.47  ? 7   A   B C4    1 
ATOM   414  P  P     . I   B 2 7  ? -4.507  13.768  -6.299  1.00 84.65  ? 8   I   B P     1 
ATOM   415  O  OP1   . I   B 2 7  ? -5.766  14.399  -6.775  1.00 84.13  ? 8   I   B OP1   1 
ATOM   416  O  OP2   . I   B 2 7  ? -4.340  13.465  -4.845  1.00 77.00  ? 8   I   B OP2   1 
ATOM   417  O  "O5'" . I   B 2 7  ? -4.297  12.423  -7.137  1.00 82.85  ? 8   I   B "O5'" 1 
ATOM   418  C  "C5'" . I   B 2 7  ? -4.144  12.443  -8.566  1.00 82.55  ? 8   I   B "C5'" 1 
ATOM   419  C  "C4'" . I   B 2 7  ? -3.777  11.066  -9.074  1.00 82.43  ? 8   I   B "C4'" 1 
ATOM   420  O  "O4'" . I   B 2 7  ? -2.524  10.644  -8.458  1.00 79.73  ? 8   I   B "O4'" 1 
ATOM   421  C  "C3'" . I   B 2 7  ? -4.842  10.074  -8.600  1.00 80.88  ? 8   I   B "C3'" 1 
ATOM   422  O  "O3'" . I   B 2 7  ? -5.246  9.206   -9.666  1.00 82.76  ? 8   I   B "O3'" 1 
ATOM   423  C  "C2'" . I   B 2 7  ? -4.264  9.454   -7.325  1.00 80.34  ? 8   I   B "C2'" 1 
ATOM   424  O  "O2'" . I   B 2 7  ? -4.575  8.131   -6.940  1.00 79.76  ? 8   I   B "O2'" 1 
ATOM   425  C  "C1'" . I   B 2 7  ? -2.771  9.561   -7.596  1.00 75.45  ? 8   I   B "C1'" 1 
ATOM   426  N  N9    . I   B 2 7  ? -1.941  9.618   -6.410  1.00 69.66  ? 8   I   B N9    1 
ATOM   427  C  C8    . I   B 2 7  ? -1.999  10.495  -5.350  1.00 68.51  ? 8   I   B C8    1 
ATOM   428  N  N7    . I   B 2 7  ? -1.190  10.174  -4.379  1.00 68.17  ? 8   I   B N7    1 
ATOM   429  C  C5    . I   B 2 7  ? -0.541  9.036   -4.844  1.00 65.37  ? 8   I   B C5    1 
ATOM   430  C  C6    . I   B 2 7  ? 0.431   8.229   -4.223  1.00 63.06  ? 8   I   B C6    1 
ATOM   431  O  O6    . I   B 2 7  ? 0.924   8.353   -3.098  1.00 62.76  ? 8   I   B O6    1 
ATOM   432  N  N1    . I   B 2 7  ? 0.824   7.177   -5.048  1.00 60.75  ? 8   I   B N1    1 
ATOM   433  C  C2    . I   B 2 7  ? 0.338   6.937   -6.307  1.00 63.89  ? 8   I   B C2    1 
ATOM   434  N  N3    . I   B 2 7  ? -0.580  7.684   -6.896  1.00 64.91  ? 8   I   B N3    1 
ATOM   435  C  C4    . I   B 2 7  ? -0.973  8.708   -6.104  1.00 67.32  ? 8   I   B C4    1 
ATOM   436  P  P     . A   B 2 8  ? -6.514  8.228   -9.506  1.00 86.15  ? 9   A   B P     1 
ATOM   437  O  OP1   . A   B 2 8  ? -7.678  8.901   -10.132 1.00 85.92  ? 9   A   B OP1   1 
ATOM   438  O  OP2   . A   B 2 8  ? -6.603  7.744   -8.101  1.00 84.69  ? 9   A   B OP2   1 
ATOM   439  O  "O5'" . A   B 2 8  ? -6.142  6.990   -10.433 1.00 82.07  ? 9   A   B "O5'" 1 
ATOM   440  C  "C5'" . A   B 2 8  ? -5.869  7.169   -11.818 1.00 72.48  ? 9   A   B "C5'" 1 
ATOM   441  C  "C4'" . A   B 2 8  ? -5.260  5.910   -12.373 1.00 70.64  ? 9   A   B "C4'" 1 
ATOM   442  O  "O4'" . A   B 2 8  ? -3.886  5.789   -11.926 1.00 70.65  ? 9   A   B "O4'" 1 
ATOM   443  C  "C3'" . A   B 2 8  ? -5.928  4.640   -11.890 1.00 68.79  ? 9   A   B "C3'" 1 
ATOM   444  O  "O3'" . A   B 2 8  ? -7.050  4.345   -12.700 1.00 71.26  ? 9   A   B "O3'" 1 
ATOM   445  C  "C2'" . A   B 2 8  ? -4.821  3.609   -12.053 1.00 66.10  ? 9   A   B "C2'" 1 
ATOM   446  O  "O2'" . A   B 2 8  ? -4.692  3.155   -13.384 1.00 65.44  ? 9   A   B "O2'" 1 
ATOM   447  C  "C1'" . A   B 2 8  ? -3.587  4.428   -11.675 1.00 66.19  ? 9   A   B "C1'" 1 
ATOM   448  N  N9    . A   B 2 8  ? -3.162  4.320   -10.279 1.00 63.27  ? 9   A   B N9    1 
ATOM   449  C  C8    . A   B 2 8  ? -3.353  5.249   -9.291  1.00 61.65  ? 9   A   B C8    1 
ATOM   450  N  N7    . A   B 2 8  ? -2.795  4.929   -8.151  1.00 60.30  ? 9   A   B N7    1 
ATOM   451  C  C5    . A   B 2 8  ? -2.207  3.699   -8.401  1.00 59.30  ? 9   A   B C5    1 
ATOM   452  C  C6    . A   B 2 8  ? -1.434  2.839   -7.601  1.00 58.48  ? 9   A   B C6    1 
ATOM   453  N  N6    . A   B 2 8  ? -1.087  3.107   -6.336  1.00 53.38  ? 9   A   B N6    1 
ATOM   454  N  N1    . A   B 2 8  ? -1.013  1.680   -8.155  1.00 60.56  ? 9   A   B N1    1 
ATOM   455  C  C2    . A   B 2 8  ? -1.341  1.419   -9.425  1.00 62.54  ? 9   A   B C2    1 
ATOM   456  N  N3    . A   B 2 8  ? -2.046  2.153   -10.280 1.00 61.70  ? 9   A   B N3    1 
ATOM   457  C  C4    . A   B 2 8  ? -2.451  3.298   -9.701  1.00 61.02  ? 9   A   B C4    1 
ATOM   458  P  P     . A   B 2 9  ? -8.379  3.777   -12.021 1.00 77.91  ? 10  A   B P     1 
ATOM   459  O  OP1   . A   B 2 9  ? -9.367  3.599   -13.111 1.00 75.38  ? 10  A   B OP1   1 
ATOM   460  O  OP2   . A   B 2 9  ? -8.713  4.614   -10.842 1.00 77.04  ? 10  A   B OP2   1 
ATOM   461  O  "O5'" . A   B 2 9  ? -7.932  2.351   -11.490 1.00 76.62  ? 10  A   B "O5'" 1 
ATOM   462  C  "C5'" . A   B 2 9  ? -7.533  1.342   -12.401 1.00 68.28  ? 10  A   B "C5'" 1 
ATOM   463  C  "C4'" . A   B 2 9  ? -6.955  0.159   -11.660 1.00 65.13  ? 10  A   B "C4'" 1 
ATOM   464  O  "O4'" . A   B 2 9  ? -5.669  0.521   -11.090 1.00 62.37  ? 10  A   B "O4'" 1 
ATOM   465  C  "C3'" . A   B 2 9  ? -7.764  -0.300  -10.464 1.00 63.76  ? 10  A   B "C3'" 1 
ATOM   466  O  "O3'" . A   B 2 9  ? -8.822  -1.154  -10.862 1.00 62.21  ? 10  A   B "O3'" 1 
ATOM   467  C  "C2'" . A   B 2 9  ? -6.721  -1.028  -9.632  1.00 63.48  ? 10  A   B "C2'" 1 
ATOM   468  O  "O2'" . A   B 2 9  ? -6.475  -2.331  -10.101 1.00 63.04  ? 10  A   B "O2'" 1 
ATOM   469  C  "C1'" . A   B 2 9  ? -5.486  -0.160  -9.866  1.00 61.33  ? 10  A   B "C1'" 1 
ATOM   470  N  N9    . A   B 2 9  ? -5.254  0.817   -8.810  1.00 61.13  ? 10  A   B N9    1 
ATOM   471  C  C8    . A   B 2 9  ? -5.614  2.140   -8.741  1.00 60.22  ? 10  A   B C8    1 
ATOM   472  N  N7    . A   B 2 9  ? -5.254  2.726   -7.625  1.00 59.25  ? 10  A   B N7    1 
ATOM   473  C  C5    . A   B 2 9  ? -4.609  1.719   -6.916  1.00 59.18  ? 10  A   B C5    1 
ATOM   474  C  C6    . A   B 2 9  ? -3.989  1.691   -5.656  1.00 60.04  ? 10  A   B C6    1 
ATOM   475  N  N6    . A   B 2 9  ? -3.903  2.746   -4.851  1.00 60.35  ? 10  A   B N6    1 
ATOM   476  N  N1    . A   B 2 9  ? -3.447  0.522   -5.246  1.00 60.58  ? 10  A   B N1    1 
ATOM   477  C  C2    . A   B 2 9  ? -3.522  -0.538  -6.057  1.00 59.98  ? 10  A   B C2    1 
ATOM   478  N  N3    . A   B 2 9  ? -4.070  -0.635  -7.260  1.00 58.60  ? 10  A   B N3    1 
ATOM   479  C  C4    . A   B 2 9  ? -4.602  0.543   -7.635  1.00 60.03  ? 10  A   B C4    1 
ATOM   480  P  P     . G   B 2 10 ? -10.213 -1.099  -10.074 1.00 61.69  ? 11  G   B P     1 
ATOM   481  O  OP1   . G   B 2 10 ? -11.144 -2.021  -10.757 1.00 62.15  ? 11  G   B OP1   1 
ATOM   482  O  OP2   . G   B 2 10 ? -10.591 0.319   -9.885  1.00 59.96  ? 11  G   B OP2   1 
ATOM   483  O  "O5'" . G   B 2 10 ? -9.850  -1.723  -8.660  1.00 59.32  ? 11  G   B "O5'" 1 
ATOM   484  C  "C5'" . G   B 2 10 ? -9.444  -3.076  -8.565  1.00 51.15  ? 11  G   B "C5'" 1 
ATOM   485  C  "C4'" . G   B 2 10 ? -8.809  -3.344  -7.228  1.00 54.90  ? 11  G   B "C4'" 1 
ATOM   486  O  "O4'" . G   B 2 10 ? -7.633  -2.505  -7.102  1.00 53.60  ? 11  G   B "O4'" 1 
ATOM   487  C  "C3'" . G   B 2 10 ? -9.637  -2.986  -6.006  1.00 54.48  ? 11  G   B "C3'" 1 
ATOM   488  O  "O3'" . G   B 2 10 ? -10.565 -3.998  -5.645  1.00 54.04  ? 11  G   B "O3'" 1 
ATOM   489  C  "C2'" . G   B 2 10 ? -8.562  -2.803  -4.948  1.00 54.51  ? 11  G   B "C2'" 1 
ATOM   490  O  "O2'" . G   B 2 10 ? -8.049  -4.040  -4.500  1.00 54.96  ? 11  G   B "O2'" 1 
ATOM   491  C  "C1'" . G   B 2 10 ? -7.479  -2.097  -5.754  1.00 53.95  ? 11  G   B "C1'" 1 
ATOM   492  N  N9    . G   B 2 10 ? -7.609  -0.646  -5.690  1.00 54.13  ? 11  G   B N9    1 
ATOM   493  C  C8    . G   B 2 10 ? -8.163  0.187   -6.632  1.00 52.40  ? 11  G   B C8    1 
ATOM   494  N  N7    . G   B 2 10 ? -8.120  1.448   -6.294  1.00 53.56  ? 11  G   B N7    1 
ATOM   495  C  C5    . G   B 2 10 ? -7.504  1.448   -5.051  1.00 51.21  ? 11  G   B C5    1 
ATOM   496  C  C6    . G   B 2 10 ? -7.178  2.522   -4.188  1.00 52.17  ? 11  G   B C6    1 
ATOM   497  O  O6    . G   B 2 10 ? -7.386  3.735   -4.344  1.00 52.96  ? 11  G   B O6    1 
ATOM   498  N  N1    . G   B 2 10 ? -6.546  2.066   -3.033  1.00 48.84  ? 11  G   B N1    1 
ATOM   499  C  C2    . G   B 2 10 ? -6.272  0.748   -2.743  1.00 48.51  ? 11  G   B C2    1 
ATOM   500  N  N2    . G   B 2 10 ? -5.642  0.503   -1.587  1.00 46.53  ? 11  G   B N2    1 
ATOM   501  N  N3    . G   B 2 10 ? -6.585  -0.257  -3.529  1.00 48.55  ? 11  G   B N3    1 
ATOM   502  C  C4    . G   B 2 10 ? -7.188  0.161   -4.662  1.00 51.38  ? 11  G   B C4    1 
ATOM   503  P  P     . G   B 2 11 ? -11.857 -3.608  -4.770  1.00 54.88  ? 12  G   B P     1 
ATOM   504  O  OP1   . G   B 2 11 ? -12.764 -4.779  -4.731  1.00 60.29  ? 12  G   B OP1   1 
ATOM   505  O  OP2   . G   B 2 11 ? -12.359 -2.303  -5.266  1.00 54.51  ? 12  G   B OP2   1 
ATOM   506  O  "O5'" . G   B 2 11 ? -11.287 -3.413  -3.296  1.00 53.88  ? 12  G   B "O5'" 1 
ATOM   507  C  "C5'" . G   B 2 11 ? -10.711 -4.512  -2.593  1.00 54.61  ? 12  G   B "C5'" 1 
ATOM   508  C  "C4'" . G   B 2 11 ? -10.098 -4.063  -1.288  1.00 55.13  ? 12  G   B "C4'" 1 
ATOM   509  O  "O4'" . G   B 2 11 ? -9.047  -3.103  -1.566  1.00 57.12  ? 12  G   B "O4'" 1 
ATOM   510  C  "C3'" . G   B 2 11 ? -11.018 -3.293  -0.365  1.00 56.24  ? 12  G   B "C3'" 1 
ATOM   511  O  "O3'" . G   B 2 11 ? -11.877 -4.131  0.373   1.00 55.10  ? 12  G   B "O3'" 1 
ATOM   512  C  "C2'" . G   B 2 11 ? -10.031 -2.532  0.502   1.00 55.52  ? 12  G   B "C2'" 1 
ATOM   513  O  "O2'" . G   B 2 11 ? -9.401  -3.365  1.457   1.00 53.50  ? 12  G   B "O2'" 1 
ATOM   514  C  "C1'" . G   B 2 11 ? -9.000  -2.128  -0.539  1.00 54.36  ? 12  G   B "C1'" 1 
ATOM   515  N  N9    . G   B 2 11 ? -9.299  -0.821  -1.108  1.00 53.69  ? 12  G   B N9    1 
ATOM   516  C  C8    . G   B 2 11 ? -9.862  -0.541  -2.333  1.00 52.57  ? 12  G   B C8    1 
ATOM   517  N  N7    . G   B 2 11 ? -9.980  0.740   -2.562  1.00 52.04  ? 12  G   B N7    1 
ATOM   518  C  C5    . G   B 2 11 ? -9.461  1.343   -1.419  1.00 49.32  ? 12  G   B C5    1 
ATOM   519  C  C6    . G   B 2 11 ? -9.305  2.713   -1.087  1.00 47.14  ? 12  G   B C6    1 
ATOM   520  O  O6    . G   B 2 11 ? -9.595  3.711   -1.762  1.00 46.19  ? 12  G   B O6    1 
ATOM   521  N  N1    . G   B 2 11 ? -8.744  2.870   0.178   1.00 47.09  ? 12  G   B N1    1 
ATOM   522  C  C2    . G   B 2 11 ? -8.384  1.852   1.015   1.00 51.27  ? 12  G   B C2    1 
ATOM   523  N  N2    . G   B 2 11 ? -7.878  2.211   2.188   1.00 49.50  ? 12  G   B N2    1 
ATOM   524  N  N3    . G   B 2 11 ? -8.515  0.577   0.720   1.00 49.56  ? 12  G   B N3    1 
ATOM   525  C  C4    . G   B 2 11 ? -9.055  0.395   -0.509  1.00 49.44  ? 12  G   B C4    1 
ATOM   526  P  P     . G   B 2 12 ? -13.302 -3.570  0.863   1.00 56.42  ? 13  G   B P     1 
ATOM   527  O  OP1   . G   B 2 12 ? -13.937 -4.706  1.575   1.00 58.97  ? 13  G   B OP1   1 
ATOM   528  O  OP2   . G   B 2 12 ? -14.014 -2.928  -0.274  1.00 48.74  ? 13  G   B OP2   1 
ATOM   529  O  "O5'" . G   B 2 12 ? -12.931 -2.437  1.928   1.00 55.18  ? 13  G   B "O5'" 1 
ATOM   530  C  "C5'" . G   B 2 12 ? -12.206 -2.772  3.111   1.00 52.44  ? 13  G   B "C5'" 1 
ATOM   531  C  "C4'" . G   B 2 12 ? -11.844 -1.538  3.907   1.00 57.50  ? 13  G   B "C4'" 1 
ATOM   532  O  "O4'" . G   B 2 12 ? -11.015 -0.661  3.095   1.00 58.24  ? 13  G   B "O4'" 1 
ATOM   533  C  "C3'" . G   B 2 12 ? -13.015 -0.650  4.289   1.00 54.82  ? 13  G   B "C3'" 1 
ATOM   534  O  "O3'" . G   B 2 12 ? -13.804 -1.087  5.388   1.00 57.79  ? 13  G   B "O3'" 1 
ATOM   535  C  "C2'" . G   B 2 12 ? -12.343 0.693   4.528   1.00 53.90  ? 13  G   B "C2'" 1 
ATOM   536  O  "O2'" . G   B 2 12 ? -11.735 0.779   5.797   1.00 54.36  ? 13  G   B "O2'" 1 
ATOM   537  C  "C1'" . G   B 2 12 ? -11.267 0.692   3.446   1.00 51.91  ? 13  G   B "C1'" 1 
ATOM   538  N  N9    . G   B 2 12 ? -11.661 1.457   2.269   1.00 49.76  ? 13  G   B N9    1 
ATOM   539  C  C8    . G   B 2 12 ? -12.101 0.997   1.049   1.00 48.81  ? 13  G   B C8    1 
ATOM   540  N  N7    . G   B 2 12 ? -12.385 1.959   0.208   1.00 48.71  ? 13  G   B N7    1 
ATOM   541  C  C5    . G   B 2 12 ? -12.105 3.123   0.916   1.00 46.56  ? 13  G   B C5    1 
ATOM   542  C  C6    . G   B 2 12 ? -12.196 4.489   0.530   1.00 48.25  ? 13  G   B C6    1 
ATOM   543  O  O6    . G   B 2 12 ? -12.549 4.969   -0.561  1.00 47.56  ? 13  G   B O6    1 
ATOM   544  N  N1    . G   B 2 12 ? -11.821 5.337   1.568   1.00 46.30  ? 13  G   B N1    1 
ATOM   545  C  C2    . G   B 2 12 ? -11.407 4.937   2.810   1.00 48.01  ? 13  G   B C2    1 
ATOM   546  N  N2    . G   B 2 12 ? -11.103 5.911   3.680   1.00 47.43  ? 13  G   B N2    1 
ATOM   547  N  N3    . G   B 2 12 ? -11.303 3.678   3.178   1.00 45.85  ? 13  G   B N3    1 
ATOM   548  C  C4    . G   B 2 12 ? -11.666 2.832   2.188   1.00 47.22  ? 13  G   B C4    1 
ATOM   549  O  "O5'" . G   C 3 1  ? -13.659 5.643   13.971  1.00 60.34  ? 15  G   C "O5'" 1 
ATOM   550  C  "C5'" . G   C 3 1  ? -14.027 6.934   13.510  1.00 56.33  ? 15  G   C "C5'" 1 
ATOM   551  C  "C4'" . G   C 3 1  ? -13.434 8.008   14.385  1.00 59.72  ? 15  G   C "C4'" 1 
ATOM   552  O  "O4'" . G   C 3 1  ? -13.982 7.881   15.720  1.00 62.10  ? 15  G   C "O4'" 1 
ATOM   553  C  "C3'" . G   C 3 1  ? -11.935 7.917   14.603  1.00 58.16  ? 15  G   C "C3'" 1 
ATOM   554  O  "O3'" . G   C 3 1  ? -11.242 8.548   13.540  1.00 57.93  ? 15  G   C "O3'" 1 
ATOM   555  C  "C2'" . G   C 3 1  ? -11.755 8.667   15.916  1.00 59.71  ? 15  G   C "C2'" 1 
ATOM   556  O  "O2'" . G   C 3 1  ? -11.781 10.069  15.756  1.00 59.69  ? 15  G   C "O2'" 1 
ATOM   557  C  "C1'" . G   C 3 1  ? -13.005 8.238   16.679  1.00 58.87  ? 15  G   C "C1'" 1 
ATOM   558  N  N9    . G   C 3 1  ? -12.799 7.108   17.576  1.00 59.25  ? 15  G   C N9    1 
ATOM   559  C  C8    . G   C 3 1  ? -13.231 5.814   17.405  1.00 58.16  ? 15  G   C C8    1 
ATOM   560  N  N7    . G   C 3 1  ? -12.899 5.026   18.393  1.00 59.23  ? 15  G   C N7    1 
ATOM   561  C  C5    . G   C 3 1  ? -12.202 5.851   19.264  1.00 59.07  ? 15  G   C C5    1 
ATOM   562  C  C6    . G   C 3 1  ? -11.599 5.568   20.508  1.00 58.86  ? 15  G   C C6    1 
ATOM   563  O  O6    . G   C 3 1  ? -11.558 4.495   21.113  1.00 62.01  ? 15  G   C O6    1 
ATOM   564  N  N1    . G   C 3 1  ? -10.997 6.698   21.057  1.00 58.01  ? 15  G   C N1    1 
ATOM   565  C  C2    . G   C 3 1  ? -10.979 7.948   20.482  1.00 59.12  ? 15  G   C C2    1 
ATOM   566  N  N2    . G   C 3 1  ? -10.346 8.916   21.160  1.00 59.22  ? 15  G   C N2    1 
ATOM   567  N  N3    . G   C 3 1  ? -11.541 8.227   19.323  1.00 60.42  ? 15  G   C N3    1 
ATOM   568  C  C4    . G   C 3 1  ? -12.130 7.139   18.773  1.00 59.67  ? 15  G   C C4    1 
ATOM   569  P  P     . G   C 3 2  ? -9.780  8.033   13.120  1.00 55.58  ? 16  G   C P     1 
ATOM   570  O  OP1   . G   C 3 2  ? -9.505  8.599   11.779  1.00 58.73  ? 16  G   C OP1   1 
ATOM   571  O  OP2   . G   C 3 2  ? -9.676  6.567   13.339  1.00 55.22  ? 16  G   C OP2   1 
ATOM   572  O  "O5'" . G   C 3 2  ? -8.810  8.746   14.154  1.00 57.21  ? 16  G   C "O5'" 1 
ATOM   573  C  "C5'" . G   C 3 2  ? -8.685  10.160  14.170  1.00 60.79  ? 16  G   C "C5'" 1 
ATOM   574  C  "C4'" . G   C 3 2  ? -7.855  10.576  15.346  1.00 62.02  ? 16  G   C "C4'" 1 
ATOM   575  O  "O4'" . G   C 3 2  ? -8.597  10.319  16.565  1.00 66.77  ? 16  G   C "O4'" 1 
ATOM   576  C  "C3'" . G   C 3 2  ? -6.589  9.765   15.511  1.00 65.61  ? 16  G   C "C3'" 1 
ATOM   577  O  "O3'" . G   C 3 2  ? -5.537  10.242  14.699  1.00 63.10  ? 16  G   C "O3'" 1 
ATOM   578  C  "C2'" . G   C 3 2  ? -6.299  9.935   16.988  1.00 64.57  ? 16  G   C "C2'" 1 
ATOM   579  O  "O2'" . G   C 3 2  ? -5.705  11.187  17.263  1.00 64.03  ? 16  G   C "O2'" 1 
ATOM   580  C  "C1'" . G   C 3 2  ? -7.711  9.867   17.571  1.00 68.43  ? 16  G   C "C1'" 1 
ATOM   581  N  N9    . G   C 3 2  ? -8.075  8.494   17.892  1.00 68.96  ? 16  G   C N9    1 
ATOM   582  C  C8    . G   C 3 2  ? -8.785  7.618   17.104  1.00 68.72  ? 16  G   C C8    1 
ATOM   583  N  N7    . G   C 3 2  ? -8.954  6.449   17.657  1.00 70.92  ? 16  G   C N7    1 
ATOM   584  C  C5    . G   C 3 2  ? -8.323  6.560   18.891  1.00 68.42  ? 16  G   C C5    1 
ATOM   585  C  C6    . G   C 3 2  ? -8.183  5.619   19.937  1.00 68.12  ? 16  G   C C6    1 
ATOM   586  O  O6    . G   C 3 2  ? -8.617  4.461   19.997  1.00 68.80  ? 16  G   C O6    1 
ATOM   587  N  N1    . G   C 3 2  ? -7.454  6.148   21.002  1.00 68.13  ? 16  G   C N1    1 
ATOM   588  C  C2    . G   C 3 2  ? -6.932  7.421   21.054  1.00 69.31  ? 16  G   C C2    1 
ATOM   589  N  N2    . G   C 3 2  ? -6.247  7.742   22.155  1.00 68.39  ? 16  G   C N2    1 
ATOM   590  N  N3    . G   C 3 2  ? -7.070  8.311   20.091  1.00 68.40  ? 16  G   C N3    1 
ATOM   591  C  C4    . G   C 3 2  ? -7.772  7.815   19.043  1.00 68.54  ? 16  G   C C4    1 
ATOM   592  P  P     . C   C 3 3  ? -4.438  9.208   14.168  1.00 64.58  ? 17  C   C P     1 
ATOM   593  O  OP1   . C   C 3 3  ? -3.548  9.929   13.221  1.00 67.07  ? 17  C   C OP1   1 
ATOM   594  O  OP2   . C   C 3 3  ? -5.159  7.985   13.731  1.00 63.44  ? 17  C   C OP2   1 
ATOM   595  O  "O5'" . C   C 3 3  ? -3.605  8.828   15.468  1.00 63.66  ? 17  C   C "O5'" 1 
ATOM   596  C  "C5'" . C   C 3 3  ? -2.745  9.781   16.072  1.00 65.98  ? 17  C   C "C5'" 1 
ATOM   597  C  "C4'" . C   C 3 3  ? -2.169  9.235   17.351  1.00 66.83  ? 17  C   C "C4'" 1 
ATOM   598  O  "O4'" . C   C 3 3  ? -3.263  8.958   18.263  1.00 69.10  ? 17  C   C "O4'" 1 
ATOM   599  C  "C3'" . C   C 3 3  ? -1.454  7.898   17.248  1.00 66.65  ? 17  C   C "C3'" 1 
ATOM   600  O  "O3'" . C   C 3 3  ? -0.126  7.978   16.766  1.00 67.23  ? 17  C   C "O3'" 1 
ATOM   601  C  "C2'" . C   C 3 3  ? -1.542  7.386   18.677  1.00 65.87  ? 17  C   C "C2'" 1 
ATOM   602  O  "O2'" . C   C 3 3  ? -0.627  8.019   19.552  1.00 65.45  ? 17  C   C "O2'" 1 
ATOM   603  C  "C1'" . C   C 3 3  ? -2.961  7.808   19.037  1.00 65.06  ? 17  C   C "C1'" 1 
ATOM   604  N  N1    . C   C 3 3  ? -3.905  6.741   18.682  1.00 63.36  ? 17  C   C N1    1 
ATOM   605  C  C2    . C   C 3 3  ? -4.092  5.711   19.584  1.00 61.99  ? 17  C   C C2    1 
ATOM   606  O  O2    . C   C 3 3  ? -3.453  5.728   20.655  1.00 62.25  ? 17  C   C O2    1 
ATOM   607  N  N3    . C   C 3 3  ? -4.953  4.716   19.278  1.00 60.25  ? 17  C   C N3    1 
ATOM   608  C  C4    . C   C 3 3  ? -5.605  4.728   18.118  1.00 60.29  ? 17  C   C C4    1 
ATOM   609  N  N4    . C   C 3 3  ? -6.446  3.723   17.868  1.00 56.77  ? 17  C   C N4    1 
ATOM   610  C  C5    . C   C 3 3  ? -5.428  5.768   17.172  1.00 59.32  ? 17  C   C C5    1 
ATOM   611  C  C6    . C   C 3 3  ? -4.579  6.749   17.493  1.00 60.72  ? 17  C   C C6    1 
ATOM   612  P  P     . A   C 3 4  ? 0.471   6.752   15.915  1.00 73.55  ? 18  A   C P     1 
ATOM   613  O  OP1   . A   C 3 4  ? 1.806   7.174   15.421  1.00 73.35  ? 18  A   C OP1   1 
ATOM   614  O  OP2   . A   C 3 4  ? -0.562  6.299   14.950  1.00 68.09  ? 18  A   C OP2   1 
ATOM   615  O  "O5'" . A   C 3 4  ? 0.649   5.590   16.988  1.00 71.82  ? 18  A   C "O5'" 1 
ATOM   616  C  "C5'" . A   C 3 4  ? 1.540   5.755   18.078  1.00 68.30  ? 18  A   C "C5'" 1 
ATOM   617  C  "C4'" . A   C 3 4  ? 1.499   4.553   18.985  1.00 68.97  ? 18  A   C "C4'" 1 
ATOM   618  O  "O4'" . A   C 3 4  ? 0.194   4.475   19.616  1.00 68.98  ? 18  A   C "O4'" 1 
ATOM   619  C  "C3'" . A   C 3 4  ? 1.631   3.213   18.289  1.00 69.09  ? 18  A   C "C3'" 1 
ATOM   620  O  "O3'" . A   C 3 4  ? 2.969   2.872   17.990  1.00 72.84  ? 18  A   C "O3'" 1 
ATOM   621  C  "C2'" . A   C 3 4  ? 1.000   2.272   19.300  1.00 68.70  ? 18  A   C "C2'" 1 
ATOM   622  O  "O2'" . A   C 3 4  ? 1.852   1.991   20.393  1.00 72.76  ? 18  A   C "O2'" 1 
ATOM   623  C  "C1'" . A   C 3 4  ? -0.167  3.118   19.789  1.00 65.12  ? 18  A   C "C1'" 1 
ATOM   624  N  N9    . A   C 3 4  ? -1.341  2.839   18.977  1.00 62.69  ? 18  A   C N9    1 
ATOM   625  C  C8    . A   C 3 4  ? -1.884  3.568   17.952  1.00 59.98  ? 18  A   C C8    1 
ATOM   626  N  N7    . A   C 3 4  ? -2.954  3.019   17.427  1.00 59.68  ? 18  A   C N7    1 
ATOM   627  C  C5    . A   C 3 4  ? -3.124  1.851   18.161  1.00 57.05  ? 18  A   C C5    1 
ATOM   628  C  C6    . A   C 3 4  ? -4.083  0.830   18.111  1.00 55.49  ? 18  A   C C6    1 
ATOM   629  N  N6    . A   C 3 4  ? -5.111  0.824   17.266  1.00 52.71  ? 18  A   C N6    1 
ATOM   630  N  N1    . A   C 3 4  ? -3.952  -0.199  18.976  1.00 54.91  ? 18  A   C N1    1 
ATOM   631  C  C2    . A   C 3 4  ? -2.926  -0.185  19.840  1.00 57.26  ? 18  A   C C2    1 
ATOM   632  N  N3    . A   C 3 4  ? -1.970  0.724   19.993  1.00 58.15  ? 18  A   C N3    1 
ATOM   633  C  C4    . A   C 3 4  ? -2.130  1.727   19.113  1.00 59.22  ? 18  A   C C4    1 
ATOM   634  P  P     . G   C 3 5  ? 3.274   1.890   16.756  1.00 80.53  ? 19  G   C P     1 
ATOM   635  O  OP1   . G   C 3 5  ? 4.750   1.886   16.576  1.00 74.46  ? 19  G   C OP1   1 
ATOM   636  O  OP2   . G   C 3 5  ? 2.395   2.264   15.615  1.00 80.77  ? 19  G   C OP2   1 
ATOM   637  O  "O5'" . G   C 3 5  ? 2.806   0.461   17.286  1.00 75.27  ? 19  G   C "O5'" 1 
ATOM   638  C  "C5'" . G   C 3 5  ? 3.420   -0.102  18.435  1.00 68.23  ? 19  G   C "C5'" 1 
ATOM   639  C  "C4'" . G   C 3 5  ? 2.758   -1.403  18.829  1.00 69.41  ? 19  G   C "C4'" 1 
ATOM   640  O  "O4'" . G   C 3 5  ? 1.381   -1.146  19.215  1.00 70.57  ? 19  G   C "O4'" 1 
ATOM   641  C  "C3'" . G   C 3 5  ? 2.613   -2.431  17.720  1.00 69.96  ? 19  G   C "C3'" 1 
ATOM   642  O  "O3'" . G   C 3 5  ? 3.809   -3.151  17.463  1.00 73.97  ? 19  G   C "O3'" 1 
ATOM   643  C  "C2'" . G   C 3 5  ? 1.479   -3.306  18.240  1.00 70.94  ? 19  G   C "C2'" 1 
ATOM   644  O  "O2'" . G   C 3 5  ? 1.860   -4.226  19.241  1.00 70.51  ? 19  G   C "O2'" 1 
ATOM   645  C  "C1'" . G   C 3 5  ? 0.575   -2.260  18.874  1.00 70.08  ? 19  G   C "C1'" 1 
ATOM   646  N  N9    . G   C 3 5  ? -0.462  -1.851  17.943  1.00 69.33  ? 19  G   C N9    1 
ATOM   647  C  C8    . G   C 3 5  ? -0.555  -0.690  17.215  1.00 69.20  ? 19  G   C C8    1 
ATOM   648  N  N7    . G   C 3 5  ? -1.618  -0.649  16.457  1.00 67.48  ? 19  G   C N7    1 
ATOM   649  C  C5    . G   C 3 5  ? -2.261  -1.855  16.712  1.00 66.96  ? 19  G   C C5    1 
ATOM   650  C  C6    . G   C 3 5  ? -3.465  -2.385  16.191  1.00 66.11  ? 19  G   C C6    1 
ATOM   651  O  O6    . G   C 3 5  ? -4.254  -1.864  15.389  1.00 66.27  ? 19  G   C O6    1 
ATOM   652  N  N1    . G   C 3 5  ? -3.728  -3.656  16.703  1.00 65.84  ? 19  G   C N1    1 
ATOM   653  C  C2    . G   C 3 5  ? -2.941  -4.325  17.605  1.00 67.08  ? 19  G   C C2    1 
ATOM   654  N  N2    . G   C 3 5  ? -3.348  -5.556  17.963  1.00 66.22  ? 19  G   C N2    1 
ATOM   655  N  N3    . G   C 3 5  ? -1.833  -3.829  18.112  1.00 67.06  ? 19  G   C N3    1 
ATOM   656  C  C4    . G   C 3 5  ? -1.554  -2.605  17.621  1.00 68.28  ? 19  G   C C4    1 
ATOM   657  P  P     . A   C 3 6  ? 4.147   -3.622  15.958  1.00 80.34  ? 20  A   C P     1 
ATOM   658  O  OP1   . A   C 3 6  ? 5.466   -4.313  16.007  1.00 76.05  ? 20  A   C OP1   1 
ATOM   659  O  OP2   . A   C 3 6  ? 3.954   -2.465  15.034  1.00 74.29  ? 20  A   C OP2   1 
ATOM   660  O  "O5'" . A   C 3 6  ? 3.026   -4.712  15.650  1.00 73.59  ? 20  A   C "O5'" 1 
ATOM   661  C  "C5'" . A   C 3 6  ? 2.967   -5.899  16.423  1.00 71.53  ? 20  A   C "C5'" 1 
ATOM   662  C  "C4'" . A   C 3 6  ? 1.730   -6.693  16.094  1.00 69.36  ? 20  A   C "C4'" 1 
ATOM   663  O  "O4'" . A   C 3 6  ? 0.561   -5.911  16.437  1.00 66.68  ? 20  A   C "O4'" 1 
ATOM   664  C  "C3'" . A   C 3 6  ? 1.532   -7.020  14.626  1.00 67.56  ? 20  A   C "C3'" 1 
ATOM   665  O  "O3'" . A   C 3 6  ? 2.258   -8.166  14.226  1.00 68.11  ? 20  A   C "O3'" 1 
ATOM   666  C  "C2'" . A   C 3 6  ? 0.031   -7.252  14.552  1.00 65.44  ? 20  A   C "C2'" 1 
ATOM   667  O  "O2'" . A   C 3 6  ? -0.371  -8.526  15.008  1.00 63.46  ? 20  A   C "O2'" 1 
ATOM   668  C  "C1'" . A   C 3 6  ? -0.476  -6.181  15.510  1.00 65.86  ? 20  A   C "C1'" 1 
ATOM   669  N  N9    . A   C 3 6  ? -0.796  -4.953  14.786  1.00 63.20  ? 20  A   C N9    1 
ATOM   670  C  C8    . A   C 3 6  ? -0.090  -3.773  14.675  1.00 62.10  ? 20  A   C C8    1 
ATOM   671  N  N7    . A   C 3 6  ? -0.685  -2.872  13.929  1.00 59.69  ? 20  A   C N7    1 
ATOM   672  C  C5    . A   C 3 6  ? -1.857  -3.500  13.526  1.00 55.39  ? 20  A   C C5    1 
ATOM   673  C  C6    . A   C 3 6  ? -2.921  -3.077  12.732  1.00 54.91  ? 20  A   C C6    1 
ATOM   674  N  N6    . A   C 3 6  ? -2.995  -1.858  12.186  1.00 53.21  ? 20  A   C N6    1 
ATOM   675  N  N1    . A   C 3 6  ? -3.930  -3.954  12.514  1.00 58.21  ? 20  A   C N1    1 
ATOM   676  C  C2    . A   C 3 6  ? -3.864  -5.169  13.075  1.00 58.43  ? 20  A   C C2    1 
ATOM   677  N  N3    . A   C 3 6  ? -2.920  -5.679  13.853  1.00 58.94  ? 20  A   C N3    1 
ATOM   678  C  C4    . A   C 3 6  ? -1.933  -4.782  14.042  1.00 58.73  ? 20  A   C C4    1 
ATOM   679  P  P     . G   C 3 7  ? 2.741   -8.296  12.706  1.00 73.63  ? 21  G   C P     1 
ATOM   680  O  OP1   . G   C 3 7  ? 3.342   -9.636  12.501  1.00 72.59  ? 21  G   C OP1   1 
ATOM   681  O  OP2   . G   C 3 7  ? 3.528   -7.075  12.398  1.00 68.98  ? 21  G   C OP2   1 
ATOM   682  O  "O5'" . G   C 3 7  ? 1.384   -8.254  11.885  1.00 69.96  ? 21  G   C "O5'" 1 
ATOM   683  C  "C5'" . G   C 3 7  ? 0.450   -9.319  11.982  1.00 67.07  ? 21  G   C "C5'" 1 
ATOM   684  C  "C4'" . G   C 3 7  ? -0.738  -9.046  11.099  1.00 68.25  ? 21  G   C "C4'" 1 
ATOM   685  O  "O4'" . G   C 3 7  ? -1.409  -7.850  11.573  1.00 68.36  ? 21  G   C "O4'" 1 
ATOM   686  C  "C3'" . G   C 3 7  ? -0.407  -8.726  9.654   1.00 66.22  ? 21  G   C "C3'" 1 
ATOM   687  O  "O3'" . G   C 3 7  ? -0.264  -9.904  8.889   1.00 67.75  ? 21  G   C "O3'" 1 
ATOM   688  C  "C2'" . G   C 3 7  ? -1.633  -7.946  9.219   1.00 64.36  ? 21  G   C "C2'" 1 
ATOM   689  O  "O2'" . G   C 3 7  ? -2.726  -8.809  8.988   1.00 66.65  ? 21  G   C "O2'" 1 
ATOM   690  C  "C1'" . G   C 3 7  ? -1.918  -7.121  10.470  1.00 60.93  ? 21  G   C "C1'" 1 
ATOM   691  N  N9    . G   C 3 7  ? -1.269  -5.813  10.434  1.00 56.83  ? 21  G   C N9    1 
ATOM   692  C  C8    . G   C 3 7  ? -0.016  -5.481  10.913  1.00 54.20  ? 21  G   C C8    1 
ATOM   693  N  N7    . G   C 3 7  ? 0.285   -4.219  10.741  1.00 55.77  ? 21  G   C N7    1 
ATOM   694  C  C5    . G   C 3 7  ? -0.837  -3.681  10.108  1.00 56.54  ? 21  G   C C5    1 
ATOM   695  C  C6    . G   C 3 7  ? -1.112  -2.344  9.668   1.00 57.37  ? 21  G   C C6    1 
ATOM   696  O  O6    . G   C 3 7  ? -0.395  -1.328  9.754   1.00 62.36  ? 21  G   C O6    1 
ATOM   697  N  N1    . G   C 3 7  ? -2.373  -2.255  9.073   1.00 54.35  ? 21  G   C N1    1 
ATOM   698  C  C2    . G   C 3 7  ? -3.259  -3.297  8.916   1.00 55.96  ? 21  G   C C2    1 
ATOM   699  N  N2    . G   C 3 7  ? -4.417  -3.009  8.308   1.00 54.04  ? 21  G   C N2    1 
ATOM   700  N  N3    . G   C 3 7  ? -3.024  -4.533  9.323   1.00 55.75  ? 21  G   C N3    1 
ATOM   701  C  C4    . G   C 3 7  ? -1.802  -4.654  9.906   1.00 55.13  ? 21  G   C C4    1 
ATOM   702  P  P     . A   C 3 8  ? 0.977   -10.052 7.893   1.00 72.14  ? 22  A   C P     1 
ATOM   703  O  OP1   . A   C 3 8  ? 2.072   -10.699 8.646   1.00 72.07  ? 22  A   C OP1   1 
ATOM   704  O  OP2   . A   C 3 8  ? 1.219   -8.755  7.218   1.00 72.18  ? 22  A   C OP2   1 
ATOM   705  O  "O5'" . A   C 3 8  ? 0.441   -11.079 6.807   1.00 69.77  ? 22  A   C "O5'" 1 
ATOM   706  C  "C5'" . A   C 3 8  ? -0.208  -10.624 5.629   1.00 68.71  ? 22  A   C "C5'" 1 
ATOM   707  C  "C4'" . A   C 3 8  ? -1.634  -11.116 5.599   1.00 68.95  ? 22  A   C "C4'" 1 
ATOM   708  O  "O4'" . A   C 3 8  ? -2.463  -10.272 6.446   1.00 65.87  ? 22  A   C "O4'" 1 
ATOM   709  C  "C3'" . A   C 3 8  ? -2.286  -11.014 4.237   1.00 68.05  ? 22  A   C "C3'" 1 
ATOM   710  O  "O3'" . A   C 3 8  ? -1.940  -12.157 3.473   1.00 68.36  ? 22  A   C "O3'" 1 
ATOM   711  C  "C2'" . A   C 3 8  ? -3.766  -10.965 4.585   1.00 66.93  ? 22  A   C "C2'" 1 
ATOM   712  O  "O2'" . A   C 3 8  ? -4.312  -12.239 4.850   1.00 68.21  ? 22  A   C "O2'" 1 
ATOM   713  C  "C1'" . A   C 3 8  ? -3.749  -10.122 5.862   1.00 64.56  ? 22  A   C "C1'" 1 
ATOM   714  N  N9    . A   C 3 8  ? -3.971  -8.699  5.592   1.00 62.82  ? 22  A   C N9    1 
ATOM   715  C  C8    . A   C 3 8  ? -3.073  -7.666  5.719   1.00 61.98  ? 22  A   C C8    1 
ATOM   716  N  N7    . A   C 3 8  ? -3.558  -6.497  5.378   1.00 60.28  ? 22  A   C N7    1 
ATOM   717  C  C5    . A   C 3 8  ? -4.868  -6.775  5.008   1.00 59.31  ? 22  A   C C5    1 
ATOM   718  C  C6    . A   C 3 8  ? -5.912  -5.955  4.542   1.00 59.41  ? 22  A   C C6    1 
ATOM   719  N  N6    . A   C 3 8  ? -5.789  -4.643  4.362   1.00 56.56  ? 22  A   C N6    1 
ATOM   720  N  N1    . A   C 3 8  ? -7.097  -6.540  4.262   1.00 58.29  ? 22  A   C N1    1 
ATOM   721  C  C2    . A   C 3 8  ? -7.215  -7.861  4.443   1.00 59.76  ? 22  A   C C2    1 
ATOM   722  N  N3    . A   C 3 8  ? -6.305  -8.739  4.874   1.00 62.42  ? 22  A   C N3    1 
ATOM   723  C  C4    . A   C 3 8  ? -5.139  -8.125  5.142   1.00 60.41  ? 22  A   C C4    1 
ATOM   724  P  P     . A   C 3 9  ? -1.604  -11.996 1.917   1.00 72.14  ? 23  A   C P     1 
ATOM   725  O  OP1   . A   C 3 9  ? -1.196  -13.321 1.390   1.00 73.66  ? 23  A   C OP1   1 
ATOM   726  O  OP2   . A   C 3 9  ? -0.703  -10.833 1.750   1.00 67.36  ? 23  A   C OP2   1 
ATOM   727  O  "O5'" . A   C 3 9  ? -3.022  -11.657 1.295   1.00 66.72  ? 23  A   C "O5'" 1 
ATOM   728  C  "C5'" . A   C 3 9  ? -4.130  -12.503 1.564   1.00 62.36  ? 23  A   C "C5'" 1 
ATOM   729  C  "C4'" . A   C 3 9  ? -5.413  -11.817 1.186   1.00 64.33  ? 23  A   C "C4'" 1 
ATOM   730  O  "O4'" . A   C 3 9  ? -5.644  -10.706 2.092   1.00 65.64  ? 23  A   C "O4'" 1 
ATOM   731  C  "C3'" . A   C 3 9  ? -5.413  -11.174 -0.189  1.00 63.45  ? 23  A   C "C3'" 1 
ATOM   732  O  "O3'" . A   C 3 9  ? -5.716  -12.121 -1.202  1.00 63.05  ? 23  A   C "O3'" 1 
ATOM   733  C  "C2'" . A   C 3 9  ? -6.500  -10.118 -0.043  1.00 62.70  ? 23  A   C "C2'" 1 
ATOM   734  O  "O2'" . A   C 3 9  ? -7.804  -10.646 -0.145  1.00 58.81  ? 23  A   C "O2'" 1 
ATOM   735  C  "C1'" . A   C 3 9  ? -6.269  -9.642  1.390   1.00 63.81  ? 23  A   C "C1'" 1 
ATOM   736  N  N9    . A   C 3 9  ? -5.395  -8.468  1.427   1.00 62.48  ? 23  A   C N9    1 
ATOM   737  C  C8    . A   C 3 9  ? -4.067  -8.394  1.768   1.00 60.81  ? 23  A   C C8    1 
ATOM   738  N  N7    . A   C 3 9  ? -3.567  -7.187  1.673   1.00 59.70  ? 23  A   C N7    1 
ATOM   739  C  C5    . A   C 3 9  ? -4.637  -6.416  1.245   1.00 57.16  ? 23  A   C C5    1 
ATOM   740  C  C6    . A   C 3 9  ? -4.760  -5.057  0.955   1.00 56.71  ? 23  A   C C6    1 
ATOM   741  N  N6    . A   C 3 9  ? -3.753  -4.187  1.047   1.00 51.86  ? 23  A   C N6    1 
ATOM   742  N  N1    . A   C 3 9  ? -5.970  -4.606  0.559   1.00 57.08  ? 23  A   C N1    1 
ATOM   743  C  C2    . A   C 3 9  ? -6.980  -5.474  0.464   1.00 57.98  ? 23  A   C C2    1 
ATOM   744  N  N3    . A   C 3 9  ? -6.990  -6.773  0.704   1.00 58.95  ? 23  A   C N3    1 
ATOM   745  C  C4    . A   C 3 9  ? -5.771  -7.190  1.097   1.00 58.73  ? 23  A   C C4    1 
ATOM   746  P  P     . A   C 3 10 ? -5.267  -11.837 -2.717  1.00 66.44  ? 24  A   C P     1 
ATOM   747  O  OP1   . A   C 3 10 ? -5.803  -12.947 -3.554  1.00 68.54  ? 24  A   C OP1   1 
ATOM   748  O  OP2   . A   C 3 10 ? -3.810  -11.524 -2.745  1.00 62.47  ? 24  A   C OP2   1 
ATOM   749  O  "O5'" . A   C 3 10 ? -6.048  -10.505 -3.101  1.00 63.90  ? 24  A   C "O5'" 1 
ATOM   750  C  "C5'" . A   C 3 10 ? -7.453  -10.518 -3.354  1.00 61.15  ? 24  A   C "C5'" 1 
ATOM   751  C  "C4'" . A   C 3 10 ? -7.893  -9.164  -3.846  1.00 61.63  ? 24  A   C "C4'" 1 
ATOM   752  O  "O4'" . A   C 3 10 ? -7.694  -8.193  -2.789  1.00 63.57  ? 24  A   C "O4'" 1 
ATOM   753  C  "C3'" . A   C 3 10 ? -7.079  -8.622  -5.001  1.00 60.76  ? 24  A   C "C3'" 1 
ATOM   754  O  "O3'" . A   C 3 10 ? -7.544  -9.124  -6.238  1.00 56.87  ? 24  A   C "O3'" 1 
ATOM   755  C  "C2'" . A   C 3 10 ? -7.289  -7.124  -4.858  1.00 62.65  ? 24  A   C "C2'" 1 
ATOM   756  O  "O2'" . A   C 3 10 ? -8.556  -6.726  -5.330  1.00 62.96  ? 24  A   C "O2'" 1 
ATOM   757  C  "C1'" . A   C 3 10 ? -7.246  -6.969  -3.340  1.00 59.90  ? 24  A   C "C1'" 1 
ATOM   758  N  N9    . A   C 3 10 ? -5.886  -6.740  -2.856  1.00 60.38  ? 24  A   C N9    1 
ATOM   759  C  C8    . A   C 3 10 ? -5.027  -7.664  -2.316  1.00 60.54  ? 24  A   C C8    1 
ATOM   760  N  N7    . A   C 3 10 ? -3.865  -7.168  -1.966  1.00 58.64  ? 24  A   C N7    1 
ATOM   761  C  C5    . A   C 3 10 ? -3.965  -5.827  -2.301  1.00 56.79  ? 24  A   C C5    1 
ATOM   762  C  C6    . A   C 3 10 ? -3.068  -4.758  -2.184  1.00 56.31  ? 24  A   C C6    1 
ATOM   763  N  N6    . A   C 3 10 ? -1.836  -4.887  -1.678  1.00 55.45  ? 24  A   C N6    1 
ATOM   764  N  N1    . A   C 3 10 ? -3.480  -3.541  -2.609  1.00 57.03  ? 24  A   C N1    1 
ATOM   765  C  C2    . A   C 3 10 ? -4.713  -3.424  -3.119  1.00 56.68  ? 24  A   C C2    1 
ATOM   766  N  N3    . A   C 3 10 ? -5.645  -4.354  -3.285  1.00 57.01  ? 24  A   C N3    1 
ATOM   767  C  C4    . A   C 3 10 ? -5.203  -5.548  -2.850  1.00 58.32  ? 24  A   C C4    1 
ATOM   768  P  P     . C   C 3 11 ? -6.538  -9.208  -7.481  1.00 61.93  ? 25  C   C P     1 
ATOM   769  O  OP1   . C   C 3 11 ? -7.339  -9.530  -8.684  1.00 60.22  ? 25  C   C OP1   1 
ATOM   770  O  OP2   . C   C 3 11 ? -5.393  -10.074 -7.098  1.00 58.30  ? 25  C   C OP2   1 
ATOM   771  O  "O5'" . C   C 3 11 ? -5.988  -7.723  -7.625  1.00 56.98  ? 25  C   C "O5'" 1 
ATOM   772  C  "C5'" . C   C 3 11 ? -6.831  -6.681  -8.076  1.00 54.51  ? 25  C   C "C5'" 1 
ATOM   773  C  "C4'" . C   C 3 11 ? -6.076  -5.381  -8.107  1.00 55.85  ? 25  C   C "C4'" 1 
ATOM   774  O  "O4'" . C   C 3 11 ? -5.605  -5.080  -6.772  1.00 56.49  ? 25  C   C "O4'" 1 
ATOM   775  C  "C3'" . C   C 3 11 ? -4.808  -5.386  -8.938  1.00 55.75  ? 25  C   C "C3'" 1 
ATOM   776  O  "O3'" . C   C 3 11 ? -5.091  -5.136  -10.303 1.00 56.88  ? 25  C   C "O3'" 1 
ATOM   777  C  "C2'" . C   C 3 11 ? -4.019  -4.247  -8.316  1.00 52.81  ? 25  C   C "C2'" 1 
ATOM   778  O  "O2'" . C   C 3 11 ? -4.487  -2.979  -8.716  1.00 50.97  ? 25  C   C "O2'" 1 
ATOM   779  C  "C1'" . C   C 3 11 ? -4.352  -4.435  -6.844  1.00 52.96  ? 25  C   C "C1'" 1 
ATOM   780  N  N1    . C   C 3 11 ? -3.366  -5.256  -6.137  1.00 51.86  ? 25  C   C N1    1 
ATOM   781  C  C2    . C   C 3 11 ? -2.179  -4.651  -5.729  1.00 50.27  ? 25  C   C C2    1 
ATOM   782  O  O2    . C   C 3 11 ? -1.979  -3.461  -6.041  1.00 52.98  ? 25  C   C O2    1 
ATOM   783  N  N3    . C   C 3 11 ? -1.279  -5.366  -5.014  1.00 49.43  ? 25  C   C N3    1 
ATOM   784  C  C4    . C   C 3 11 ? -1.523  -6.643  -4.723  1.00 50.05  ? 25  C   C C4    1 
ATOM   785  N  N4    . C   C 3 11 ? -0.614  -7.299  -3.992  1.00 42.99  ? 25  C   C N4    1 
ATOM   786  C  C5    . C   C 3 11 ? -2.712  -7.301  -5.161  1.00 48.56  ? 25  C   C C5    1 
ATOM   787  C  C6    . C   C 3 11 ? -3.599  -6.574  -5.861  1.00 51.99  ? 25  C   C C6    1 
ATOM   788  P  P     . A   C 3 12 ? -4.022  -5.543  -11.424 1.00 60.54  ? 26  A   C P     1 
ATOM   789  O  OP1   . A   C 3 12 ? -4.621  -5.175  -12.722 1.00 59.00  ? 26  A   C OP1   1 
ATOM   790  O  OP2   . A   C 3 12 ? -3.574  -6.937  -11.178 1.00 59.44  ? 26  A   C OP2   1 
ATOM   791  O  "O5'" . A   C 3 12 ? -2.794  -4.571  -11.176 1.00 56.88  ? 26  A   C "O5'" 1 
ATOM   792  C  "C5'" . A   C 3 12 ? -2.893  -3.199  -11.503 1.00 54.20  ? 26  A   C "C5'" 1 
ATOM   793  C  "C4'" . A   C 3 12 ? -1.619  -2.503  -11.136 1.00 57.15  ? 26  A   C "C4'" 1 
ATOM   794  O  "O4'" . A   C 3 12 ? -1.401  -2.687  -9.721  1.00 54.18  ? 26  A   C "O4'" 1 
ATOM   795  C  "C3'" . A   C 3 12 ? -0.368  -3.075  -11.768 1.00 57.17  ? 26  A   C "C3'" 1 
ATOM   796  O  "O3'" . A   C 3 12 ? -0.158  -2.568  -13.070 1.00 63.35  ? 26  A   C "O3'" 1 
ATOM   797  C  "C2'" . A   C 3 12 ? 0.707   -2.636  -10.788 1.00 57.24  ? 26  A   C "C2'" 1 
ATOM   798  O  "O2'" . A   C 3 12 ? 1.044   -1.273  -10.915 1.00 59.39  ? 26  A   C "O2'" 1 
ATOM   799  C  "C1'" . A   C 3 12 ? -0.020  -2.841  -9.466  1.00 52.25  ? 26  A   C "C1'" 1 
ATOM   800  N  N9    . A   C 3 12 ? 0.168   -4.179  -8.932  1.00 49.14  ? 26  A   C N9    1 
ATOM   801  C  C8    . A   C 3 12 ? -0.731  -5.214  -8.954  1.00 48.13  ? 26  A   C C8    1 
ATOM   802  N  N7    . A   C 3 12 ? -0.315  -6.290  -8.336  1.00 48.01  ? 26  A   C N7    1 
ATOM   803  C  C5    . A   C 3 12 ? 0.950   -5.942  -7.888  1.00 45.89  ? 26  A   C C5    1 
ATOM   804  C  C6    . A   C 3 12 ? 1.902   -6.639  -7.146  1.00 47.89  ? 26  A   C C6    1 
ATOM   805  N  N6    . A   C 3 12 ? 1.715   -7.878  -6.689  1.00 48.10  ? 26  A   C N6    1 
ATOM   806  N  N1    . A   C 3 12 ? 3.069   -6.011  -6.875  1.00 48.51  ? 26  A   C N1    1 
ATOM   807  C  C2    . A   C 3 12 ? 3.246   -4.758  -7.324  1.00 49.04  ? 26  A   C C2    1 
ATOM   808  N  N3    . A   C 3 12 ? 2.416   -3.993  -8.020  1.00 48.92  ? 26  A   C N3    1 
ATOM   809  C  C4    . A   C 3 12 ? 1.270   -4.654  -8.269  1.00 48.02  ? 26  A   C C4    1 
ATOM   810  P  P     . C   C 3 13 ? 0.586   -3.480  -14.158 1.00 64.87  ? 27  C   C P     1 
ATOM   811  O  OP1   . C   C 3 13 ? 0.779   -2.610  -15.341 1.00 66.48  ? 27  C   C OP1   1 
ATOM   812  O  OP2   . C   C 3 13 ? -0.150  -4.758  -14.288 1.00 61.77  ? 27  C   C OP2   1 
ATOM   813  O  "O5'" . C   C 3 13 ? 2.012   -3.755  -13.507 1.00 58.63  ? 27  C   C "O5'" 1 
ATOM   814  C  "C5'" . C   C 3 13 ? 2.945   -2.692  -13.417 1.00 55.53  ? 27  C   C "C5'" 1 
ATOM   815  C  "C4'" . C   C 3 13 ? 4.171   -3.095  -12.636 1.00 55.85  ? 27  C   C "C4'" 1 
ATOM   816  O  "O4'" . C   C 3 13 ? 3.773   -3.564  -11.319 1.00 54.66  ? 27  C   C "O4'" 1 
ATOM   817  C  "C3'" . C   C 3 13 ? 4.940   -4.276  -13.193 1.00 57.45  ? 27  C   C "C3'" 1 
ATOM   818  O  "O3'" . C   C 3 13 ? 5.753   -3.913  -14.305 1.00 64.36  ? 27  C   C "O3'" 1 
ATOM   819  C  "C2'" . C   C 3 13 ? 5.712   -4.763  -11.970 1.00 57.76  ? 27  C   C "C2'" 1 
ATOM   820  O  "O2'" . C   C 3 13 ? 6.843   -3.978  -11.644 1.00 61.00  ? 27  C   C "O2'" 1 
ATOM   821  C  "C1'" . C   C 3 13 ? 4.674   -4.564  -10.875 1.00 51.00  ? 27  C   C "C1'" 1 
ATOM   822  N  N1    . C   C 3 13 ? 3.944   -5.797  -10.582 1.00 49.18  ? 27  C   C N1    1 
ATOM   823  C  C2    . C   C 3 13 ? 4.528   -6.714  -9.709  1.00 48.15  ? 27  C   C C2    1 
ATOM   824  O  O2    . C   C 3 13 ? 5.642   -6.447  -9.215  1.00 48.20  ? 27  C   C O2    1 
ATOM   825  N  N3    . C   C 3 13 ? 3.875   -7.872  -9.426  1.00 48.60  ? 27  C   C N3    1 
ATOM   826  C  C4    . C   C 3 13 ? 2.688   -8.124  -9.986  1.00 48.85  ? 27  C   C C4    1 
ATOM   827  N  N4    . C   C 3 13 ? 2.079   -9.279  -9.679  1.00 49.07  ? 27  C   C N4    1 
ATOM   828  C  C5    . C   C 3 13 ? 2.072   -7.205  -10.884 1.00 48.53  ? 27  C   C C5    1 
ATOM   829  C  C6    . C   C 3 13 ? 2.728   -6.061  -11.148 1.00 46.36  ? 27  C   C C6    1 
ATOM   830  P  P     . A   C 3 14 ? 6.024   -4.985  -15.479 1.00 64.28  ? 28  A   C P     1 
ATOM   831  O  OP1   . A   C 3 14 ? 6.784   -4.269  -16.540 1.00 64.75  ? 28  A   C OP1   1 
ATOM   832  O  OP2   . A   C 3 14 ? 4.750   -5.668  -15.822 1.00 59.77  ? 28  A   C OP2   1 
ATOM   833  O  "O5'" . A   C 3 14 ? 7.005   -6.029  -14.786 1.00 59.14  ? 28  A   C "O5'" 1 
ATOM   834  C  "C5'" . A   C 3 14 ? 8.260   -5.584  -14.299 1.00 55.65  ? 28  A   C "C5'" 1 
ATOM   835  C  "C4'" . A   C 3 14 ? 8.974   -6.677  -13.552 1.00 57.60  ? 28  A   C "C4'" 1 
ATOM   836  O  "O4'" . A   C 3 14 ? 8.276   -6.946  -12.312 1.00 59.34  ? 28  A   C "O4'" 1 
ATOM   837  C  "C3'" . A   C 3 14 ? 9.037   -8.027  -14.239 1.00 59.65  ? 28  A   C "C3'" 1 
ATOM   838  O  "O3'" . A   C 3 14 ? 10.074  -8.078  -15.201 1.00 60.07  ? 28  A   C "O3'" 1 
ATOM   839  C  "C2'" . A   C 3 14 ? 9.274   -8.956  -13.057 1.00 59.73  ? 28  A   C "C2'" 1 
ATOM   840  O  "O2'" . A   C 3 14 ? 10.596  -8.871  -12.564 1.00 58.37  ? 28  A   C "O2'" 1 
ATOM   841  C  "C1'" . A   C 3 14 ? 8.366   -8.329  -12.008 1.00 58.60  ? 28  A   C "C1'" 1 
ATOM   842  N  N9    . A   C 3 14 ? 7.026   -8.912  -12.056 1.00 54.86  ? 28  A   C N9    1 
ATOM   843  C  C8    . A   C 3 14 ? 5.917   -8.469  -12.737 1.00 54.44  ? 28  A   C C8    1 
ATOM   844  N  N7    . A   C 3 14 ? 4.855   -9.218  -12.558 1.00 51.58  ? 28  A   C N7    1 
ATOM   845  C  C5    . A   C 3 14 ? 5.297   -10.222 -11.706 1.00 52.66  ? 28  A   C C5    1 
ATOM   846  C  C6    . A   C 3 14 ? 4.647   -11.322 -11.129 1.00 52.00  ? 28  A   C C6    1 
ATOM   847  N  N6    . A   C 3 14 ? 3.353   -11.597 -11.314 1.00 49.29  ? 28  A   C N6    1 
ATOM   848  N  N1    . A   C 3 14 ? 5.377   -12.136 -10.335 1.00 54.11  ? 28  A   C N1    1 
ATOM   849  C  C2    . A   C 3 14 ? 6.672   -11.845 -10.132 1.00 54.19  ? 28  A   C C2    1 
ATOM   850  N  N3    . A   C 3 14 ? 7.394   -10.834 -10.609 1.00 56.05  ? 28  A   C N3    1 
ATOM   851  C  C4    . A   C 3 14 ? 6.637   -10.048 -11.400 1.00 53.08  ? 28  A   C C4    1 
ATOM   852  P  P     . C   C 3 15 ? 9.943   -9.063  -16.457 1.00 64.07  ? 29  C   C P     1 
ATOM   853  O  OP1   . C   C 3 15 ? 11.130  -8.802  -17.295 1.00 65.69  ? 29  C   C OP1   1 
ATOM   854  O  OP2   . C   C 3 15 ? 8.584   -8.944  -17.048 1.00 56.77  ? 29  C   C OP2   1 
ATOM   855  O  "O5'" . C   C 3 15 ? 10.130  -10.504 -15.809 1.00 59.06  ? 29  C   C "O5'" 1 
ATOM   856  C  "C5'" . C   C 3 15 ? 11.382  -10.857 -15.227 1.00 53.76  ? 29  C   C "C5'" 1 
ATOM   857  C  "C4'" . C   C 3 15 ? 11.282  -12.136 -14.421 1.00 54.66  ? 29  C   C "C4'" 1 
ATOM   858  O  "O4'" . C   C 3 15 ? 10.348  -11.947 -13.321 1.00 56.30  ? 29  C   C "O4'" 1 
ATOM   859  C  "C3'" . C   C 3 15 ? 10.754  -13.370 -15.140 1.00 54.44  ? 29  C   C "C3'" 1 
ATOM   860  O  "O3'" . C   C 3 15 ? 11.756  -14.036 -15.900 1.00 51.11  ? 29  C   C "O3'" 1 
ATOM   861  C  "C2'" . C   C 3 15 ? 10.273  -14.216 -13.970 1.00 54.55  ? 29  C   C "C2'" 1 
ATOM   862  O  "O2'" . C   C 3 15 ? 11.336  -14.829 -13.274 1.00 51.49  ? 29  C   C "O2'" 1 
ATOM   863  C  "C1'" . C   C 3 15 ? 9.654   -13.154 -13.069 1.00 53.70  ? 29  C   C "C1'" 1 
ATOM   864  N  N1    . C   C 3 15 ? 8.245   -12.977 -13.429 1.00 52.49  ? 29  C   C N1    1 
ATOM   865  C  C2    . C   C 3 15 ? 7.307   -13.820 -12.851 1.00 51.23  ? 29  C   C C2    1 
ATOM   866  O  O2    . C   C 3 15 ? 7.691   -14.672 -12.030 1.00 54.25  ? 29  C   C O2    1 
ATOM   867  N  N3    . C   C 3 15 ? 6.006   -13.695 -13.196 1.00 47.59  ? 29  C   C N3    1 
ATOM   868  C  C4    . C   C 3 15 ? 5.634   -12.770 -14.083 1.00 50.08  ? 29  C   C C4    1 
ATOM   869  N  N4    . C   C 3 15 ? 4.337   -12.685 -14.401 1.00 44.32  ? 29  C   C N4    1 
ATOM   870  C  C5    . C   C 3 15 ? 6.570   -11.892 -14.683 1.00 47.47  ? 29  C   C C5    1 
ATOM   871  C  C6    . C   C 3 15 ? 7.853   -12.025 -14.327 1.00 49.54  ? 29  C   C C6    1 
ATOM   872  P  P     . G   C 3 16 ? 11.336  -14.914 -17.182 1.00 56.54  ? 30  G   C P     1 
ATOM   873  O  OP1   . G   C 3 16 ? 12.596  -15.330 -17.845 1.00 58.67  ? 30  G   C OP1   1 
ATOM   874  O  OP2   . G   C 3 16 ? 10.296  -14.191 -17.963 1.00 55.01  ? 30  G   C OP2   1 
ATOM   875  O  "O5'" . G   C 3 16 ? 10.666  -16.209 -16.546 1.00 55.13  ? 30  G   C "O5'" 1 
ATOM   876  C  "C5'" . G   C 3 16 ? 11.412  -17.042 -15.672 1.00 52.81  ? 30  G   C "C5'" 1 
ATOM   877  C  "C4'" . G   C 3 16 ? 10.538  -18.134 -15.108 1.00 61.48  ? 30  G   C "C4'" 1 
ATOM   878  O  "O4'" . G   C 3 16 ? 9.563   -17.546 -14.203 1.00 62.37  ? 30  G   C "O4'" 1 
ATOM   879  C  "C3'" . G   C 3 16 ? 9.686   -18.895 -16.114 1.00 60.19  ? 30  G   C "C3'" 1 
ATOM   880  O  "O3'" . G   C 3 16 ? 10.402  -19.918 -16.800 1.00 54.52  ? 30  G   C "O3'" 1 
ATOM   881  C  "C2'" . G   C 3 16 ? 8.582   -19.444 -15.222 1.00 61.46  ? 30  G   C "C2'" 1 
ATOM   882  O  "O2'" . G   C 3 16 ? 9.021   -20.547 -14.448 1.00 61.37  ? 30  G   C "O2'" 1 
ATOM   883  C  "C1'" . G   C 3 16 ? 8.341   -18.257 -14.293 1.00 61.69  ? 30  G   C "C1'" 1 
ATOM   884  N  N9    . G   C 3 16 ? 7.316   -17.374 -14.839 1.00 60.05  ? 30  G   C N9    1 
ATOM   885  C  C8    . G   C 3 16 ? 7.485   -16.177 -15.503 1.00 59.27  ? 30  G   C C8    1 
ATOM   886  N  N7    . G   C 3 16 ? 6.357   -15.641 -15.892 1.00 57.81  ? 30  G   C N7    1 
ATOM   887  C  C5    . G   C 3 16 ? 5.387   -16.532 -15.447 1.00 58.15  ? 30  G   C C5    1 
ATOM   888  C  C6    . G   C 3 16 ? 3.974   -16.491 -15.562 1.00 56.69  ? 30  G   C C6    1 
ATOM   889  O  O6    . G   C 3 16 ? 3.266   -15.616 -16.077 1.00 54.98  ? 30  G   C O6    1 
ATOM   890  N  N1    . G   C 3 16 ? 3.382   -17.615 -14.989 1.00 55.46  ? 30  G   C N1    1 
ATOM   891  C  C2    . G   C 3 16 ? 4.061   -18.641 -14.371 1.00 58.36  ? 30  G   C C2    1 
ATOM   892  N  N2    . G   C 3 16 ? 3.319   -19.652 -13.894 1.00 59.16  ? 30  G   C N2    1 
ATOM   893  N  N3    . G   C 3 16 ? 5.369   -18.678 -14.236 1.00 57.22  ? 30  G   C N3    1 
ATOM   894  C  C4    . G   C 3 16 ? 5.965   -17.605 -14.797 1.00 59.32  ? 30  G   C C4    1 
ATOM   895  P  P     . A   C 3 17 ? 10.014  -20.281 -18.316 1.00 61.36  ? 31  A   C P     1 
ATOM   896  O  OP1   . A   C 3 17 ? 11.008  -21.292 -18.738 1.00 62.05  ? 31  A   C OP1   1 
ATOM   897  O  OP2   . A   C 3 17 ? 9.850   -19.036 -19.103 1.00 58.28  ? 31  A   C OP2   1 
ATOM   898  O  "O5'" . A   C 3 17 ? 8.571   -20.950 -18.192 1.00 60.29  ? 31  A   C "O5'" 1 
ATOM   899  C  "C5'" . A   C 3 17 ? 8.369   -22.081 -17.354 1.00 58.09  ? 31  A   C "C5'" 1 
ATOM   900  C  "C4'" . A   C 3 17 ? 6.908   -22.487 -17.327 1.00 62.49  ? 31  A   C "C4'" 1 
ATOM   901  O  "O4'" . A   C 3 17 ? 6.136   -21.499 -16.593 1.00 61.61  ? 31  A   C "O4'" 1 
ATOM   902  C  "C3'" . A   C 3 17 ? 6.209   -22.553 -18.674 1.00 60.80  ? 31  A   C "C3'" 1 
ATOM   903  O  "O3'" . A   C 3 17 ? 6.511   -23.652 -19.531 1.00 67.94  ? 31  A   C "O3'" 1 
ATOM   904  C  "C2'" . A   C 3 17 ? 4.747   -22.418 -18.283 1.00 61.03  ? 31  A   C "C2'" 1 
ATOM   905  O  "O2'" . A   C 3 17 ? 4.205   -23.617 -17.787 1.00 63.24  ? 31  A   C "O2'" 1 
ATOM   906  C  "C1'" . A   C 3 17 ? 4.831   -21.407 -17.143 1.00 58.03  ? 31  A   C "C1'" 1 
ATOM   907  N  N9    . A   C 3 17 ? 4.603   -20.053 -17.634 1.00 57.52  ? 31  A   C N9    1 
ATOM   908  C  C8    . A   C 3 17 ? 5.527   -19.153 -18.100 1.00 57.07  ? 31  A   C C8    1 
ATOM   909  N  N7    . A   C 3 17 ? 5.001   -18.037 -18.545 1.00 55.43  ? 31  A   C N7    1 
ATOM   910  C  C5    . A   C 3 17 ? 3.639   -18.207 -18.341 1.00 54.46  ? 31  A   C C5    1 
ATOM   911  C  C6    . A   C 3 17 ? 2.534   -17.384 -18.614 1.00 54.15  ? 31  A   C C6    1 
ATOM   912  N  N6    . A   C 3 17 ? 2.628   -16.172 -19.174 1.00 48.54  ? 31  A   C N6    1 
ATOM   913  N  N1    . A   C 3 17 ? 1.310   -17.852 -18.292 1.00 52.78  ? 31  A   C N1    1 
ATOM   914  C  C2    . A   C 3 17 ? 1.212   -19.062 -17.735 1.00 51.63  ? 31  A   C C2    1 
ATOM   915  N  N3    . A   C 3 17 ? 2.173   -19.927 -17.431 1.00 53.13  ? 31  A   C N3    1 
ATOM   916  C  C4    . A   C 3 17 ? 3.379   -19.435 -17.765 1.00 55.90  ? 31  A   C C4    1 
ATOM   917  O  "O5'" . U   D 4 1  ? -6.166  -13.874 -17.422 1.00 57.49  ? 31  U   D "O5'" 1 
ATOM   918  C  "C5'" . U   D 4 1  ? -7.226  -14.834 -17.418 1.00 55.30  ? 31  U   D "C5'" 1 
ATOM   919  C  "C4'" . U   D 4 1  ? -6.723  -16.243 -17.211 1.00 56.45  ? 31  U   D "C4'" 1 
ATOM   920  O  "O4'" . U   D 4 1  ? -5.885  -16.609 -18.339 1.00 58.00  ? 31  U   D "O4'" 1 
ATOM   921  C  "C3'" . U   D 4 1  ? -5.831  -16.461 -15.997 1.00 52.29  ? 31  U   D "C3'" 1 
ATOM   922  O  "O3'" . U   D 4 1  ? -6.583  -16.674 -14.806 1.00 49.08  ? 31  U   D "O3'" 1 
ATOM   923  C  "C2'" . U   D 4 1  ? -5.044  -17.699 -16.411 1.00 55.96  ? 31  U   D "C2'" 1 
ATOM   924  O  "O2'" . U   D 4 1  ? -5.807  -18.881 -16.278 1.00 57.11  ? 31  U   D "O2'" 1 
ATOM   925  C  "C1'" . U   D 4 1  ? -4.810  -17.425 -17.897 1.00 57.95  ? 31  U   D "C1'" 1 
ATOM   926  N  N1    . U   D 4 1  ? -3.547  -16.718 -18.176 1.00 58.94  ? 31  U   D N1    1 
ATOM   927  C  C2    . U   D 4 1  ? -2.351  -17.402 -18.004 1.00 57.00  ? 31  U   D C2    1 
ATOM   928  O  O2    . U   D 4 1  ? -2.292  -18.580 -17.649 1.00 56.18  ? 31  U   D O2    1 
ATOM   929  N  N3    . U   D 4 1  ? -1.220  -16.658 -18.274 1.00 58.43  ? 31  U   D N3    1 
ATOM   930  C  C4    . U   D 4 1  ? -1.161  -15.344 -18.689 1.00 59.45  ? 31  U   D C4    1 
ATOM   931  O  O4    . U   D 4 1  ? -0.064  -14.811 -18.876 1.00 58.94  ? 31  U   D O4    1 
ATOM   932  C  C5    . U   D 4 1  ? -2.428  -14.721 -18.847 1.00 58.45  ? 31  U   D C5    1 
ATOM   933  C  C6    . U   D 4 1  ? -3.550  -15.409 -18.588 1.00 56.77  ? 31  U   D C6    1 
ATOM   934  P  P     . C   D 4 2  ? -5.996  -16.193 -13.388 1.00 55.67  ? 32  C   D P     1 
ATOM   935  O  OP1   . C   D 4 2  ? -7.133  -16.194 -12.443 1.00 57.67  ? 32  C   D OP1   1 
ATOM   936  O  OP2   . C   D 4 2  ? -5.194  -14.958 -13.577 1.00 53.68  ? 32  C   D OP2   1 
ATOM   937  O  "O5'" . C   D 4 2  ? -5.015  -17.361 -12.948 1.00 51.58  ? 32  C   D "O5'" 1 
ATOM   938  C  "C5'" . C   D 4 2  ? -5.486  -18.693 -12.869 1.00 49.56  ? 32  C   D "C5'" 1 
ATOM   939  C  "C4'" . C   D 4 2  ? -4.331  -19.663 -12.884 1.00 53.79  ? 32  C   D "C4'" 1 
ATOM   940  O  "O4'" . C   D 4 2  ? -3.651  -19.588 -14.168 1.00 55.30  ? 32  C   D "O4'" 1 
ATOM   941  C  "C3'" . C   D 4 2  ? -3.230  -19.389 -11.879 1.00 54.88  ? 32  C   D "C3'" 1 
ATOM   942  O  "O3'" . C   D 4 2  ? -3.544  -19.880 -10.592 1.00 48.86  ? 32  C   D "O3'" 1 
ATOM   943  C  "C2'" . C   D 4 2  ? -2.050  -20.108 -12.512 1.00 52.89  ? 32  C   D "C2'" 1 
ATOM   944  O  "O2'" . C   D 4 2  ? -2.144  -21.511 -12.368 1.00 55.54  ? 32  C   D "O2'" 1 
ATOM   945  C  "C1'" . C   D 4 2  ? -2.257  -19.767 -13.983 1.00 53.05  ? 32  C   D "C1'" 1 
ATOM   946  N  N1    . C   D 4 2  ? -1.567  -18.517 -14.352 1.00 55.57  ? 32  C   D N1    1 
ATOM   947  C  C2    . C   D 4 2  ? -0.187  -18.530 -14.449 1.00 55.90  ? 32  C   D C2    1 
ATOM   948  O  O2    . C   D 4 2  ? 0.420   -19.575 -14.176 1.00 56.07  ? 32  C   D O2    1 
ATOM   949  N  N3    . C   D 4 2  ? 0.464   -17.403 -14.830 1.00 54.18  ? 32  C   D N3    1 
ATOM   950  C  C4    . C   D 4 2  ? -0.220  -16.290 -15.091 1.00 54.46  ? 32  C   D C4    1 
ATOM   951  N  N4    . C   D 4 2  ? 0.466   -15.217 -15.484 1.00 54.58  ? 32  C   D N4    1 
ATOM   952  C  C5    . C   D 4 2  ? -1.630  -16.235 -14.969 1.00 55.38  ? 32  C   D C5    1 
ATOM   953  C  C6    . C   D 4 2  ? -2.261  -17.364 -14.601 1.00 54.00  ? 32  C   D C6    1 
ATOM   954  P  P     . G   D 4 3  ? -3.085  -19.050 -9.299  1.00 56.05  ? 33  G   D P     1 
ATOM   955  O  OP1   . G   D 4 3  ? -3.883  -19.573 -8.169  1.00 52.24  ? 33  G   D OP1   1 
ATOM   956  O  OP2   . G   D 4 3  ? -3.126  -17.600 -9.629  1.00 52.23  ? 33  G   D OP2   1 
ATOM   957  O  "O5'" . G   D 4 3  ? -1.565  -19.467 -9.079  1.00 56.98  ? 33  G   D "O5'" 1 
ATOM   958  C  "C5'" . G   D 4 3  ? -1.179  -20.836 -8.919  1.00 57.78  ? 33  G   D "C5'" 1 
ATOM   959  C  "C4'" . G   D 4 3  ? 0.321   -20.966 -9.053  1.00 58.23  ? 33  G   D "C4'" 1 
ATOM   960  O  "O4'" . G   D 4 3  ? 0.708   -20.546 -10.385 1.00 58.80  ? 33  G   D "O4'" 1 
ATOM   961  C  "C3'" . G   D 4 3  ? 1.127   -20.075 -8.126  1.00 59.78  ? 33  G   D "C3'" 1 
ATOM   962  O  "O3'" . G   D 4 3  ? 1.341   -20.723 -6.881  1.00 59.72  ? 33  G   D "O3'" 1 
ATOM   963  C  "C2'" . G   D 4 3  ? 2.435   -19.916 -8.887  1.00 56.51  ? 33  G   D "C2'" 1 
ATOM   964  O  "O2'" . G   D 4 3  ? 3.270   -21.042 -8.745  1.00 56.90  ? 33  G   D "O2'" 1 
ATOM   965  C  "C1'" . G   D 4 3  ? 1.940   -19.850 -10.330 1.00 55.85  ? 33  G   D "C1'" 1 
ATOM   966  N  N9    . G   D 4 3  ? 1.717   -18.506 -10.858 1.00 56.55  ? 33  G   D N9    1 
ATOM   967  C  C8    . G   D 4 3  ? 0.501   -17.914 -11.121 1.00 55.54  ? 33  G   D C8    1 
ATOM   968  N  N7    . G   D 4 3  ? 0.611   -16.726 -11.654 1.00 55.64  ? 33  G   D N7    1 
ATOM   969  C  C5    . G   D 4 3  ? 1.982   -16.514 -11.736 1.00 53.23  ? 33  G   D C5    1 
ATOM   970  C  C6    . G   D 4 3  ? 2.710   -15.412 -12.242 1.00 53.36  ? 33  G   D C6    1 
ATOM   971  O  O6    . G   D 4 3  ? 2.273   -14.361 -12.740 1.00 53.21  ? 33  G   D O6    1 
ATOM   972  N  N1    . G   D 4 3  ? 4.086   -15.619 -12.134 1.00 52.10  ? 33  G   D N1    1 
ATOM   973  C  C2    . G   D 4 3  ? 4.687   -16.742 -11.611 1.00 54.35  ? 33  G   D C2    1 
ATOM   974  N  N2    . G   D 4 3  ? 6.024   -16.765 -11.606 1.00 52.12  ? 33  G   D N2    1 
ATOM   975  N  N3    . G   D 4 3  ? 4.021   -17.772 -11.134 1.00 52.80  ? 33  G   D N3    1 
ATOM   976  C  C4    . G   D 4 3  ? 2.680   -17.594 -11.230 1.00 53.79  ? 33  G   D C4    1 
ATOM   977  P  P     . U   D 4 4  ? 1.579   -19.845 -5.561  1.00 63.07  ? 34  U   D P     1 
ATOM   978  O  OP1   . U   D 4 4  ? 1.680   -20.767 -4.399  1.00 60.39  ? 34  U   D OP1   1 
ATOM   979  O  OP2   . U   D 4 4  ? 0.559   -18.769 -5.566  1.00 60.85  ? 34  U   D OP2   1 
ATOM   980  O  "O5'" . U   D 4 4  ? 2.993   -19.156 -5.797  1.00 62.31  ? 34  U   D "O5'" 1 
ATOM   981  C  "C5'" . U   D 4 4  ? 4.182   -19.922 -5.716  1.00 63.31  ? 34  U   D "C5'" 1 
ATOM   982  C  "C4'" . U   D 4 4  ? 5.377   -19.115 -6.164  1.00 64.56  ? 34  U   D "C4'" 1 
ATOM   983  O  "O4'" . U   D 4 4  ? 5.165   -18.651 -7.527  1.00 61.63  ? 34  U   D "O4'" 1 
ATOM   984  C  "C3'" . U   D 4 4  ? 5.636   -17.837 -5.395  1.00 62.29  ? 34  U   D "C3'" 1 
ATOM   985  O  "O3'" . U   D 4 4  ? 6.320   -18.093 -4.181  1.00 64.46  ? 34  U   D "O3'" 1 
ATOM   986  C  "C2'" . U   D 4 4  ? 6.457   -17.033 -6.391  1.00 61.25  ? 34  U   D "C2'" 1 
ATOM   987  O  "O2'" . U   D 4 4  ? 7.780   -17.513 -6.484  1.00 64.85  ? 34  U   D "O2'" 1 
ATOM   988  C  "C1'" . U   D 4 4  ? 5.757   -17.376 -7.698  1.00 59.21  ? 34  U   D "C1'" 1 
ATOM   989  N  N1    . U   D 4 4  ? 4.720   -16.403 -8.067  1.00 59.81  ? 34  U   D N1    1 
ATOM   990  C  C2    . U   D 4 4  ? 5.142   -15.215 -8.614  1.00 60.40  ? 34  U   D C2    1 
ATOM   991  O  O2    . U   D 4 4  ? 6.325   -14.946 -8.771  1.00 60.57  ? 34  U   D O2    1 
ATOM   992  N  N3    . U   D 4 4  ? 4.135   -14.349 -8.971  1.00 58.85  ? 34  U   D N3    1 
ATOM   993  C  C4    . U   D 4 4  ? 2.779   -14.543 -8.830  1.00 58.85  ? 34  U   D C4    1 
ATOM   994  O  O4    . U   D 4 4  ? 1.986   -13.693 -9.267  1.00 60.42  ? 34  U   D O4    1 
ATOM   995  C  C5    . U   D 4 4  ? 2.426   -15.792 -8.234  1.00 58.33  ? 34  U   D C5    1 
ATOM   996  C  C6    . U   D 4 4  ? 3.386   -16.658 -7.883  1.00 60.17  ? 34  U   D C6    1 
ATOM   997  P  P     . G   D 4 5  ? 6.141   -17.083 -2.945  1.00 65.22  ? 35  G   D P     1 
ATOM   998  O  OP1   . G   D 4 5  ? 6.674   -17.753 -1.732  1.00 62.74  ? 35  G   D OP1   1 
ATOM   999  O  OP2   . G   D 4 5  ? 4.745   -16.581 -2.950  1.00 65.22  ? 35  G   D OP2   1 
ATOM   1000 O  "O5'" . G   D 4 5  ? 7.079   -15.850 -3.321  1.00 66.22  ? 35  G   D "O5'" 1 
ATOM   1001 C  "C5'" . G   D 4 5  ? 8.449   -16.052 -3.662  1.00 60.68  ? 35  G   D "C5'" 1 
ATOM   1002 C  "C4'" . G   D 4 5  ? 9.066   -14.776 -4.193  1.00 61.93  ? 35  G   D "C4'" 1 
ATOM   1003 O  "O4'" . G   D 4 5  ? 8.503   -14.462 -5.491  1.00 59.85  ? 35  G   D "O4'" 1 
ATOM   1004 C  "C3'" . G   D 4 5  ? 8.828   -13.527 -3.363  1.00 60.37  ? 35  G   D "C3'" 1 
ATOM   1005 O  "O3'" . G   D 4 5  ? 9.788   -13.463 -2.311  1.00 64.46  ? 35  G   D "O3'" 1 
ATOM   1006 C  "C2'" . G   D 4 5  ? 9.009   -12.421 -4.402  1.00 61.81  ? 35  G   D "C2'" 1 
ATOM   1007 O  "O2'" . G   D 4 5  ? 10.358  -12.128 -4.702  1.00 58.60  ? 35  G   D "O2'" 1 
ATOM   1008 C  "C1'" . G   D 4 5  ? 8.394   -13.061 -5.643  1.00 59.75  ? 35  G   D "C1'" 1 
ATOM   1009 N  N9    . G   D 4 5  ? 6.989   -12.742 -5.867  1.00 60.27  ? 35  G   D N9    1 
ATOM   1010 C  C8    . G   D 4 5  ? 5.901   -13.476 -5.453  1.00 60.32  ? 35  G   D C8    1 
ATOM   1011 N  N7    . G   D 4 5  ? 4.765   -12.975 -5.852  1.00 59.65  ? 35  G   D N7    1 
ATOM   1012 C  C5    . G   D 4 5  ? 5.123   -11.837 -6.567  1.00 57.36  ? 35  G   D C5    1 
ATOM   1013 C  C6    . G   D 4 5  ? 4.322   -10.893 -7.254  1.00 55.86  ? 35  G   D C6    1 
ATOM   1014 O  O6    . G   D 4 5  ? 3.090   -10.893 -7.407  1.00 57.73  ? 35  G   D O6    1 
ATOM   1015 N  N1    . G   D 4 5  ? 5.092   -9.874  -7.805  1.00 56.93  ? 35  G   D N1    1 
ATOM   1016 C  C2    . G   D 4 5  ? 6.458   -9.780  -7.721  1.00 58.63  ? 35  G   D C2    1 
ATOM   1017 N  N2    . G   D 4 5  ? 7.009   -8.700  -8.278  1.00 60.05  ? 35  G   D N2    1 
ATOM   1018 N  N3    . G   D 4 5  ? 7.222   -10.674 -7.123  1.00 57.99  ? 35  G   D N3    1 
ATOM   1019 C  C4    . G   D 4 5  ? 6.495   -11.665 -6.565  1.00 58.25  ? 35  G   D C4    1 
ATOM   1020 P  P     . G   D 4 6  ? 9.423   -12.735 -0.925  1.00 66.33  ? 36  G   D P     1 
ATOM   1021 O  OP1   . G   D 4 6  ? 10.328  -13.298 0.102   1.00 62.76  ? 36  G   D OP1   1 
ATOM   1022 O  OP2   . G   D 4 6  ? 7.960   -12.805 -0.723  1.00 60.02  ? 36  G   D OP2   1 
ATOM   1023 O  "O5'" . G   D 4 6  ? 9.854   -11.222 -1.179  1.00 64.09  ? 36  G   D "O5'" 1 
ATOM   1024 C  "C5'" . G   D 4 6  ? 11.089  -10.930 -1.818  1.00 60.12  ? 36  G   D "C5'" 1 
ATOM   1025 C  "C4'" . G   D 4 6  ? 11.089  -9.516  -2.347  1.00 62.11  ? 36  G   D "C4'" 1 
ATOM   1026 O  "O4'" . G   D 4 6  ? 9.965   -9.317  -3.232  1.00 61.54  ? 36  G   D "O4'" 1 
ATOM   1027 C  "C3'" . G   D 4 6  ? 10.929  -8.493  -1.230  1.00 61.52  ? 36  G   D "C3'" 1 
ATOM   1028 O  "O3'" . G   D 4 6  ? 11.796  -7.403  -1.545  1.00 64.98  ? 36  G   D "O3'" 1 
ATOM   1029 C  "C2'" . G   D 4 6  ? 9.437   -8.161  -1.197  1.00 62.41  ? 36  G   D "C2'" 1 
ATOM   1030 O  "O2'" . G   D 4 6  ? 9.144   -6.815  -0.900  1.00 60.32  ? 36  G   D "O2'" 1 
ATOM   1031 C  "C1'" . G   D 4 6  ? 9.061   -8.418  -2.652  1.00 60.98  ? 36  G   D "C1'" 1 
ATOM   1032 N  N9    . G   D 4 6  ? 7.710   -8.787  -3.021  1.00 58.70  ? 36  G   D N9    1 
ATOM   1033 C  C8    . G   D 4 6  ? 6.915   -9.775  -2.501  1.00 59.57  ? 36  G   D C8    1 
ATOM   1034 N  N7    . G   D 4 6  ? 5.742   -9.836  -3.070  1.00 58.76  ? 36  G   D N7    1 
ATOM   1035 C  C5    . G   D 4 6  ? 5.773   -8.822  -4.022  1.00 56.33  ? 36  G   D C5    1 
ATOM   1036 C  C6    . G   D 4 6  ? 4.785   -8.387  -4.940  1.00 55.82  ? 36  G   D C6    1 
ATOM   1037 O  O6    . G   D 4 6  ? 3.632   -8.812  -5.087  1.00 56.03  ? 36  G   D O6    1 
ATOM   1038 N  N1    . G   D 4 6  ? 5.247   -7.331  -5.727  1.00 55.51  ? 36  G   D N1    1 
ATOM   1039 C  C2    . G   D 4 6  ? 6.490   -6.754  -5.628  1.00 58.36  ? 36  G   D C2    1 
ATOM   1040 N  N2    . G   D 4 6  ? 6.751   -5.743  -6.466  1.00 56.90  ? 36  G   D N2    1 
ATOM   1041 N  N3    . G   D 4 6  ? 7.408   -7.140  -4.766  1.00 58.39  ? 36  G   D N3    1 
ATOM   1042 C  C4    . G   D 4 6  ? 6.985   -8.173  -4.002  1.00 57.80  ? 36  G   D C4    1 
ATOM   1043 P  P     . U   D 4 7  ? 12.509  -6.564  -0.391  1.00 69.12  ? 37  U   D P     1 
ATOM   1044 O  OP1   . U   D 4 7  ? 13.707  -5.947  -1.006  1.00 62.43  ? 37  U   D OP1   1 
ATOM   1045 O  OP2   . U   D 4 7  ? 12.656  -7.453  0.783   1.00 62.90  ? 37  U   D OP2   1 
ATOM   1046 O  "O5'" . U   D 4 7  ? 11.488  -5.386  -0.069  1.00 68.69  ? 37  U   D "O5'" 1 
ATOM   1047 C  "C5'" . U   D 4 7  ? 11.952  -4.195  0.547   1.00 63.68  ? 37  U   D "C5'" 1 
ATOM   1048 C  "C4'" . U   D 4 7  ? 11.217  -2.990  0.012   1.00 62.91  ? 37  U   D "C4'" 1 
ATOM   1049 O  "O4'" . U   D 4 7  ? 11.381  -2.905  -1.429  1.00 63.58  ? 37  U   D "O4'" 1 
ATOM   1050 C  "C3'" . U   D 4 7  ? 9.717   -3.116  0.252   1.00 61.59  ? 37  U   D "C3'" 1 
ATOM   1051 O  "O3'" . U   D 4 7  ? 9.176   -1.901  0.735   1.00 59.77  ? 37  U   D "O3'" 1 
ATOM   1052 C  "C2'" . U   D 4 7  ? 9.113   -3.603  -1.061  1.00 61.78  ? 37  U   D "C2'" 1 
ATOM   1053 O  "O2'" . U   D 4 7  ? 7.904   -2.944  -1.366  1.00 63.66  ? 37  U   D "O2'" 1 
ATOM   1054 C  "C1'" . U   D 4 7  ? 10.140  -3.097  -2.066  1.00 62.53  ? 37  U   D "C1'" 1 
ATOM   1055 N  N1    . U   D 4 7  ? 10.308  -3.845  -3.313  1.00 62.46  ? 37  U   D N1    1 
ATOM   1056 C  C2    . U   D 4 7  ? 9.720   -3.294  -4.427  1.00 62.29  ? 37  U   D C2    1 
ATOM   1057 O  O2    . U   D 4 7  ? 9.152   -2.212  -4.408  1.00 61.19  ? 37  U   D O2    1 
ATOM   1058 N  N3    . U   D 4 7  ? 9.831   -4.042  -5.571  1.00 65.43  ? 37  U   D N3    1 
ATOM   1059 C  C4    . U   D 4 7  ? 10.470  -5.254  -5.709  1.00 66.75  ? 37  U   D C4    1 
ATOM   1060 O  O4    . U   D 4 7  ? 10.406  -5.854  -6.792  1.00 69.80  ? 37  U   D O4    1 
ATOM   1061 C  C5    . U   D 4 7  ? 11.088  -5.739  -4.507  1.00 65.56  ? 37  U   D C5    1 
ATOM   1062 C  C6    . U   D 4 7  ? 10.985  -5.031  -3.376  1.00 63.12  ? 37  U   D C6    1 
ATOM   1063 P  P     . A   D 4 8  ? 8.493   -1.840  2.166   1.00 62.50  ? 38  A   D P     1 
ATOM   1064 O  OP1   . A   D 4 8  ? 7.825   -0.517  2.171   1.00 63.19  ? 38  A   D OP1   1 
ATOM   1065 O  OP2   . A   D 4 8  ? 9.506   -2.167  3.195   1.00 64.41  ? 38  A   D OP2   1 
ATOM   1066 O  "O5'" . A   D 4 8  ? 7.419   -3.014  2.137   1.00 64.12  ? 38  A   D "O5'" 1 
ATOM   1067 C  "C5'" . A   D 4 8  ? 6.092   -2.781  1.699   1.00 56.57  ? 38  A   D "C5'" 1 
ATOM   1068 C  "C4'" . A   D 4 8  ? 5.257   -4.027  1.860   1.00 58.96  ? 38  A   D "C4'" 1 
ATOM   1069 O  "O4'" . A   D 4 8  ? 3.907   -3.708  1.486   1.00 55.66  ? 38  A   D "O4'" 1 
ATOM   1070 C  "C3'" . A   D 4 8  ? 5.713   -5.142  0.925   1.00 57.25  ? 38  A   D "C3'" 1 
ATOM   1071 O  "O3'" . A   D 4 8  ? 5.525   -6.441  1.517   1.00 62.38  ? 38  A   D "O3'" 1 
ATOM   1072 C  "C2'" . A   D 4 8  ? 4.823   -5.000  -0.306  1.00 54.26  ? 38  A   D "C2'" 1 
ATOM   1073 O  "O2'" . A   D 4 8  ? 4.461   -6.252  -0.832  1.00 64.65  ? 38  A   D "O2'" 1 
ATOM   1074 C  "C1'" . A   D 4 8  ? 3.573   -4.375  0.310   1.00 53.30  ? 38  A   D "C1'" 1 
ATOM   1075 N  N9    . A   D 4 8  ? 2.659   -3.545  -0.462  1.00 51.55  ? 38  A   D N9    1 
ATOM   1076 C  C8    . A   D 4 8  ? 1.336   -3.825  -0.715  1.00 48.76  ? 38  A   D C8    1 
ATOM   1077 N  N7    . A   D 4 8  ? 0.731   -2.916  -1.436  1.00 50.37  ? 38  A   D N7    1 
ATOM   1078 C  C5    . A   D 4 8  ? 1.721   -1.972  -1.676  1.00 50.82  ? 38  A   D C5    1 
ATOM   1079 C  C6    . A   D 4 8  ? 1.719   -0.762  -2.394  1.00 52.56  ? 38  A   D C6    1 
ATOM   1080 N  N6    . A   D 4 8  ? 0.650   -0.271  -3.044  1.00 44.13  ? 38  A   D N6    1 
ATOM   1081 N  N1    . A   D 4 8  ? 2.874   -0.059  -2.427  1.00 52.89  ? 38  A   D N1    1 
ATOM   1082 C  C2    . A   D 4 8  ? 3.952   -0.547  -1.780  1.00 54.16  ? 38  A   D C2    1 
ATOM   1083 N  N3    . A   D 4 8  ? 4.076   -1.670  -1.081  1.00 50.79  ? 38  A   D N3    1 
ATOM   1084 C  C4    . A   D 4 8  ? 2.914   -2.346  -1.071  1.00 51.80  ? 38  A   D C4    1 
ATOM   1085 P  P     . C   D 4 9  ? 6.633   -7.095  2.480   1.00 65.21  ? 39  C   D P     1 
ATOM   1086 O  OP1   . C   D 4 9  ? 7.922   -7.196  1.738   1.00 66.54  ? 39  C   D OP1   1 
ATOM   1087 O  OP2   . C   D 4 9  ? 5.990   -8.326  2.997   1.00 66.80  ? 39  C   D OP2   1 
ATOM   1088 O  "O5'" . C   D 4 9  ? 6.783   -6.076  3.702   1.00 67.57  ? 39  C   D "O5'" 1 
ATOM   1089 C  "C5'" . C   D 4 9  ? 6.045   -6.253  4.921   1.00 67.53  ? 39  C   D "C5'" 1 
ATOM   1090 C  "C4'" . C   D 4 9  ? 6.758   -5.583  6.094   1.00 69.73  ? 39  C   D "C4'" 1 
ATOM   1091 O  "O4'" . C   D 4 9  ? 8.122   -6.077  6.150   1.00 70.80  ? 39  C   D "O4'" 1 
ATOM   1092 C  "C3'" . C   D 4 9  ? 6.868   -4.061  5.916   1.00 71.40  ? 39  C   D "C3'" 1 
ATOM   1093 O  "O3'" . C   D 4 9  ? 6.745   -3.320  7.139   1.00 69.68  ? 39  C   D "O3'" 1 
ATOM   1094 C  "C2'" . C   D 4 9  ? 8.255   -3.822  5.331   1.00 71.93  ? 39  C   D "C2'" 1 
ATOM   1095 O  "O2'" . C   D 4 9  ? 8.858   -2.670  5.870   1.00 74.16  ? 39  C   D "O2'" 1 
ATOM   1096 C  "C1'" . C   D 4 9  ? 9.015   -5.030  5.872   1.00 74.60  ? 39  C   D "C1'" 1 
ATOM   1097 N  N1    . C   D 4 9  ? 10.174  -5.515  5.130   1.00 77.61  ? 39  C   D N1    1 
ATOM   1098 C  C2    . C   D 4 9  ? 11.435  -5.263  5.669   1.00 79.84  ? 39  C   D C2    1 
ATOM   1099 O  O2    . C   D 4 9  ? 11.514  -4.705  6.775   1.00 78.99  ? 39  C   D O2    1 
ATOM   1100 N  N3    . C   D 4 9  ? 12.530  -5.635  4.987   1.00 81.00  ? 39  C   D N3    1 
ATOM   1101 C  C4    . C   D 4 9  ? 12.404  -6.254  3.814   1.00 81.69  ? 39  C   D C4    1 
ATOM   1102 N  N4    . C   D 4 9  ? 13.522  -6.581  3.165   1.00 83.60  ? 39  C   D N4    1 
ATOM   1103 C  C5    . C   D 4 9  ? 11.127  -6.559  3.254   1.00 80.09  ? 39  C   D C5    1 
ATOM   1104 C  C6    . C   D 4 9  ? 10.048  -6.175  3.941   1.00 77.98  ? 39  C   D C6    1 
ATOM   1105 P  P     . A   D 4 10 ? 5.313   -2.948  7.749   1.00 73.10  ? 40  A   D P     1 
ATOM   1106 O  OP1   . A   D 4 10 ? 5.594   -1.982  8.843   1.00 69.89  ? 40  A   D OP1   1 
ATOM   1107 O  OP2   . A   D 4 10 ? 4.569   -4.206  8.050   1.00 71.94  ? 40  A   D OP2   1 
ATOM   1108 O  "O5'" . A   D 4 10 ? 4.605   -2.151  6.574   1.00 69.77  ? 40  A   D "O5'" 1 
ATOM   1109 C  "C5'" . A   D 4 10 ? 5.253   -1.041  5.974   1.00 62.47  ? 40  A   D "C5'" 1 
ATOM   1110 C  "C4'" . A   D 4 10 ? 4.406   -0.494  4.860   1.00 62.59  ? 40  A   D "C4'" 1 
ATOM   1111 O  "O4'" . A   D 4 10 ? 4.235   -1.525  3.861   1.00 62.58  ? 40  A   D "O4'" 1 
ATOM   1112 C  "C3'" . A   D 4 10 ? 2.990   -0.119  5.253   1.00 62.53  ? 40  A   D "C3'" 1 
ATOM   1113 O  "O3'" . A   D 4 10 ? 2.958   1.205   5.764   1.00 61.93  ? 40  A   D "O3'" 1 
ATOM   1114 C  "C2'" . A   D 4 10 ? 2.254   -0.224  3.922   1.00 58.69  ? 40  A   D "C2'" 1 
ATOM   1115 O  "O2'" . A   D 4 10 ? 2.443   0.892   3.071   1.00 58.49  ? 40  A   D "O2'" 1 
ATOM   1116 C  "C1'" . A   D 4 10 ? 2.943   -1.434  3.298   1.00 59.68  ? 40  A   D "C1'" 1 
ATOM   1117 N  N9    . A   D 4 10 ? 2.257   -2.701  3.535   1.00 57.40  ? 40  A   D N9    1 
ATOM   1118 C  C8    . A   D 4 10 ? 2.648   -3.753  4.332   1.00 53.07  ? 40  A   D C8    1 
ATOM   1119 N  N7    . A   D 4 10 ? 1.832   -4.780  4.293   1.00 53.63  ? 40  A   D N7    1 
ATOM   1120 C  C5    . A   D 4 10 ? 0.829   -4.369  3.424   1.00 52.09  ? 40  A   D C5    1 
ATOM   1121 C  C6    . A   D 4 10 ? -0.334  -5.000  2.961   1.00 52.00  ? 40  A   D C6    1 
ATOM   1122 N  N6    . A   D 4 10 ? -0.709  -6.227  3.335   1.00 50.51  ? 40  A   D N6    1 
ATOM   1123 N  N1    . A   D 4 10 ? -1.114  -4.317  2.092   1.00 52.82  ? 40  A   D N1    1 
ATOM   1124 C  C2    . A   D 4 10 ? -0.746  -3.074  1.732   1.00 51.22  ? 40  A   D C2    1 
ATOM   1125 N  N3    . A   D 4 10 ? 0.319   -2.371  2.104   1.00 52.46  ? 40  A   D N3    1 
ATOM   1126 C  C4    . A   D 4 10 ? 1.076   -3.085  2.958   1.00 53.43  ? 40  A   D C4    1 
ATOM   1127 P  P     . U   D 4 11 ? 2.041   1.547   7.029   1.00 64.92  ? 41  U   D P     1 
ATOM   1128 O  OP1   . U   D 4 11 ? 2.204   3.007   7.269   1.00 56.91  ? 41  U   D OP1   1 
ATOM   1129 O  OP2   . U   D 4 11 ? 2.341   0.564   8.106   1.00 60.86  ? 41  U   D OP2   1 
ATOM   1130 O  "O5'" . U   D 4 11 ? 0.554   1.307   6.521   1.00 55.48  ? 41  U   D "O5'" 1 
ATOM   1131 C  "C5'" . U   D 4 11 ? 0.065   2.049   5.416   1.00 53.20  ? 41  U   D "C5'" 1 
ATOM   1132 C  "C4'" . U   D 4 11 ? -1.311  1.584   5.014   1.00 52.40  ? 41  U   D "C4'" 1 
ATOM   1133 O  "O4'" . U   D 4 11 ? -1.289  0.160   4.723   1.00 56.59  ? 41  U   D "O4'" 1 
ATOM   1134 C  "C3'" . U   D 4 11 ? -2.307  1.764   6.159   1.00 49.53  ? 41  U   D "C3'" 1 
ATOM   1135 O  "O3'" . U   D 4 11 ? -3.452  2.472   5.663   1.00 51.24  ? 41  U   D "O3'" 1 
ATOM   1136 C  "C2'" . U   D 4 11 ? -2.423  0.389   6.824   1.00 48.58  ? 41  U   D "C2'" 1 
ATOM   1137 O  "O2'" . U   D 4 11 ? -3.704  -0.002  7.254   1.00 45.97  ? 41  U   D "O2'" 1 
ATOM   1138 C  "C1'" . U   D 4 11 ? -2.076  -0.525  5.658   1.00 52.32  ? 41  U   D "C1'" 1 
ATOM   1139 N  N1    . U   D 4 11 ? -1.540  -1.859  5.930   1.00 51.27  ? 41  U   D N1    1 
ATOM   1140 C  C2    . U   D 4 11 ? -2.363  -2.909  5.591   1.00 52.25  ? 41  U   D C2    1 
ATOM   1141 O  O2    . U   D 4 11 ? -3.436  -2.744  5.047   1.00 49.85  ? 41  U   D O2    1 
ATOM   1142 N  N3    . U   D 4 11 ? -1.886  -4.157  5.911   1.00 52.98  ? 41  U   D N3    1 
ATOM   1143 C  C4    . U   D 4 11 ? -0.676  -4.451  6.521   1.00 53.21  ? 41  U   D C4    1 
ATOM   1144 O  O4    . U   D 4 11 ? -0.415  -5.621  6.825   1.00 57.30  ? 41  U   D O4    1 
ATOM   1145 C  C5    . U   D 4 11 ? 0.142   -3.301  6.810   1.00 54.48  ? 41  U   D C5    1 
ATOM   1146 C  C6    . U   D 4 11 ? -0.308  -2.073  6.507   1.00 52.17  ? 41  U   D C6    1 
ATOM   1147 P  P     . U   D 4 12 ? -4.690  2.842   6.611   1.00 55.69  ? 42  U   D P     1 
ATOM   1148 O  OP1   . U   D 4 12 ? -4.728  4.319   6.648   1.00 58.03  ? 42  U   D OP1   1 
ATOM   1149 O  OP2   . U   D 4 12 ? -4.623  2.071   7.874   1.00 50.48  ? 42  U   D OP2   1 
ATOM   1150 O  "O5'" . U   D 4 12 ? -5.932  2.335   5.754   1.00 51.99  ? 42  U   D "O5'" 1 
ATOM   1151 C  "C5'" . U   D 4 12 ? -7.279  2.492   6.192   1.00 54.76  ? 42  U   D "C5'" 1 
ATOM   1152 C  "C4'" . U   D 4 12 ? -8.023  1.183   6.032   1.00 55.81  ? 42  U   D "C4'" 1 
ATOM   1153 O  "O4'" . U   D 4 12 ? -7.873  0.704   4.668   1.00 52.48  ? 42  U   D "O4'" 1 
ATOM   1154 C  "C3'" . U   D 4 12 ? -7.368  0.122   6.915   1.00 54.20  ? 42  U   D "C3'" 1 
ATOM   1155 O  "O3'" . U   D 4 12 ? -8.344  -0.779  7.408   1.00 60.03  ? 42  U   D "O3'" 1 
ATOM   1156 C  "C2'" . U   D 4 12 ? -6.423  -0.643  6.003   1.00 53.92  ? 42  U   D "C2'" 1 
ATOM   1157 O  "O2'" . U   D 4 12 ? -6.413  -2.010  6.293   1.00 55.80  ? 42  U   D "O2'" 1 
ATOM   1158 C  "C1'" . U   D 4 12 ? -7.123  -0.489  4.663   1.00 55.10  ? 42  U   D "C1'" 1 
ATOM   1159 N  N1    . U   D 4 12 ? -6.317  -0.615  3.447   1.00 56.84  ? 42  U   D N1    1 
ATOM   1160 C  C2    . U   D 4 12 ? -6.548  -1.730  2.672   1.00 56.83  ? 42  U   D C2    1 
ATOM   1161 O  O2    . U   D 4 12 ? -7.420  -2.546  2.939   1.00 50.39  ? 42  U   D O2    1 
ATOM   1162 N  N3    . U   D 4 12 ? -5.739  -1.848  1.572   1.00 57.98  ? 42  U   D N3    1 
ATOM   1163 C  C4    . U   D 4 12 ? -4.754  -0.977  1.177   1.00 59.60  ? 42  U   D C4    1 
ATOM   1164 O  O4    . U   D 4 12 ? -4.064  -1.249  0.193   1.00 63.86  ? 42  U   D O4    1 
ATOM   1165 C  C5    . U   D 4 12 ? -4.600  0.167   2.021   1.00 60.72  ? 42  U   D C5    1 
ATOM   1166 C  C6    . U   D 4 12 ? -5.367  0.302   3.101   1.00 59.86  ? 42  U   D C6    1 
ATOM   1167 P  P     . A   D 4 13 ? -8.797  -0.757  8.929   1.00 59.91  ? 43  A   D P     1 
ATOM   1168 O  OP1   . A   D 4 13 ? -9.322  0.593   9.239   1.00 62.48  ? 43  A   D OP1   1 
ATOM   1169 O  OP2   . A   D 4 13 ? -7.700  -1.322  9.747   1.00 56.84  ? 43  A   D OP2   1 
ATOM   1170 O  "O5'" . A   D 4 13 ? -10.009 -1.789  8.898   1.00 52.63  ? 43  A   D "O5'" 1 
ATOM   1171 C  "C5'" . A   D 4 13 ? -11.081 -1.632  7.966   1.00 53.76  ? 43  A   D "C5'" 1 
ATOM   1172 C  "C4'" . A   D 4 13 ? -11.431 -2.959  7.332   1.00 58.68  ? 43  A   D "C4'" 1 
ATOM   1173 O  "O4'" . A   D 4 13 ? -10.337 -3.406  6.495   1.00 64.51  ? 43  A   D "O4'" 1 
ATOM   1174 C  "C3'" . A   D 4 13 ? -11.658 -4.106  8.300   1.00 60.18  ? 43  A   D "C3'" 1 
ATOM   1175 O  "O3'" . A   D 4 13 ? -13.009 -4.111  8.731   1.00 63.83  ? 43  A   D "O3'" 1 
ATOM   1176 C  "C2'" . A   D 4 13 ? -11.367 -5.327  7.440   1.00 60.93  ? 43  A   D "C2'" 1 
ATOM   1177 O  "O2'" . A   D 4 13 ? -12.467 -5.697  6.640   1.00 58.24  ? 43  A   D "O2'" 1 
ATOM   1178 C  "C1'" . A   D 4 13 ? -10.227 -4.816  6.561   1.00 59.19  ? 43  A   D "C1'" 1 
ATOM   1179 N  N9    . A   D 4 13 ? -8.899  -5.142  7.076   1.00 58.55  ? 43  A   D N9    1 
ATOM   1180 C  C8    . A   D 4 13 ? -7.861  -4.273  7.298   1.00 56.88  ? 43  A   D C8    1 
ATOM   1181 N  N7    . A   D 4 13 ? -6.777  -4.847  7.758   1.00 56.57  ? 43  A   D N7    1 
ATOM   1182 C  C5    . A   D 4 13 ? -7.127  -6.188  7.852   1.00 58.07  ? 43  A   D C5    1 
ATOM   1183 C  C6    . A   D 4 13 ? -6.415  -7.321  8.281   1.00 57.46  ? 43  A   D C6    1 
ATOM   1184 N  N6    . A   D 4 13 ? -5.155  -7.284  8.719   1.00 58.32  ? 43  A   D N6    1 
ATOM   1185 N  N1    . A   D 4 13 ? -7.051  -8.511  8.247   1.00 56.24  ? 43  A   D N1    1 
ATOM   1186 C  C2    . A   D 4 13 ? -8.320  -8.548  7.811   1.00 58.27  ? 43  A   D C2    1 
ATOM   1187 N  N3    . A   D 4 13 ? -9.096  -7.551  7.386   1.00 58.56  ? 43  A   D N3    1 
ATOM   1188 C  C4    . A   D 4 13 ? -8.433  -6.383  7.431   1.00 58.07  ? 43  A   D C4    1 
ATOM   1189 P  P     . C   D 4 14 ? -13.343 -4.206  10.297  1.00 68.89  ? 44  C   D P     1 
ATOM   1190 O  OP1   . C   D 4 14 ? -14.797 -4.467  10.398  1.00 64.96  ? 44  C   D OP1   1 
ATOM   1191 O  OP2   . C   D 4 14 ? -12.760 -3.013  10.963  1.00 54.58  ? 44  C   D OP2   1 
ATOM   1192 O  "O5'" . C   D 4 14 ? -12.550 -5.500  10.782  1.00 63.79  ? 44  C   D "O5'" 1 
ATOM   1193 C  "C5'" . C   D 4 14 ? -13.086 -6.812  10.608  1.00 65.82  ? 44  C   D "C5'" 1 
ATOM   1194 C  "C4'" . C   D 4 14 ? -12.161 -7.830  11.230  1.00 70.19  ? 44  C   D "C4'" 1 
ATOM   1195 O  "O4'" . C   D 4 14 ? -10.946 -7.917  10.443  1.00 69.65  ? 44  C   D "O4'" 1 
ATOM   1196 C  "C3'" . C   D 4 14 ? -11.683 -7.499  12.635  1.00 71.81  ? 44  C   D "C3'" 1 
ATOM   1197 O  "O3'" . C   D 4 14 ? -12.631 -7.903  13.617  1.00 73.09  ? 44  C   D "O3'" 1 
ATOM   1198 C  "C2'" . C   D 4 14 ? -10.373 -8.277  12.720  1.00 71.65  ? 44  C   D "C2'" 1 
ATOM   1199 O  "O2'" . C   D 4 14 ? -10.527 -9.650  13.018  1.00 73.96  ? 44  C   D "O2'" 1 
ATOM   1200 C  "C1'" . C   D 4 14 ? -9.832  -8.103  11.300  1.00 69.84  ? 44  C   D "C1'" 1 
ATOM   1201 N  N1    . C   D 4 14 ? -8.992  -6.905  11.187  1.00 69.83  ? 44  C   D N1    1 
ATOM   1202 C  C2    . C   D 4 14 ? -7.655  -6.975  11.579  1.00 70.98  ? 44  C   D C2    1 
ATOM   1203 O  O2    . C   D 4 14 ? -7.207  -8.050  12.012  1.00 71.82  ? 44  C   D O2    1 
ATOM   1204 N  N3    . C   D 4 14 ? -6.885  -5.867  11.476  1.00 70.92  ? 44  C   D N3    1 
ATOM   1205 C  C4    . C   D 4 14 ? -7.406  -4.730  11.004  1.00 68.26  ? 44  C   D C4    1 
ATOM   1206 N  N4    . C   D 4 14 ? -6.610  -3.662  10.916  1.00 66.85  ? 44  C   D N4    1 
ATOM   1207 C  C5    . C   D 4 14 ? -8.765  -4.637  10.601  1.00 66.84  ? 44  C   D C5    1 
ATOM   1208 C  C6    . C   D 4 14 ? -9.514  -5.736  10.707  1.00 67.75  ? 44  C   D C6    1 
ATOM   1209 P  P     . C   D 4 15 ? -12.732 -7.102  15.008  1.00 75.32  ? 45  C   D P     1 
ATOM   1210 O  OP1   . C   D 4 15 ? -13.879 -7.674  15.751  1.00 75.74  ? 45  C   D OP1   1 
ATOM   1211 O  OP2   . C   D 4 15 ? -12.691 -5.644  14.736  1.00 74.46  ? 45  C   D OP2   1 
ATOM   1212 O  "O5'" . C   D 4 15 ? -11.387 -7.490  15.767  1.00 72.87  ? 45  C   D "O5'" 1 
ATOM   1213 C  "C5'" . C   D 4 15 ? -11.132 -8.837  16.132  1.00 69.99  ? 45  C   D "C5'" 1 
ATOM   1214 C  "C4'" . C   D 4 15 ? -9.785  -8.956  16.791  1.00 72.51  ? 45  C   D "C4'" 1 
ATOM   1215 O  "O4'" . C   D 4 15 ? -8.744  -8.675  15.817  1.00 73.34  ? 45  C   D "O4'" 1 
ATOM   1216 C  "C3'" . C   D 4 15 ? -9.526  -7.947  17.894  1.00 75.45  ? 45  C   D "C3'" 1 
ATOM   1217 O  "O3'" . C   D 4 15 ? -10.101 -8.339  19.130  1.00 79.77  ? 45  C   D "O3'" 1 
ATOM   1218 C  "C2'" . C   D 4 15 ? -8.004  -7.897  17.941  1.00 74.99  ? 45  C   D "C2'" 1 
ATOM   1219 O  "O2'" . C   D 4 15 ? -7.399  -8.943  18.679  1.00 76.09  ? 45  C   D "O2'" 1 
ATOM   1220 C  "C1'" . C   D 4 15 ? -7.659  -8.019  16.457  1.00 74.84  ? 45  C   D "C1'" 1 
ATOM   1221 N  N1    . C   D 4 15 ? -7.487  -6.694  15.849  1.00 73.26  ? 45  C   D N1    1 
ATOM   1222 C  C2    . C   D 4 15 ? -6.267  -6.039  16.023  1.00 72.27  ? 45  C   D C2    1 
ATOM   1223 O  O2    . C   D 4 15 ? -5.358  -6.612  16.660  1.00 71.40  ? 45  C   D O2    1 
ATOM   1224 N  N3    . C   D 4 15 ? -6.103  -4.802  15.497  1.00 70.65  ? 45  C   D N3    1 
ATOM   1225 C  C4    . C   D 4 15 ? -7.097  -4.227  14.814  1.00 71.70  ? 45  C   D C4    1 
ATOM   1226 N  N4    . C   D 4 15 ? -6.893  -3.000  14.322  1.00 70.07  ? 45  C   D N4    1 
ATOM   1227 C  C5    . C   D 4 15 ? -8.345  -4.881  14.608  1.00 71.69  ? 45  C   D C5    1 
ATOM   1228 C  C6    . C   D 4 15 ? -8.495  -6.103  15.138  1.00 72.57  ? 45  C   D C6    1 
ATOM   1229 P  P     . U   D 4 16 ? -10.468 -7.219  20.217  1.00 82.47  ? 46  U   D P     1 
ATOM   1230 O  OP1   . U   D 4 16 ? -11.244 -7.890  21.287  1.00 84.75  ? 46  U   D OP1   1 
ATOM   1231 O  OP2   . U   D 4 16 ? -11.064 -6.063  19.493  1.00 79.35  ? 46  U   D OP2   1 
ATOM   1232 O  "O5'" . U   D 4 16 ? -9.049  -6.796  20.808  1.00 77.47  ? 46  U   D "O5'" 1 
ATOM   1233 C  "C5'" . U   D 4 16 ? -8.251  -7.739  21.514  1.00 72.96  ? 46  U   D "C5'" 1 
ATOM   1234 C  "C4'" . U   D 4 16 ? -6.969  -7.101  21.999  1.00 75.43  ? 46  U   D "C4'" 1 
ATOM   1235 O  "O4'" . U   D 4 16 ? -6.140  -6.758  20.855  1.00 76.47  ? 46  U   D "O4'" 1 
ATOM   1236 C  "C3'" . U   D 4 16 ? -7.113  -5.794  22.764  1.00 77.61  ? 46  U   D "C3'" 1 
ATOM   1237 O  "O3'" . U   D 4 16 ? -7.409  -5.989  24.145  1.00 78.49  ? 46  U   D "O3'" 1 
ATOM   1238 C  "C2'" . U   D 4 16 ? -5.743  -5.157  22.564  1.00 77.37  ? 46  U   D "C2'" 1 
ATOM   1239 O  "O2'" . U   D 4 16 ? -4.745  -5.649  23.436  1.00 74.65  ? 46  U   D "O2'" 1 
ATOM   1240 C  "C1'" . U   D 4 16 ? -5.434  -5.554  21.118  1.00 75.69  ? 46  U   D "C1'" 1 
ATOM   1241 N  N1    . U   D 4 16 ? -5.891  -4.521  20.179  1.00 71.36  ? 46  U   D N1    1 
ATOM   1242 C  C2    . U   D 4 16 ? -5.086  -3.414  20.008  1.00 70.90  ? 46  U   D C2    1 
ATOM   1243 O  O2    . U   D 4 16 ? -4.000  -3.287  20.566  1.00 71.02  ? 46  U   D O2    1 
ATOM   1244 N  N3    . U   D 4 16 ? -5.590  -2.458  19.160  1.00 68.84  ? 46  U   D N3    1 
ATOM   1245 C  C4    . U   D 4 16 ? -6.784  -2.502  18.472  1.00 69.54  ? 46  U   D C4    1 
ATOM   1246 O  O4    . U   D 4 16 ? -7.123  -1.538  17.777  1.00 68.26  ? 46  U   D O4    1 
ATOM   1247 C  C5    . U   D 4 16 ? -7.545  -3.692  18.684  1.00 71.64  ? 46  U   D C5    1 
ATOM   1248 C  C6    . U   D 4 16 ? -7.084  -4.637  19.508  1.00 72.26  ? 46  U   D C6    1 
ATOM   1249 P  P     . G   D 4 17 ? -8.148  -4.825  24.977  1.00 82.78  ? 47  G   D P     1 
ATOM   1250 O  OP1   . G   D 4 17 ? -8.478  -5.362  26.319  1.00 86.07  ? 47  G   D OP1   1 
ATOM   1251 O  OP2   . G   D 4 17 ? -9.229  -4.264  24.128  1.00 76.83  ? 47  G   D OP2   1 
ATOM   1252 O  "O5'" . G   D 4 17 ? -7.014  -3.732  25.190  1.00 77.94  ? 47  G   D "O5'" 1 
ATOM   1253 C  "C5'" . G   D 4 17 ? -5.892  -4.024  26.011  1.00 76.85  ? 47  G   D "C5'" 1 
ATOM   1254 C  "C4'" . G   D 4 17 ? -4.913  -2.877  26.000  1.00 77.51  ? 47  G   D "C4'" 1 
ATOM   1255 O  "O4'" . G   D 4 17 ? -4.415  -2.691  24.647  1.00 76.99  ? 47  G   D "O4'" 1 
ATOM   1256 C  "C3'" . G   D 4 17 ? -5.470  -1.515  26.384  1.00 75.98  ? 47  G   D "C3'" 1 
ATOM   1257 O  "O3'" . G   D 4 17 ? -5.531  -1.337  27.794  1.00 75.41  ? 47  G   D "O3'" 1 
ATOM   1258 C  "C2'" . G   D 4 17 ? -4.481  -0.569  25.712  1.00 77.33  ? 47  G   D "C2'" 1 
ATOM   1259 O  "O2'" . G   D 4 17 ? -3.268  -0.426  26.426  1.00 77.62  ? 47  G   D "O2'" 1 
ATOM   1260 C  "C1'" . G   D 4 17 ? -4.211  -1.307  24.401  1.00 74.71  ? 47  G   D "C1'" 1 
ATOM   1261 N  N9    . G   D 4 17 ? -5.105  -0.886  23.327  1.00 69.88  ? 47  G   D N9    1 
ATOM   1262 C  C8    . G   D 4 17 ? -6.204  -1.552  22.833  1.00 67.47  ? 47  G   D C8    1 
ATOM   1263 N  N7    . G   D 4 17 ? -6.786  -0.928  21.847  1.00 66.83  ? 47  G   D N7    1 
ATOM   1264 C  C5    . G   D 4 17 ? -6.028  0.226   21.683  1.00 66.94  ? 47  G   D C5    1 
ATOM   1265 C  C6    . G   D 4 17 ? -6.162  1.300   20.754  1.00 66.58  ? 47  G   D C6    1 
ATOM   1266 O  O6    . G   D 4 17 ? -6.997  1.444   19.843  1.00 67.79  ? 47  G   D O6    1 
ATOM   1267 N  N1    . G   D 4 17 ? -5.183  2.270   20.957  1.00 64.75  ? 47  G   D N1    1 
ATOM   1268 C  C2    . G   D 4 17 ? -4.200  2.219   21.917  1.00 66.09  ? 47  G   D C2    1 
ATOM   1269 N  N2    . G   D 4 17 ? -3.356  3.259   21.964  1.00 63.46  ? 47  G   D N2    1 
ATOM   1270 N  N3    . G   D 4 17 ? -4.056  1.224   22.771  1.00 66.52  ? 47  G   D N3    1 
ATOM   1271 C  C4    . G   D 4 17 ? -4.998  0.269   22.599  1.00 66.72  ? 47  G   D C4    1 
ATOM   1272 P  P     . C   D 4 18 ? -6.541  -0.253  28.411  1.00 76.79  ? 48  C   D P     1 
ATOM   1273 O  OP1   . C   D 4 18 ? -6.367  -0.259  29.878  1.00 82.25  ? 48  C   D OP1   1 
ATOM   1274 O  OP2   . C   D 4 18 ? -7.887  -0.475  27.830  1.00 73.54  ? 48  C   D OP2   1 
ATOM   1275 O  "O5'" . C   D 4 18 ? -5.957  1.129   27.897  1.00 76.40  ? 48  C   D "O5'" 1 
ATOM   1276 C  "C5'" . C   D 4 18 ? -4.694  1.575   28.361  1.00 72.69  ? 48  C   D "C5'" 1 
ATOM   1277 C  "C4'" . C   D 4 18 ? -4.417  2.962   27.857  1.00 72.45  ? 48  C   D "C4'" 1 
ATOM   1278 O  "O4'" . C   D 4 18 ? -4.171  2.909   26.429  1.00 71.59  ? 48  C   D "O4'" 1 
ATOM   1279 C  "C3'" . C   D 4 18 ? -5.563  3.945   28.000  1.00 72.89  ? 48  C   D "C3'" 1 
ATOM   1280 O  "O3'" . C   D 4 18 ? -5.636  4.497   29.305  1.00 70.69  ? 48  C   D "O3'" 1 
ATOM   1281 C  "C2'" . C   D 4 18 ? -5.222  4.969   26.928  1.00 72.57  ? 48  C   D "C2'" 1 
ATOM   1282 O  "O2'" . C   D 4 18 ? -4.182  5.839   27.314  1.00 72.42  ? 48  C   D "O2'" 1 
ATOM   1283 C  "C1'" . C   D 4 18 ? -4.711  4.064   25.810  1.00 68.94  ? 48  C   D "C1'" 1 
ATOM   1284 N  N1    . C   D 4 18 ? -5.812  3.650   24.928  1.00 68.25  ? 48  C   D N1    1 
ATOM   1285 C  C2    . C   D 4 18 ? -6.253  4.542   23.953  1.00 66.80  ? 48  C   D C2    1 
ATOM   1286 O  O2    . C   D 4 18 ? -5.707  5.653   23.870  1.00 67.60  ? 48  C   D O2    1 
ATOM   1287 N  N3    . C   D 4 18 ? -7.261  4.176   23.127  1.00 64.89  ? 48  C   D N3    1 
ATOM   1288 C  C4    . C   D 4 18 ? -7.824  2.973   23.252  1.00 65.12  ? 48  C   D C4    1 
ATOM   1289 N  N4    . C   D 4 18 ? -8.805  2.648   22.403  1.00 63.14  ? 48  C   D N4    1 
ATOM   1290 C  C5    . C   D 4 18 ? -7.404  2.046   24.249  1.00 66.47  ? 48  C   D C5    1 
ATOM   1291 C  C6    . C   D 4 18 ? -6.402  2.421   25.056  1.00 66.92  ? 48  C   D C6    1 
ATOM   1292 P  P     . C   D 4 19 ? -7.071  4.821   29.950  1.00 77.34  ? 49  C   D P     1 
ATOM   1293 O  OP1   . C   D 4 19 ? -6.839  5.047   31.394  1.00 79.28  ? 49  C   D OP1   1 
ATOM   1294 O  OP2   . C   D 4 19 ? -8.062  3.800   29.511  1.00 74.47  ? 49  C   D OP2   1 
ATOM   1295 O  "O5'" . C   D 4 19 ? -7.464  6.218   29.300  1.00 73.10  ? 49  C   D "O5'" 1 
ATOM   1296 C  "C5'" . C   D 4 19 ? -6.529  7.294   29.293  1.00 69.84  ? 49  C   D "C5'" 1 
ATOM   1297 C  "C4'" . C   D 4 19 ? -6.885  8.303   28.223  1.00 68.76  ? 49  C   D "C4'" 1 
ATOM   1298 O  "O4'" . C   D 4 19 ? -6.768  7.681   26.916  1.00 68.30  ? 49  C   D "O4'" 1 
ATOM   1299 C  "C3'" . C   D 4 19 ? -8.320  8.802   28.258  1.00 66.14  ? 49  C   D "C3'" 1 
ATOM   1300 O  "O3'" . C   D 4 19 ? -8.571  9.799   29.241  1.00 68.45  ? 49  C   D "O3'" 1 
ATOM   1301 C  "C2'" . C   D 4 19 ? -8.530  9.270   26.827  1.00 65.58  ? 49  C   D "C2'" 1 
ATOM   1302 O  "O2'" . C   D 4 19 ? -7.902  10.509  26.594  1.00 58.41  ? 49  C   D "O2'" 1 
ATOM   1303 C  "C1'" . C   D 4 19 ? -7.760  8.207   26.048  1.00 65.87  ? 49  C   D "C1'" 1 
ATOM   1304 N  N1    . C   D 4 19 ? -8.607  7.109   25.540  1.00 67.88  ? 49  C   D N1    1 
ATOM   1305 C  C2    . C   D 4 19 ? -9.325  7.319   24.362  1.00 65.46  ? 49  C   D C2    1 
ATOM   1306 O  O2    . C   D 4 19 ? -9.227  8.413   23.783  1.00 67.94  ? 49  C   D O2    1 
ATOM   1307 N  N3    . C   D 4 19 ? -10.104 6.329   23.878  1.00 65.18  ? 49  C   D N3    1 
ATOM   1308 C  C4    . C   D 4 19 ? -10.176 5.167   24.515  1.00 65.84  ? 49  C   D C4    1 
ATOM   1309 N  N4    . C   D 4 19 ? -10.948 4.222   23.984  1.00 64.67  ? 49  C   D N4    1 
ATOM   1310 C  C5    . C   D 4 19 ? -9.460  4.922   25.719  1.00 66.64  ? 49  C   D C5    1 
ATOM   1311 C  C6    . C   D 4 19 ? -8.695  5.914   26.194  1.00 66.28  ? 49  C   D C6    1 
HETATM 1312 S  S     . SO4 E 5 .  ? -11.963 9.008   -4.653  0.50 66.56  ? 103 SO4 A S     1 
HETATM 1313 O  O1    . SO4 E 5 .  ? -11.857 8.804   -6.106  0.50 64.86  ? 103 SO4 A O1    1 
HETATM 1314 O  O2    . SO4 E 5 .  ? -13.341 8.694   -4.228  0.50 65.01  ? 103 SO4 A O2    1 
HETATM 1315 O  O3    . SO4 E 5 .  ? -11.020 8.111   -3.967  0.50 65.25  ? 103 SO4 A O3    1 
HETATM 1316 O  O4    . SO4 E 5 .  ? -11.641 10.410  -4.324  0.50 63.03  ? 103 SO4 A O4    1 
HETATM 1317 CO CO    . NCO F 6 .  ? -12.484 3.829   -4.427  1.00 77.32  ? 102 NCO B CO    1 
HETATM 1318 N  N1    . NCO F 6 .  ? -11.417 2.209   -5.028  1.00 76.75  ? 102 NCO B N1    1 
HETATM 1319 N  N2    . NCO F 6 .  ? -12.807 2.825   -2.713  1.00 77.91  ? 102 NCO B N2    1 
HETATM 1320 N  N3    . NCO F 6 .  ? -10.877 4.832   -3.817  1.00 77.75  ? 102 NCO B N3    1 
HETATM 1321 N  N4    . NCO F 6 .  ? -14.158 3.005   -5.012  1.00 76.70  ? 102 NCO B N4    1 
HETATM 1322 N  N5    . NCO F 6 .  ? -13.581 5.351   -3.856  1.00 77.64  ? 102 NCO B N5    1 
HETATM 1323 N  N6    . NCO F 6 .  ? -12.173 4.727   -6.206  1.00 77.82  ? 102 NCO B N6    1 
HETATM 1324 CO CO    . NCO G 6 .  ? 3.291   -1.068  11.414  1.00 30.21  ? 101 NCO D CO    1 
HETATM 1325 N  N1    . NCO G 6 .  ? 4.429   0.196   10.347  1.00 44.20  ? 101 NCO D N1    1 
HETATM 1326 N  N2    . NCO G 6 .  ? 4.852   -2.295  11.361  1.00 45.53  ? 101 NCO D N2    1 
HETATM 1327 N  N3    . NCO G 6 .  ? 3.748   -0.218  13.124  1.00 48.74  ? 101 NCO D N3    1 
HETATM 1328 N  N4    . NCO G 6 .  ? 2.694   -1.983  9.808   1.00 46.77  ? 101 NCO D N4    1 
HETATM 1329 N  N5    . NCO G 6 .  ? 2.224   -2.363  12.389  1.00 46.77  ? 101 NCO D N5    1 
HETATM 1330 N  N6    . NCO G 6 .  ? 1.746   0.208   11.376  1.00 45.89  ? 101 NCO D N6    1 
HETATM 1331 O  O     . HOH H 7 .  ? 8.440   -3.769  -8.199  1.00 79.12  ? 104 HOH A O     1 
HETATM 1332 O  O     . HOH H 7 .  ? -2.565  2.252   -2.225  1.00 53.07  ? 105 HOH A O     1 
HETATM 1333 O  O     . HOH H 7 .  ? -1.194  0.238   0.471   1.00 72.10  ? 106 HOH A O     1 
HETATM 1334 O  O     . HOH H 7 .  ? -0.260  5.033   -11.252 1.00 55.64  ? 107 HOH A O     1 
HETATM 1335 O  O     . HOH H 7 .  ? 2.146   4.056   -5.444  1.00 59.29  ? 108 HOH A O     1 
HETATM 1336 O  O     . HOH I 7 .  ? -14.559 0.155   8.238   1.00 67.78  ? 16  HOH B O     1 
HETATM 1337 O  O     . HOH I 7 .  ? -11.129 3.562   6.041   1.00 65.33  ? 17  HOH B O     1 
HETATM 1338 O  O     . HOH J 7 .  ? 10.039  -19.768 -12.245 1.00 63.30  ? 32  HOH C O     1 
HETATM 1339 O  O     . HOH J 7 .  ? 10.761  -16.649 -11.384 1.00 53.73  ? 33  HOH C O     1 
HETATM 1340 O  O     . HOH J 7 .  ? 10.454  -10.751 -9.766  1.00 72.78  ? 34  HOH C O     1 
HETATM 1341 O  O     . HOH J 7 .  ? 8.458   -1.977  -13.674 1.00 62.21  ? 35  HOH C O     1 
HETATM 1342 O  O     . HOH J 7 .  ? -0.560  -10.472 -10.754 1.00 63.47  ? 36  HOH C O     1 
HETATM 1343 O  O     . HOH J 7 .  ? -2.104  -7.819  19.859  1.00 71.05  ? 37  HOH C O     1 
HETATM 1344 O  O     . HOH J 7 .  ? -9.793  -8.367  0.198   1.00 63.47  ? 38  HOH C O     1 
HETATM 1345 O  O     . HOH J 7 .  ? -4.304  -16.243 0.055   1.00 77.53  ? 39  HOH C O     1 
HETATM 1346 O  O     . HOH J 7 .  ? -2.724  -12.159 -9.660  1.00 68.30  ? 40  HOH C O     1 
HETATM 1347 O  O     . HOH J 7 .  ? -5.835  -12.936 -6.468  1.00 67.94  ? 41  HOH C O     1 
HETATM 1348 O  O     . HOH J 7 .  ? -7.146  -11.995 4.742   1.00 61.83  ? 42  HOH C O     1 
HETATM 1349 O  O     . HOH J 7 .  ? -10.187 2.465   18.475  1.00 66.66  ? 43  HOH C O     1 
HETATM 1350 O  O     . HOH J 7 .  ? -12.711 1.705   21.068  1.00 72.60  ? 44  HOH C O     1 
HETATM 1351 O  O     . HOH K 7 .  ? 10.398  -9.264  -6.569  1.00 57.35  ? 102 HOH D O     1 
HETATM 1352 O  O     . HOH K 7 .  ? 8.989   -16.476 -9.146  1.00 64.19  ? 103 HOH D O     1 
HETATM 1353 O  O     . HOH K 7 .  ? 0.939   -12.887 -5.960  1.00 59.46  ? 104 HOH D O     1 
HETATM 1354 O  O     . HOH K 7 .  ? 2.690   -8.692  2.540   1.00 53.67  ? 105 HOH D O     1 
HETATM 1355 O  O     . HOH K 7 .  ? 7.580   -0.449  -1.983  1.00 57.96  ? 106 HOH D O     1 
HETATM 1356 O  O     . HOH K 7 .  ? 12.902  -14.022 -4.237  1.00 64.34  ? 107 HOH D O     1 
HETATM 1357 O  O     . HOH K 7 .  ? -1.339  -12.798 -15.692 1.00 61.66  ? 108 HOH D O     1 
HETATM 1358 O  O     . HOH K 7 .  ? -1.440  -14.863 -10.758 1.00 58.70  ? 109 HOH D O     1 
HETATM 1359 O  O     . HOH K 7 .  ? 7.054   2.316   12.085  1.00 71.79  ? 110 HOH D O     1 
HETATM 1360 O  O     . HOH K 7 .  ? 15.879  -5.453  5.806   1.00 71.21  ? 111 HOH D O     1 
HETATM 1361 O  O     . HOH K 7 .  ? -11.387 -3.447  13.210  1.00 63.28  ? 112 HOH D O     1 
HETATM 1362 O  O     . HOH K 7 .  ? -13.653 -10.409 13.440  1.00 80.35  ? 113 HOH D O     1 
HETATM 1363 O  O     . HOH K 7 .  ? -14.444 -5.114  18.561  1.00 78.78  ? 114 HOH D O     1 
# 
loop_
_pdbx_poly_seq_scheme.asym_id 
_pdbx_poly_seq_scheme.entity_id 
_pdbx_poly_seq_scheme.seq_id 
_pdbx_poly_seq_scheme.mon_id 
_pdbx_poly_seq_scheme.ndb_seq_num 
_pdbx_poly_seq_scheme.pdb_seq_num 
_pdbx_poly_seq_scheme.auth_seq_num 
_pdbx_poly_seq_scheme.pdb_mon_id 
_pdbx_poly_seq_scheme.auth_mon_id 
_pdbx_poly_seq_scheme.pdb_strand_id 
_pdbx_poly_seq_scheme.pdb_ins_code 
_pdbx_poly_seq_scheme.hetero 
A 1 1  U   1  1  1  U   U   A . n 
A 1 2  C   2  2  2  C   C   A . n 
A 1 3  C   3  3  3  C   C   A . n 
A 1 4  C   4  4  4  C   C   A . n 
A 1 5  A2M 5  5  5  A2M A2M A . n 
A 1 6  G   6  6  6  G   G   A . n 
A 1 7  U   7  7  7  U   U   A . n 
A 1 8  C   8  8  8  C   C   A . n 
A 1 9  C   9  9  9  C   C   A . n 
A 1 10 A   10 10 10 A   A   A . n 
A 1 11 C   11 11 11 C   C   A . n 
A 1 12 C   12 12 12 C   C   A . n 
A 1 13 G   13 13 13 G   G   A . n 
B 2 1  C   1  2  2  C   C   B . n 
B 2 2  G   2  3  3  G   G   B . n 
B 2 3  G   3  4  4  G   G   B . n 
B 2 4  U   4  5  5  U   U   B . n 
B 2 5  G   5  6  6  G   G   B . n 
B 2 6  A   6  7  7  A   A   B . n 
B 2 7  I   7  8  8  I   I   B . n 
B 2 8  A   8  9  9  A   A   B . n 
B 2 9  A   9  10 10 A   A   B . n 
B 2 10 G   10 11 11 G   G   B . n 
B 2 11 G   11 12 12 G   G   B . n 
B 2 12 G   12 13 13 G   G   B . n 
C 3 1  G   1  15 15 G   G   C . n 
C 3 2  G   2  16 16 G   G   C . n 
C 3 3  C   3  17 17 C   C   C . n 
C 3 4  A   4  18 18 A   A   C . n 
C 3 5  G   5  19 19 G   G   C . n 
C 3 6  A   6  20 20 A   A   C . n 
C 3 7  G   7  21 21 G   G   C . n 
C 3 8  A   8  22 22 A   A   C . n 
C 3 9  A   9  23 23 A   A   C . n 
C 3 10 A   10 24 24 A   A   C . n 
C 3 11 C   11 25 25 C   C   C . n 
C 3 12 A   12 26 26 A   A   C . n 
C 3 13 C   13 27 27 C   C   C . n 
C 3 14 A   14 28 28 A   A   C . n 
C 3 15 C   15 29 29 C   C   C . n 
C 3 16 G   16 30 30 G   G   C . n 
C 3 17 A   17 31 31 A   A   C . n 
D 4 1  U   1  31 31 U   U   D . n 
D 4 2  C   2  32 32 C   C   D . n 
D 4 3  G   3  33 33 G   G   D . n 
D 4 4  U   4  34 34 U   U   D . n 
D 4 5  G   5  35 35 G   G   D . n 
D 4 6  G   6  36 36 G   G   D . n 
D 4 7  U   7  37 37 U   U   D . n 
D 4 8  A   8  38 38 A   A   D . n 
D 4 9  C   9  39 39 C   C   D . n 
D 4 10 A   10 40 40 A   A   D . n 
D 4 11 U   11 41 41 U   U   D . n 
D 4 12 U   12 42 42 U   U   D . n 
D 4 13 A   13 43 43 A   A   D . n 
D 4 14 C   14 44 44 C   C   D . n 
D 4 15 C   15 45 45 C   C   D . n 
D 4 16 U   16 46 46 U   U   D . n 
D 4 17 G   17 47 47 G   G   D . n 
D 4 18 C   18 48 48 C   C   D . n 
D 4 19 C   19 49 49 C   C   D . n 
# 
loop_
_pdbx_nonpoly_scheme.asym_id 
_pdbx_nonpoly_scheme.entity_id 
_pdbx_nonpoly_scheme.mon_id 
_pdbx_nonpoly_scheme.ndb_seq_num 
_pdbx_nonpoly_scheme.pdb_seq_num 
_pdbx_nonpoly_scheme.auth_seq_num 
_pdbx_nonpoly_scheme.pdb_mon_id 
_pdbx_nonpoly_scheme.auth_mon_id 
_pdbx_nonpoly_scheme.pdb_strand_id 
_pdbx_nonpoly_scheme.pdb_ins_code 
E 5 SO4 1  103 103 SO4 SO4 A . 
F 6 NCO 1  102 102 NCO NCO B . 
G 6 NCO 1  101 101 NCO NCO D . 
H 7 HOH 1  104 12  HOH HOH A . 
H 7 HOH 2  105 13  HOH HOH A . 
H 7 HOH 3  106 14  HOH HOH A . 
H 7 HOH 4  107 20  HOH HOH A . 
H 7 HOH 5  108 21  HOH HOH A . 
I 7 HOH 1  16  16  HOH HOH B . 
I 7 HOH 2  17  17  HOH HOH B . 
J 7 HOH 1  32  2   HOH HOH C . 
J 7 HOH 2  33  3   HOH HOH C . 
J 7 HOH 3  34  9   HOH HOH C . 
J 7 HOH 4  35  10  HOH HOH C . 
J 7 HOH 5  36  11  HOH HOH C . 
J 7 HOH 6  37  15  HOH HOH C . 
J 7 HOH 7  38  18  HOH HOH C . 
J 7 HOH 8  39  23  HOH HOH C . 
J 7 HOH 9  40  24  HOH HOH C . 
J 7 HOH 10 41  26  HOH HOH C . 
J 7 HOH 11 42  27  HOH HOH C . 
J 7 HOH 12 43  28  HOH HOH C . 
J 7 HOH 13 44  34  HOH HOH C . 
K 7 HOH 1  102 1   HOH HOH D . 
K 7 HOH 2  103 4   HOH HOH D . 
K 7 HOH 3  104 5   HOH HOH D . 
K 7 HOH 4  105 6   HOH HOH D . 
K 7 HOH 5  106 7   HOH HOH D . 
K 7 HOH 6  107 8   HOH HOH D . 
K 7 HOH 7  108 19  HOH HOH D . 
K 7 HOH 8  109 25  HOH HOH D . 
K 7 HOH 9  110 29  HOH HOH D . 
K 7 HOH 10 111 30  HOH HOH D . 
K 7 HOH 11 112 31  HOH HOH D . 
K 7 HOH 12 113 32  HOH HOH D . 
K 7 HOH 13 114 33  HOH HOH D . 
# 
_pdbx_struct_mod_residue.id               1 
_pdbx_struct_mod_residue.label_asym_id    A 
_pdbx_struct_mod_residue.label_comp_id    A2M 
_pdbx_struct_mod_residue.label_seq_id     5 
_pdbx_struct_mod_residue.auth_asym_id     A 
_pdbx_struct_mod_residue.auth_comp_id     A2M 
_pdbx_struct_mod_residue.auth_seq_id      5 
_pdbx_struct_mod_residue.PDB_ins_code     ? 
_pdbx_struct_mod_residue.parent_comp_id   A 
_pdbx_struct_mod_residue.details          "2'-O-METHYL-ADENOSINE-5'-MONOPHOSPHATE" 
# 
_pdbx_struct_assembly.id                   1 
_pdbx_struct_assembly.details              author_defined_assembly 
_pdbx_struct_assembly.method_details       ? 
_pdbx_struct_assembly.oligomeric_details   tetrameric 
_pdbx_struct_assembly.oligomeric_count     4 
# 
_pdbx_struct_assembly_gen.assembly_id       1 
_pdbx_struct_assembly_gen.oper_expression   1 
_pdbx_struct_assembly_gen.asym_id_list      A,B,C,D,E,F,G,H,I,J,K 
# 
_pdbx_struct_oper_list.id                   1 
_pdbx_struct_oper_list.type                 'identity operation' 
_pdbx_struct_oper_list.name                 1_555 
_pdbx_struct_oper_list.symmetry_operation   x,y,z 
_pdbx_struct_oper_list.matrix[1][1]         1.0000000000 
_pdbx_struct_oper_list.matrix[1][2]         0.0000000000 
_pdbx_struct_oper_list.matrix[1][3]         0.0000000000 
_pdbx_struct_oper_list.vector[1]            0.0000000000 
_pdbx_struct_oper_list.matrix[2][1]         0.0000000000 
_pdbx_struct_oper_list.matrix[2][2]         1.0000000000 
_pdbx_struct_oper_list.matrix[2][3]         0.0000000000 
_pdbx_struct_oper_list.vector[2]            0.0000000000 
_pdbx_struct_oper_list.matrix[3][1]         0.0000000000 
_pdbx_struct_oper_list.matrix[3][2]         0.0000000000 
_pdbx_struct_oper_list.matrix[3][3]         1.0000000000 
_pdbx_struct_oper_list.vector[3]            0.0000000000 
# 
loop_
_pdbx_audit_revision_history.ordinal 
_pdbx_audit_revision_history.data_content_type 
_pdbx_audit_revision_history.major_revision 
_pdbx_audit_revision_history.minor_revision 
_pdbx_audit_revision_history.revision_date 
1 'Structure model' 1 0 2006-02-14 
2 'Structure model' 1 1 2008-04-30 
3 'Structure model' 1 2 2011-07-13 
4 'Structure model' 1 3 2023-08-23 
# 
_pdbx_audit_revision_details.ordinal             1 
_pdbx_audit_revision_details.revision_ordinal    1 
_pdbx_audit_revision_details.data_content_type   'Structure model' 
_pdbx_audit_revision_details.provider            repository 
_pdbx_audit_revision_details.type                'Initial release' 
_pdbx_audit_revision_details.description         ? 
_pdbx_audit_revision_details.details             ? 
# 
loop_
_pdbx_audit_revision_group.ordinal 
_pdbx_audit_revision_group.revision_ordinal 
_pdbx_audit_revision_group.data_content_type 
_pdbx_audit_revision_group.group 
1 2 'Structure model' 'Version format compliance' 
2 3 'Structure model' 'Non-polymer description'   
3 3 'Structure model' 'Version format compliance' 
4 4 'Structure model' 'Data collection'           
5 4 'Structure model' 'Database references'       
6 4 'Structure model' 'Derived calculations'      
7 4 'Structure model' 'Refinement description'    
# 
loop_
_pdbx_audit_revision_category.ordinal 
_pdbx_audit_revision_category.revision_ordinal 
_pdbx_audit_revision_category.data_content_type 
_pdbx_audit_revision_category.category 
1 4 'Structure model' chem_comp_atom                
2 4 'Structure model' chem_comp_bond                
3 4 'Structure model' database_2                    
4 4 'Structure model' pdbx_initial_refinement_model 
5 4 'Structure model' struct_conn                   
6 4 'Structure model' struct_site                   
# 
loop_
_pdbx_audit_revision_item.ordinal 
_pdbx_audit_revision_item.revision_ordinal 
_pdbx_audit_revision_item.data_content_type 
_pdbx_audit_revision_item.item 
1 4 'Structure model' '_database_2.pdbx_DOI'                
2 4 'Structure model' '_database_2.pdbx_database_accession' 
3 4 'Structure model' '_struct_conn.pdbx_leaving_atom_flag' 
4 4 'Structure model' '_struct_site.pdbx_auth_asym_id'      
5 4 'Structure model' '_struct_site.pdbx_auth_comp_id'      
6 4 'Structure model' '_struct_site.pdbx_auth_seq_id'       
# 
loop_
_software.name 
_software.classification 
_software.version 
_software.citation_id 
_software.pdbx_ordinal 
CNS          refinement        1.1            ? 1 
ADSC         'data collection' .              ? 2 
CrystalClear 'data scaling'    '(MSC/RIGAKU)' ? 3 
CNS          phasing           .              ? 4 
# 
loop_
_pdbx_validate_rmsd_angle.id 
_pdbx_validate_rmsd_angle.PDB_model_num 
_pdbx_validate_rmsd_angle.auth_atom_id_1 
_pdbx_validate_rmsd_angle.auth_asym_id_1 
_pdbx_validate_rmsd_angle.auth_comp_id_1 
_pdbx_validate_rmsd_angle.auth_seq_id_1 
_pdbx_validate_rmsd_angle.PDB_ins_code_1 
_pdbx_validate_rmsd_angle.label_alt_id_1 
_pdbx_validate_rmsd_angle.auth_atom_id_2 
_pdbx_validate_rmsd_angle.auth_asym_id_2 
_pdbx_validate_rmsd_angle.auth_comp_id_2 
_pdbx_validate_rmsd_angle.auth_seq_id_2 
_pdbx_validate_rmsd_angle.PDB_ins_code_2 
_pdbx_validate_rmsd_angle.label_alt_id_2 
_pdbx_validate_rmsd_angle.auth_atom_id_3 
_pdbx_validate_rmsd_angle.auth_asym_id_3 
_pdbx_validate_rmsd_angle.auth_comp_id_3 
_pdbx_validate_rmsd_angle.auth_seq_id_3 
_pdbx_validate_rmsd_angle.PDB_ins_code_3 
_pdbx_validate_rmsd_angle.label_alt_id_3 
_pdbx_validate_rmsd_angle.angle_value 
_pdbx_validate_rmsd_angle.angle_target_value 
_pdbx_validate_rmsd_angle.angle_deviation 
_pdbx_validate_rmsd_angle.angle_standard_deviation 
_pdbx_validate_rmsd_angle.linker_flag 
1 1 "C4'" A C 2  ? ? "C3'" A C 2  ? ? "C2'" A C 2  ? ? 108.63 102.60 6.03 1.00 N 
2 1 "O4'" A C 2  ? ? "C1'" A C 2  ? ? N1    A C 2  ? ? 113.59 108.50 5.09 0.70 N 
3 1 N9    D A 38 ? ? "C1'" D A 38 ? ? "C2'" D A 38 ? ? 122.26 114.00 8.26 1.30 N 
# 
loop_
_chem_comp_atom.comp_id 
_chem_comp_atom.atom_id 
_chem_comp_atom.type_symbol 
_chem_comp_atom.pdbx_aromatic_flag 
_chem_comp_atom.pdbx_stereo_config 
_chem_comp_atom.pdbx_ordinal 
A   OP3    O  N N 1   
A   P      P  N N 2   
A   OP1    O  N N 3   
A   OP2    O  N N 4   
A   "O5'"  O  N N 5   
A   "C5'"  C  N N 6   
A   "C4'"  C  N R 7   
A   "O4'"  O  N N 8   
A   "C3'"  C  N S 9   
A   "O3'"  O  N N 10  
A   "C2'"  C  N R 11  
A   "O2'"  O  N N 12  
A   "C1'"  C  N R 13  
A   N9     N  Y N 14  
A   C8     C  Y N 15  
A   N7     N  Y N 16  
A   C5     C  Y N 17  
A   C6     C  Y N 18  
A   N6     N  N N 19  
A   N1     N  Y N 20  
A   C2     C  Y N 21  
A   N3     N  Y N 22  
A   C4     C  Y N 23  
A   HOP3   H  N N 24  
A   HOP2   H  N N 25  
A   "H5'"  H  N N 26  
A   "H5''" H  N N 27  
A   "H4'"  H  N N 28  
A   "H3'"  H  N N 29  
A   "HO3'" H  N N 30  
A   "H2'"  H  N N 31  
A   "HO2'" H  N N 32  
A   "H1'"  H  N N 33  
A   H8     H  N N 34  
A   H61    H  N N 35  
A   H62    H  N N 36  
A   H2     H  N N 37  
A2M P      P  N N 38  
A2M OP1    O  N N 39  
A2M OP3    O  N N 40  
A2M "O5'"  O  N N 41  
A2M "C5'"  C  N N 42  
A2M "C4'"  C  N R 43  
A2M "O4'"  O  N N 44  
A2M "C3'"  C  N R 45  
A2M "O3'"  O  N N 46  
A2M "C2'"  C  N R 47  
A2M "O2'"  O  N N 48  
A2M "C1'"  C  N R 49  
A2M "CM'"  C  N N 50  
A2M N9     N  Y N 51  
A2M C8     C  Y N 52  
A2M N7     N  Y N 53  
A2M C5     C  Y N 54  
A2M C6     C  Y N 55  
A2M N6     N  N N 56  
A2M N1     N  Y N 57  
A2M C2     C  Y N 58  
A2M N3     N  Y N 59  
A2M C4     C  Y N 60  
A2M HOP3   H  N N 61  
A2M "H5'"  H  N N 62  
A2M "H5''" H  N N 63  
A2M "H4'"  H  N N 64  
A2M "H3'"  H  N N 65  
A2M "HO3'" H  N N 66  
A2M "H2'"  H  N N 67  
A2M "H1'"  H  N N 68  
A2M "HM'1" H  N N 69  
A2M "HM'2" H  N N 70  
A2M "HM'3" H  N N 71  
A2M H8     H  N N 72  
A2M H61    H  N N 73  
A2M H62    H  N N 74  
A2M H2     H  N N 75  
A2M OP2    O  N N 76  
A2M HOP2   H  N N 77  
C   OP3    O  N N 78  
C   P      P  N N 79  
C   OP1    O  N N 80  
C   OP2    O  N N 81  
C   "O5'"  O  N N 82  
C   "C5'"  C  N N 83  
C   "C4'"  C  N R 84  
C   "O4'"  O  N N 85  
C   "C3'"  C  N S 86  
C   "O3'"  O  N N 87  
C   "C2'"  C  N R 88  
C   "O2'"  O  N N 89  
C   "C1'"  C  N R 90  
C   N1     N  N N 91  
C   C2     C  N N 92  
C   O2     O  N N 93  
C   N3     N  N N 94  
C   C4     C  N N 95  
C   N4     N  N N 96  
C   C5     C  N N 97  
C   C6     C  N N 98  
C   HOP3   H  N N 99  
C   HOP2   H  N N 100 
C   "H5'"  H  N N 101 
C   "H5''" H  N N 102 
C   "H4'"  H  N N 103 
C   "H3'"  H  N N 104 
C   "HO3'" H  N N 105 
C   "H2'"  H  N N 106 
C   "HO2'" H  N N 107 
C   "H1'"  H  N N 108 
C   H41    H  N N 109 
C   H42    H  N N 110 
C   H5     H  N N 111 
C   H6     H  N N 112 
G   OP3    O  N N 113 
G   P      P  N N 114 
G   OP1    O  N N 115 
G   OP2    O  N N 116 
G   "O5'"  O  N N 117 
G   "C5'"  C  N N 118 
G   "C4'"  C  N R 119 
G   "O4'"  O  N N 120 
G   "C3'"  C  N S 121 
G   "O3'"  O  N N 122 
G   "C2'"  C  N R 123 
G   "O2'"  O  N N 124 
G   "C1'"  C  N R 125 
G   N9     N  Y N 126 
G   C8     C  Y N 127 
G   N7     N  Y N 128 
G   C5     C  Y N 129 
G   C6     C  N N 130 
G   O6     O  N N 131 
G   N1     N  N N 132 
G   C2     C  N N 133 
G   N2     N  N N 134 
G   N3     N  N N 135 
G   C4     C  Y N 136 
G   HOP3   H  N N 137 
G   HOP2   H  N N 138 
G   "H5'"  H  N N 139 
G   "H5''" H  N N 140 
G   "H4'"  H  N N 141 
G   "H3'"  H  N N 142 
G   "HO3'" H  N N 143 
G   "H2'"  H  N N 144 
G   "HO2'" H  N N 145 
G   "H1'"  H  N N 146 
G   H8     H  N N 147 
G   H1     H  N N 148 
G   H21    H  N N 149 
G   H22    H  N N 150 
HOH O      O  N N 151 
HOH H1     H  N N 152 
HOH H2     H  N N 153 
I   OP3    O  N N 154 
I   P      P  N N 155 
I   OP1    O  N N 156 
I   OP2    O  N N 157 
I   "O5'"  O  N N 158 
I   "C5'"  C  N N 159 
I   "C4'"  C  N R 160 
I   "O4'"  O  N N 161 
I   "C3'"  C  N S 162 
I   "O3'"  O  N N 163 
I   "C2'"  C  N R 164 
I   "O2'"  O  N N 165 
I   "C1'"  C  N R 166 
I   N9     N  Y N 167 
I   C8     C  Y N 168 
I   N7     N  Y N 169 
I   C5     C  Y N 170 
I   C6     C  N N 171 
I   O6     O  N N 172 
I   N1     N  N N 173 
I   C2     C  N N 174 
I   N3     N  N N 175 
I   C4     C  Y N 176 
I   HOP3   H  N N 177 
I   HOP2   H  N N 178 
I   "H5'"  H  N N 179 
I   "H5''" H  N N 180 
I   "H4'"  H  N N 181 
I   "H3'"  H  N N 182 
I   "HO3'" H  N N 183 
I   "H2'"  H  N N 184 
I   "HO2'" H  N N 185 
I   "H1'"  H  N N 186 
I   H8     H  N N 187 
I   H1     H  N N 188 
I   H2     H  N N 189 
NCO CO     CO N N 190 
NCO N1     N  N N 191 
NCO N2     N  N N 192 
NCO N3     N  N N 193 
NCO N4     N  N N 194 
NCO N5     N  N N 195 
NCO N6     N  N N 196 
NCO HN11   H  N N 197 
NCO HN12   H  N N 198 
NCO HN13   H  N N 199 
NCO HN21   H  N N 200 
NCO HN22   H  N N 201 
NCO HN23   H  N N 202 
NCO HN31   H  N N 203 
NCO HN32   H  N N 204 
NCO HN33   H  N N 205 
NCO HN41   H  N N 206 
NCO HN42   H  N N 207 
NCO HN43   H  N N 208 
NCO HN51   H  N N 209 
NCO HN52   H  N N 210 
NCO HN53   H  N N 211 
NCO HN61   H  N N 212 
NCO HN62   H  N N 213 
NCO HN63   H  N N 214 
SO4 S      S  N N 215 
SO4 O1     O  N N 216 
SO4 O2     O  N N 217 
SO4 O3     O  N N 218 
SO4 O4     O  N N 219 
U   OP3    O  N N 220 
U   P      P  N N 221 
U   OP1    O  N N 222 
U   OP2    O  N N 223 
U   "O5'"  O  N N 224 
U   "C5'"  C  N N 225 
U   "C4'"  C  N R 226 
U   "O4'"  O  N N 227 
U   "C3'"  C  N S 228 
U   "O3'"  O  N N 229 
U   "C2'"  C  N R 230 
U   "O2'"  O  N N 231 
U   "C1'"  C  N R 232 
U   N1     N  N N 233 
U   C2     C  N N 234 
U   O2     O  N N 235 
U   N3     N  N N 236 
U   C4     C  N N 237 
U   O4     O  N N 238 
U   C5     C  N N 239 
U   C6     C  N N 240 
U   HOP3   H  N N 241 
U   HOP2   H  N N 242 
U   "H5'"  H  N N 243 
U   "H5''" H  N N 244 
U   "H4'"  H  N N 245 
U   "H3'"  H  N N 246 
U   "HO3'" H  N N 247 
U   "H2'"  H  N N 248 
U   "HO2'" H  N N 249 
U   "H1'"  H  N N 250 
U   H3     H  N N 251 
U   H5     H  N N 252 
U   H6     H  N N 253 
# 
loop_
_chem_comp_bond.comp_id 
_chem_comp_bond.atom_id_1 
_chem_comp_bond.atom_id_2 
_chem_comp_bond.value_order 
_chem_comp_bond.pdbx_aromatic_flag 
_chem_comp_bond.pdbx_stereo_config 
_chem_comp_bond.pdbx_ordinal 
A   OP3   P      sing N N 1   
A   OP3   HOP3   sing N N 2   
A   P     OP1    doub N N 3   
A   P     OP2    sing N N 4   
A   P     "O5'"  sing N N 5   
A   OP2   HOP2   sing N N 6   
A   "O5'" "C5'"  sing N N 7   
A   "C5'" "C4'"  sing N N 8   
A   "C5'" "H5'"  sing N N 9   
A   "C5'" "H5''" sing N N 10  
A   "C4'" "O4'"  sing N N 11  
A   "C4'" "C3'"  sing N N 12  
A   "C4'" "H4'"  sing N N 13  
A   "O4'" "C1'"  sing N N 14  
A   "C3'" "O3'"  sing N N 15  
A   "C3'" "C2'"  sing N N 16  
A   "C3'" "H3'"  sing N N 17  
A   "O3'" "HO3'" sing N N 18  
A   "C2'" "O2'"  sing N N 19  
A   "C2'" "C1'"  sing N N 20  
A   "C2'" "H2'"  sing N N 21  
A   "O2'" "HO2'" sing N N 22  
A   "C1'" N9     sing N N 23  
A   "C1'" "H1'"  sing N N 24  
A   N9    C8     sing Y N 25  
A   N9    C4     sing Y N 26  
A   C8    N7     doub Y N 27  
A   C8    H8     sing N N 28  
A   N7    C5     sing Y N 29  
A   C5    C6     sing Y N 30  
A   C5    C4     doub Y N 31  
A   C6    N6     sing N N 32  
A   C6    N1     doub Y N 33  
A   N6    H61    sing N N 34  
A   N6    H62    sing N N 35  
A   N1    C2     sing Y N 36  
A   C2    N3     doub Y N 37  
A   C2    H2     sing N N 38  
A   N3    C4     sing Y N 39  
A2M P     OP1    doub N N 40  
A2M P     OP3    sing N N 41  
A2M P     "O5'"  sing N N 42  
A2M OP3   HOP3   sing N N 43  
A2M "O5'" "C5'"  sing N N 44  
A2M "C5'" "C4'"  sing N N 45  
A2M "C5'" "H5'"  sing N N 46  
A2M "C5'" "H5''" sing N N 47  
A2M "C4'" "O4'"  sing N N 48  
A2M "C4'" "C3'"  sing N N 49  
A2M "C4'" "H4'"  sing N N 50  
A2M "O4'" "C1'"  sing N N 51  
A2M "C3'" "O3'"  sing N N 52  
A2M "C3'" "C2'"  sing N N 53  
A2M "C3'" "H3'"  sing N N 54  
A2M "O3'" "HO3'" sing N N 55  
A2M "C2'" "O2'"  sing N N 56  
A2M "C2'" "C1'"  sing N N 57  
A2M "C2'" "H2'"  sing N N 58  
A2M "O2'" "CM'"  sing N N 59  
A2M "C1'" N9     sing N N 60  
A2M "C1'" "H1'"  sing N N 61  
A2M "CM'" "HM'1" sing N N 62  
A2M "CM'" "HM'2" sing N N 63  
A2M "CM'" "HM'3" sing N N 64  
A2M N9    C8     sing Y N 65  
A2M N9    C4     sing Y N 66  
A2M C8    N7     doub Y N 67  
A2M C8    H8     sing N N 68  
A2M N7    C5     sing Y N 69  
A2M C5    C6     sing Y N 70  
A2M C5    C4     doub Y N 71  
A2M C6    N6     sing N N 72  
A2M C6    N1     doub Y N 73  
A2M N6    H61    sing N N 74  
A2M N6    H62    sing N N 75  
A2M N1    C2     sing Y N 76  
A2M C2    N3     doub Y N 77  
A2M C2    H2     sing N N 78  
A2M N3    C4     sing Y N 79  
A2M P     OP2    sing N N 80  
A2M OP2   HOP2   sing N N 81  
C   OP3   P      sing N N 82  
C   OP3   HOP3   sing N N 83  
C   P     OP1    doub N N 84  
C   P     OP2    sing N N 85  
C   P     "O5'"  sing N N 86  
C   OP2   HOP2   sing N N 87  
C   "O5'" "C5'"  sing N N 88  
C   "C5'" "C4'"  sing N N 89  
C   "C5'" "H5'"  sing N N 90  
C   "C5'" "H5''" sing N N 91  
C   "C4'" "O4'"  sing N N 92  
C   "C4'" "C3'"  sing N N 93  
C   "C4'" "H4'"  sing N N 94  
C   "O4'" "C1'"  sing N N 95  
C   "C3'" "O3'"  sing N N 96  
C   "C3'" "C2'"  sing N N 97  
C   "C3'" "H3'"  sing N N 98  
C   "O3'" "HO3'" sing N N 99  
C   "C2'" "O2'"  sing N N 100 
C   "C2'" "C1'"  sing N N 101 
C   "C2'" "H2'"  sing N N 102 
C   "O2'" "HO2'" sing N N 103 
C   "C1'" N1     sing N N 104 
C   "C1'" "H1'"  sing N N 105 
C   N1    C2     sing N N 106 
C   N1    C6     sing N N 107 
C   C2    O2     doub N N 108 
C   C2    N3     sing N N 109 
C   N3    C4     doub N N 110 
C   C4    N4     sing N N 111 
C   C4    C5     sing N N 112 
C   N4    H41    sing N N 113 
C   N4    H42    sing N N 114 
C   C5    C6     doub N N 115 
C   C5    H5     sing N N 116 
C   C6    H6     sing N N 117 
G   OP3   P      sing N N 118 
G   OP3   HOP3   sing N N 119 
G   P     OP1    doub N N 120 
G   P     OP2    sing N N 121 
G   P     "O5'"  sing N N 122 
G   OP2   HOP2   sing N N 123 
G   "O5'" "C5'"  sing N N 124 
G   "C5'" "C4'"  sing N N 125 
G   "C5'" "H5'"  sing N N 126 
G   "C5'" "H5''" sing N N 127 
G   "C4'" "O4'"  sing N N 128 
G   "C4'" "C3'"  sing N N 129 
G   "C4'" "H4'"  sing N N 130 
G   "O4'" "C1'"  sing N N 131 
G   "C3'" "O3'"  sing N N 132 
G   "C3'" "C2'"  sing N N 133 
G   "C3'" "H3'"  sing N N 134 
G   "O3'" "HO3'" sing N N 135 
G   "C2'" "O2'"  sing N N 136 
G   "C2'" "C1'"  sing N N 137 
G   "C2'" "H2'"  sing N N 138 
G   "O2'" "HO2'" sing N N 139 
G   "C1'" N9     sing N N 140 
G   "C1'" "H1'"  sing N N 141 
G   N9    C8     sing Y N 142 
G   N9    C4     sing Y N 143 
G   C8    N7     doub Y N 144 
G   C8    H8     sing N N 145 
G   N7    C5     sing Y N 146 
G   C5    C6     sing N N 147 
G   C5    C4     doub Y N 148 
G   C6    O6     doub N N 149 
G   C6    N1     sing N N 150 
G   N1    C2     sing N N 151 
G   N1    H1     sing N N 152 
G   C2    N2     sing N N 153 
G   C2    N3     doub N N 154 
G   N2    H21    sing N N 155 
G   N2    H22    sing N N 156 
G   N3    C4     sing N N 157 
HOH O     H1     sing N N 158 
HOH O     H2     sing N N 159 
I   OP3   P      sing N N 160 
I   OP3   HOP3   sing N N 161 
I   P     OP1    doub N N 162 
I   P     OP2    sing N N 163 
I   P     "O5'"  sing N N 164 
I   OP2   HOP2   sing N N 165 
I   "O5'" "C5'"  sing N N 166 
I   "C5'" "C4'"  sing N N 167 
I   "C5'" "H5'"  sing N N 168 
I   "C5'" "H5''" sing N N 169 
I   "C4'" "O4'"  sing N N 170 
I   "C4'" "C3'"  sing N N 171 
I   "C4'" "H4'"  sing N N 172 
I   "O4'" "C1'"  sing N N 173 
I   "C3'" "O3'"  sing N N 174 
I   "C3'" "C2'"  sing N N 175 
I   "C3'" "H3'"  sing N N 176 
I   "O3'" "HO3'" sing N N 177 
I   "C2'" "O2'"  sing N N 178 
I   "C2'" "C1'"  sing N N 179 
I   "C2'" "H2'"  sing N N 180 
I   "O2'" "HO2'" sing N N 181 
I   "C1'" N9     sing N N 182 
I   "C1'" "H1'"  sing N N 183 
I   N9    C8     sing Y N 184 
I   N9    C4     sing Y N 185 
I   C8    N7     doub Y N 186 
I   C8    H8     sing N N 187 
I   N7    C5     sing Y N 188 
I   C5    C6     sing N N 189 
I   C5    C4     doub Y N 190 
I   C6    O6     doub N N 191 
I   C6    N1     sing N N 192 
I   N1    C2     sing N N 193 
I   N1    H1     sing N N 194 
I   C2    N3     doub N N 195 
I   C2    H2     sing N N 196 
I   N3    C4     sing N N 197 
NCO CO    N1     sing N N 198 
NCO CO    N2     sing N N 199 
NCO CO    N3     sing N N 200 
NCO CO    N4     sing N N 201 
NCO CO    N5     sing N N 202 
NCO CO    N6     sing N N 203 
NCO N1    HN11   sing N N 204 
NCO N1    HN12   sing N N 205 
NCO N1    HN13   sing N N 206 
NCO N2    HN21   sing N N 207 
NCO N2    HN22   sing N N 208 
NCO N2    HN23   sing N N 209 
NCO N3    HN31   sing N N 210 
NCO N3    HN32   sing N N 211 
NCO N3    HN33   sing N N 212 
NCO N4    HN41   sing N N 213 
NCO N4    HN42   sing N N 214 
NCO N4    HN43   sing N N 215 
NCO N5    HN51   sing N N 216 
NCO N5    HN52   sing N N 217 
NCO N5    HN53   sing N N 218 
NCO N6    HN61   sing N N 219 
NCO N6    HN62   sing N N 220 
NCO N6    HN63   sing N N 221 
SO4 S     O1     doub N N 222 
SO4 S     O2     doub N N 223 
SO4 S     O3     sing N N 224 
SO4 S     O4     sing N N 225 
U   OP3   P      sing N N 226 
U   OP3   HOP3   sing N N 227 
U   P     OP1    doub N N 228 
U   P     OP2    sing N N 229 
U   P     "O5'"  sing N N 230 
U   OP2   HOP2   sing N N 231 
U   "O5'" "C5'"  sing N N 232 
U   "C5'" "C4'"  sing N N 233 
U   "C5'" "H5'"  sing N N 234 
U   "C5'" "H5''" sing N N 235 
U   "C4'" "O4'"  sing N N 236 
U   "C4'" "C3'"  sing N N 237 
U   "C4'" "H4'"  sing N N 238 
U   "O4'" "C1'"  sing N N 239 
U   "C3'" "O3'"  sing N N 240 
U   "C3'" "C2'"  sing N N 241 
U   "C3'" "H3'"  sing N N 242 
U   "O3'" "HO3'" sing N N 243 
U   "C2'" "O2'"  sing N N 244 
U   "C2'" "C1'"  sing N N 245 
U   "C2'" "H2'"  sing N N 246 
U   "O2'" "HO2'" sing N N 247 
U   "C1'" N1     sing N N 248 
U   "C1'" "H1'"  sing N N 249 
U   N1    C2     sing N N 250 
U   N1    C6     sing N N 251 
U   C2    O2     doub N N 252 
U   C2    N3     sing N N 253 
U   N3    C4     sing N N 254 
U   N3    H3     sing N N 255 
U   C4    O4     doub N N 256 
U   C4    C5     sing N N 257 
U   C5    C6     doub N N 258 
U   C5    H5     sing N N 259 
U   C6    H6     sing N N 260 
# 
loop_
_ndb_struct_conf_na.entry_id 
_ndb_struct_conf_na.feature 
1ZFT 'double helix'         
1ZFT 'a-form double helix'  
1ZFT 'bulge loop'           
1ZFT 'mismatched base pair' 
1ZFT 'internal loop'        
# 
loop_
_ndb_struct_na_base_pair.model_number 
_ndb_struct_na_base_pair.i_label_asym_id 
_ndb_struct_na_base_pair.i_label_comp_id 
_ndb_struct_na_base_pair.i_label_seq_id 
_ndb_struct_na_base_pair.i_symmetry 
_ndb_struct_na_base_pair.j_label_asym_id 
_ndb_struct_na_base_pair.j_label_comp_id 
_ndb_struct_na_base_pair.j_label_seq_id 
_ndb_struct_na_base_pair.j_symmetry 
_ndb_struct_na_base_pair.shear 
_ndb_struct_na_base_pair.stretch 
_ndb_struct_na_base_pair.stagger 
_ndb_struct_na_base_pair.buckle 
_ndb_struct_na_base_pair.propeller 
_ndb_struct_na_base_pair.opening 
_ndb_struct_na_base_pair.pair_number 
_ndb_struct_na_base_pair.pair_name 
_ndb_struct_na_base_pair.i_auth_asym_id 
_ndb_struct_na_base_pair.i_auth_seq_id 
_ndb_struct_na_base_pair.i_PDB_ins_code 
_ndb_struct_na_base_pair.j_auth_asym_id 
_ndb_struct_na_base_pair.j_auth_seq_id 
_ndb_struct_na_base_pair.j_PDB_ins_code 
_ndb_struct_na_base_pair.hbond_type_28 
_ndb_struct_na_base_pair.hbond_type_12 
1 A C   2  1_555 B G 12 1_555 0.370  -0.125 -0.218 3.612   -14.503 2.730    1  A_C2:G13_B  A 2  ? B 13 ? 19 1  
1 A C   3  1_555 B G 11 1_555 0.156  -0.191 -0.112 -2.779  -4.384  1.839    2  A_C3:G12_B  A 3  ? B 12 ? 19 1  
1 A C   4  1_555 B G 10 1_555 0.464  -0.115 0.118  0.704   3.870   5.642    3  A_C4:G11_B  A 4  ? B 11 ? 19 1  
1 A A2M 5  1_555 B A 8  1_555 6.588  -3.671 -0.255 15.127  5.000   -31.385  4  A_A2M5:A9_B A 5  ? B 9  ? ?  10 
1 A C   8  1_555 B A 6  1_555 -2.064 0.443  -0.872 20.729  -17.406 5.322    5  A_C8:A7_B   A 8  ? B 7  ? ?  ?  
1 A C   9  1_555 B G 5  1_555 -0.379 0.070  0.134  2.239   -9.996  5.624    6  A_C9:G6_B   A 9  ? B 6  ? 19 1  
1 A A   10 1_555 B U 4  1_555 -0.134 -0.138 0.298  2.373   -11.694 4.939    7  A_A10:U5_B  A 10 ? B 5  ? 20 1  
1 A C   11 1_555 B G 3  1_555 0.494  0.020  0.334  2.986   -11.612 9.258    8  A_C11:G4_B  A 11 ? B 4  ? 19 1  
1 A C   12 1_555 B G 2  1_555 0.625  -0.139 0.183  2.687   -15.102 7.577    9  A_C12:G3_B  A 12 ? B 3  ? 19 1  
1 A G   13 1_555 B C 1  1_555 0.142  -0.034 0.108  -1.501  -7.249  5.274    10 A_G13:C2_B  A 13 ? B 2  ? 19 1  
1 C G   1  1_555 D C 19 1_555 -0.231 -0.150 0.723  5.598   -7.027  -2.433   11 C_G15:C49_D C 15 ? D 49 ? 19 1  
1 C G   2  1_555 D C 18 1_555 -0.536 -0.205 0.581  12.304  -12.218 0.752    12 C_G16:C48_D C 16 ? D 48 ? 19 1  
1 C C   3  1_555 D G 17 1_555 -0.053 0.003  -0.119 7.298   -13.710 2.816    13 C_C17:G47_D C 17 ? D 47 ? 19 1  
1 C A   4  1_555 D U 16 1_555 -0.045 -0.092 0.017  0.148   -9.051  6.759    14 C_A18:U46_D C 18 ? D 46 ? 20 1  
1 C G   5  1_555 D C 15 1_555 -0.604 -0.188 -0.457 -8.084  -7.442  5.127    15 C_G19:C45_D C 19 ? D 45 ? 19 1  
1 C A   6  1_555 D C 14 1_555 1.946  0.403  -0.579 -14.075 -4.923  16.059   16 C_A20:C44_D C 20 ? D 44 ? ?  1  
1 C G   7  1_555 D A 13 1_555 7.074  -4.734 -0.212 -5.821  2.803   -7.784   17 C_G21:A43_D C 21 ? D 43 ? ?  10 
1 C A   8  1_555 D U 11 1_555 -4.264 -1.880 -0.255 -2.611  -8.928  -99.780  18 C_A22:U41_D C 22 ? D 41 ? 24 4  
1 C A   9  1_555 D A 10 1_555 -4.304 0.981  -0.436 2.471   -21.758 -98.654  19 C_A23:A40_D C 23 ? D 40 ? 5  4  
1 C A   10 1_555 D A 8  1_555 5.361  3.304  -0.766 -1.398  -17.837 -155.455 20 C_A24:A38_D C 24 ? D 38 ? ?  ?  
1 C C   11 1_555 A G 6  1_555 0.129  -0.171 0.091  20.113  -13.269 -1.011   21 C_C25:G6_A  C 25 ? A 6  ? 19 1  
1 C A   12 1_555 D G 6  1_555 0.135  1.337  -0.442 -12.032 -16.102 -19.054  22 C_A26:G36_D C 26 ? D 36 ? 8  ?  
1 C C   13 1_555 D G 5  1_555 0.025  -0.146 0.141  5.969   -22.499 0.494    23 C_C27:G35_D C 27 ? D 35 ? 19 1  
1 C A   14 1_555 D U 4  1_555 -0.307 -0.085 0.502  6.276   -18.845 4.517    24 C_A28:U34_D C 28 ? D 34 ? 20 1  
1 C C   15 1_555 D G 3  1_555 0.093  -0.054 0.088  5.929   -17.243 3.970    25 C_C29:G33_D C 29 ? D 33 ? 19 1  
1 C G   16 1_555 D C 2  1_555 -0.283 -0.155 0.236  -5.973  -14.894 -2.353   26 C_G30:C32_D C 30 ? D 32 ? 19 1  
1 C A   17 1_555 D U 1  1_555 0.368  -0.125 0.348  0.114   -7.224  2.994    27 C_A31:U31_D C 31 ? D 31 ? 20 1  
# 
loop_
_ndb_struct_na_base_pair_step.model_number 
_ndb_struct_na_base_pair_step.i_label_asym_id_1 
_ndb_struct_na_base_pair_step.i_label_comp_id_1 
_ndb_struct_na_base_pair_step.i_label_seq_id_1 
_ndb_struct_na_base_pair_step.i_symmetry_1 
_ndb_struct_na_base_pair_step.j_label_asym_id_1 
_ndb_struct_na_base_pair_step.j_label_comp_id_1 
_ndb_struct_na_base_pair_step.j_label_seq_id_1 
_ndb_struct_na_base_pair_step.j_symmetry_1 
_ndb_struct_na_base_pair_step.i_label_asym_id_2 
_ndb_struct_na_base_pair_step.i_label_comp_id_2 
_ndb_struct_na_base_pair_step.i_label_seq_id_2 
_ndb_struct_na_base_pair_step.i_symmetry_2 
_ndb_struct_na_base_pair_step.j_label_asym_id_2 
_ndb_struct_na_base_pair_step.j_label_comp_id_2 
_ndb_struct_na_base_pair_step.j_label_seq_id_2 
_ndb_struct_na_base_pair_step.j_symmetry_2 
_ndb_struct_na_base_pair_step.shift 
_ndb_struct_na_base_pair_step.slide 
_ndb_struct_na_base_pair_step.rise 
_ndb_struct_na_base_pair_step.tilt 
_ndb_struct_na_base_pair_step.roll 
_ndb_struct_na_base_pair_step.twist 
_ndb_struct_na_base_pair_step.x_displacement 
_ndb_struct_na_base_pair_step.y_displacement 
_ndb_struct_na_base_pair_step.helical_rise 
_ndb_struct_na_base_pair_step.inclination 
_ndb_struct_na_base_pair_step.tip 
_ndb_struct_na_base_pair_step.helical_twist 
_ndb_struct_na_base_pair_step.step_number 
_ndb_struct_na_base_pair_step.step_name 
_ndb_struct_na_base_pair_step.i_auth_asym_id_1 
_ndb_struct_na_base_pair_step.i_auth_seq_id_1 
_ndb_struct_na_base_pair_step.i_PDB_ins_code_1 
_ndb_struct_na_base_pair_step.j_auth_asym_id_1 
_ndb_struct_na_base_pair_step.j_auth_seq_id_1 
_ndb_struct_na_base_pair_step.j_PDB_ins_code_1 
_ndb_struct_na_base_pair_step.i_auth_asym_id_2 
_ndb_struct_na_base_pair_step.i_auth_seq_id_2 
_ndb_struct_na_base_pair_step.i_PDB_ins_code_2 
_ndb_struct_na_base_pair_step.j_auth_asym_id_2 
_ndb_struct_na_base_pair_step.j_auth_seq_id_2 
_ndb_struct_na_base_pair_step.j_PDB_ins_code_2 
1 A C   2  1_555 B G 12 1_555 A C   3  1_555 B G 11 1_555 -0.591 -1.998 3.404 -0.654  9.946  30.787  -5.262 0.953  2.658 18.147 
1.192   32.323  1  AA_C2C3:G12G13_BB   A 2  ? B 13 ? A 3  ? B 12 ? 
1 A C   3  1_555 B G 11 1_555 A C   4  1_555 B G 10 1_555 0.650  -1.670 3.299 0.022   8.964  27.813  -5.129 -1.285 2.644 18.063 
-0.045  29.195  2  AA_C3C4:G11G12_BB   A 3  ? B 12 ? A 4  ? B 11 ? 
1 A C   4  1_555 B G 10 1_555 A A2M 5  1_555 B A 8  1_555 -0.377 -0.718 5.212 -1.920  27.381 69.169  -1.976 0.217  4.704 23.223 
1.629   73.781  3  AA_C4A2M5:A9G11_BB  A 4  ? B 11 ? A 5  ? B 9  ? 
1 A A2M 5  1_555 B A 8  1_555 A C   8  1_555 B A 6  1_555 -0.418 -0.182 6.418 4.289   6.815  66.842  -0.681 0.703  6.342 6.164  
-3.879  67.269  4  AA_A2M5C8:A7A9_BB   A 5  ? B 9  ? A 8  ? B 7  ? 
1 A C   8  1_555 B A 6  1_555 A C   9  1_555 B G 5  1_555 0.128  -1.608 3.838 -9.086  12.327 35.423  -4.114 -1.429 3.014 19.191 
14.146  38.493  5  AA_C8C9:G6A7_BB     A 8  ? B 7  ? A 9  ? B 6  ? 
1 A C   9  1_555 B G 5  1_555 A A   10 1_555 B U 4  1_555 -0.138 -1.563 3.074 -1.086  7.241  33.899  -3.617 0.083  2.696 12.241 
1.836   34.658  6  AA_C9A10:U5G6_BB    A 9  ? B 6  ? A 10 ? B 5  ? 
1 A A   10 1_555 B U 4  1_555 A C   11 1_555 B G 3  1_555 0.089  -1.403 3.223 -0.339  5.015  33.346  -3.197 -0.206 2.986 8.678  
0.587   33.712  7  AA_A10C11:G4U5_BB   A 10 ? B 5  ? A 11 ? B 4  ? 
1 A C   11 1_555 B G 3  1_555 A C   12 1_555 B G 2  1_555 -0.112 -2.020 3.051 3.007   7.192  30.807  -4.831 0.682  2.506 13.272 
-5.550  31.754  8  AA_C11C12:G3G4_BB   A 11 ? B 4  ? A 12 ? B 3  ? 
1 A C   12 1_555 B G 2  1_555 A G   13 1_555 B C 1  1_555 0.034  -1.941 3.139 1.199   11.008 28.605  -5.530 0.139  2.254 21.298 
-2.319  30.632  9  AA_C12G13:C2G3_BB   A 12 ? B 3  ? A 13 ? B 2  ? 
1 C G   1  1_555 D C 19 1_555 C G   2  1_555 D C 18 1_555 -0.507 -1.162 3.021 -1.815  5.031  32.464  -2.827 0.615  2.838 8.923  
3.220   32.890  10 CC_G15G16:C48C49_DD C 15 ? D 49 ? C 16 ? D 48 ? 
1 C G   2  1_555 D C 18 1_555 C C   3  1_555 D G 17 1_555 0.306  -1.310 3.344 4.917   8.136  36.184  -3.102 0.163  3.004 12.828 
-7.754  37.372  11 CC_G16C17:G47C48_DD C 16 ? D 48 ? C 17 ? D 47 ? 
1 C C   3  1_555 D G 17 1_555 C A   4  1_555 D U 16 1_555 0.437  -1.702 3.232 -1.874  13.547 31.309  -4.803 -1.009 2.292 23.734 
3.284   34.097  12 CC_C17A18:U46G47_DD C 17 ? D 47 ? C 18 ? D 46 ? 
1 C A   4  1_555 D U 16 1_555 C G   5  1_555 D C 15 1_555 0.120  -2.023 3.513 1.166   7.398  28.189  -5.631 0.016  2.902 14.859 
-2.343  29.147  13 CC_A18G19:C45U46_DD C 18 ? D 46 ? C 19 ? D 45 ? 
1 C G   5  1_555 D C 15 1_555 C A   6  1_555 D C 14 1_555 0.875  -1.410 3.514 2.871   7.765  37.800  -3.125 -0.953 3.228 11.812 
-4.368  38.664  14 CC_G19A20:C44C45_DD C 19 ? D 45 ? C 20 ? D 44 ? 
1 C A   6  1_555 D C 14 1_555 C G   7  1_555 D A 13 1_555 -0.511 -0.857 3.172 4.970   5.987  61.362  -1.100 0.718  3.040 5.841  
-4.849  61.806  15 CC_A20G21:A43C44_DD C 20 ? D 44 ? C 21 ? D 43 ? 
1 C G   7  1_555 D A 13 1_555 C A   8  1_555 D U 11 1_555 -2.304 -0.413 3.433 3.981   1.354  10.648  -3.839 16.760 2.347 6.949  
-20.436 11.445  16 CC_G21A22:U41A43_DD C 21 ? D 43 ? C 22 ? D 41 ? 
1 C A   8  1_555 D U 11 1_555 C A   9  1_555 D A 10 1_555 -0.121 -2.283 3.424 -10.029 3.230  44.257  -3.250 -0.756 3.211 4.217  
13.092  45.433  17 CC_A22A23:A40U41_DD C 22 ? D 41 ? C 23 ? D 40 ? 
1 C A   9  1_555 D A 10 1_555 C A   10 1_555 D A 8  1_555 -3.351 -3.302 3.732 -4.979  1.928  76.392  -2.730 2.537  3.840 1.557  
4.021   76.550  18 CC_A23A24:A38A40_DD C 23 ? D 40 ? C 24 ? D 38 ? 
1 C A   10 1_555 D A 8  1_555 C C   11 1_555 A G 6  1_555 2.552  -0.338 2.847 -0.105  4.805  -30.939 -0.171 4.713  2.874 -8.939 
-0.195  -31.301 19 CC_A24C25:G6A38_AD  C 24 ? D 38 ? C 25 ? A 6  ? 
1 C C   11 1_555 A G 6  1_555 C A   12 1_555 D G 6  1_555 0.204  -1.966 3.916 6.062   4.573  48.168  -2.793 0.297  3.724 5.563  
-7.374  48.727  20 CC_C25A26:G36G6_DA  C 25 ? A 6  ? C 26 ? D 36 ? 
1 C A   12 1_555 D G 6  1_555 C C   13 1_555 D G 5  1_555 1.102  -0.757 2.871 -5.218  4.502  27.506  -2.408 -3.251 2.471 9.284  
10.761  28.340  21 CC_A26C27:G35G36_DD C 26 ? D 36 ? C 27 ? D 35 ? 
1 C C   13 1_555 D G 5  1_555 C A   14 1_555 D U 4  1_555 0.469  -1.198 3.111 -2.000  9.276  33.446  -3.285 -1.062 2.663 15.729 
3.392   34.729  22 CC_C27A28:U34G35_DD C 27 ? D 35 ? C 28 ? D 34 ? 
1 C A   14 1_555 D U 4  1_555 C C   15 1_555 D G 3  1_555 0.230  -1.075 3.279 3.742   0.137  34.514  -1.824 0.191  3.281 0.229  
-6.284  34.710  23 CC_A28C29:G33U34_DD C 28 ? D 34 ? C 29 ? D 33 ? 
1 C C   15 1_555 D G 3  1_555 C G   16 1_555 D C 2  1_555 0.008  -1.596 3.351 -0.183  11.409 32.925  -4.317 -0.040 2.667 19.418 
0.311   34.794  24 CC_C29G30:C32G33_DD C 29 ? D 33 ? C 30 ? D 32 ? 
1 C G   16 1_555 D C 2  1_555 C A   17 1_555 D U 1  1_555 0.725  -1.564 3.045 2.986   1.398  33.957  -2.873 -0.796 3.031 2.387  
-5.098  34.112  25 CC_G30A31:U31C32_DD C 30 ? D 32 ? C 31 ? D 31 ? 
# 
loop_
_pdbx_entity_nonpoly.entity_id 
_pdbx_entity_nonpoly.name 
_pdbx_entity_nonpoly.comp_id 
5 'SULFATE ION'           SO4 
6 'COBALT HEXAMMINE(III)' NCO 
7 water                   HOH 
# 
_pdbx_initial_refinement_model.id               1 
_pdbx_initial_refinement_model.entity_id_list   ? 
_pdbx_initial_refinement_model.type             'experimental model' 
_pdbx_initial_refinement_model.source_name      PDB 
_pdbx_initial_refinement_model.accession_code   1ZFR 
_pdbx_initial_refinement_model.details          'PDB ENTRY 1ZFR' 
# 
